data_8XJY
#
_entry.id   8XJY
#
_cell.length_a   1.00
_cell.length_b   1.00
_cell.length_c   1.00
_cell.angle_alpha   90.00
_cell.angle_beta   90.00
_cell.angle_gamma   90.00
#
_symmetry.space_group_name_H-M   'P 1'
#
loop_
_entity.id
_entity.type
_entity.pdbx_description
1 polymer 'Polyketide synthase'
2 polymer 'Polyketide synthase'
#
loop_
_entity_poly.entity_id
_entity_poly.type
_entity_poly.pdbx_seq_one_letter_code
_entity_poly.pdbx_strand_id
1 'polypeptide(L)'
;MAENDFGIAIIGMAGRFPQADTVQAFWENLLASRECISFYSDEELLAMGISPEFVQHPDYVKAKGEVADIDKFDAAFFGI
APREAELMDPQHRVLLETAWAAFEDAGYVAADYPGDVGIFAGKSMDSYLMLNLMPHFKRVFSSGSLQAAIGNDKDSITTT
IAYHLNLRGPAITVQTSSSTSLVAVCVACQSLLTWQCDMAIAGGVTLGPPAKTGYLSQEGGITAADGHCRAFSDNSSGFV
PGTGAGLVVLKRVDEALRDGDNIYAVIKGFAVNNDGSEKISYTAPSVDAQARAIAQAQRLAGLTPQDITYVEAHGTGTRL
GDPVEFSALSQAFAGASQKQYCALGSVKTNIGHLDTAAGVAGLIKTALAVQQGIIPATLHFERPNAQIDLTNSPFYINTT
CQPWQPESGIRRAGVTSLGMGGTNAHVVLEQAPAVDLQARAPVPAYSILPFSAKTDSALSSGLARFADFLQHESLPDRRD
LAWTLSQGRKAFAHRAALVTRDLHAAGTLLQQAATAPFARGVAQTQLGLGLLFSGQGSQYQRMGHQLYQVWPAYADAFDR
CATLLEREYQLDIRHELFRAEVSLAQGERLAQTCLTQPLLFSVEYALAQLWLSWGITPTVMIGHSLGEWVAATLAGVFSL
EDALRLVARRAELMHQAPSGAMLMVALPEAQIRALITAPLAIAAVNAPDYSVIAGPTSEILAVSQRLTEQNIINKRLHTS
HAFHSSMMQDAAQALRQAFENVRLNPPTLTIISTVTGAHVSADTLTTPDYWIEQMLMPVQFSAALQEAQATFDVDFLEIG
PGATLTQLTNGHALGDRLAFSSLPAGARSSDEHKHILDTVAALWVRGHNIDLSAFAGEQPRRVSLPTYAFDKIRYWVDSP
EEQRSAVTPVADAGSKLSSGLEVLFQGPSSGHHHHHHHHHH
;
A,B
2 'polypeptide(L)'
;VIPSEPSVRRQPRPAFSVPYAAPESKTQRGLVAICEALLGIDGLGIDDNFFEAGGHSLMLGMLLAQVQERFAVTLSFFDV
MEDASVRALAQLVEQEQQDDGGSALAVLVNDMINEKLSSGLEVLFQGPSSGHHHHHHHHHH
;
C,D
#
# COMPACT_ATOMS: atom_id res chain seq x y z
N GLY A 7 -11.88 -8.40 -12.96
CA GLY A 7 -12.03 -7.72 -11.68
C GLY A 7 -11.52 -8.55 -10.53
N ILE A 8 -11.84 -8.13 -9.30
CA ILE A 8 -11.41 -8.82 -8.09
C ILE A 8 -12.67 -9.19 -7.33
N ALA A 9 -12.96 -10.48 -7.22
CA ALA A 9 -14.17 -10.92 -6.54
C ALA A 9 -14.05 -10.78 -5.05
N ILE A 10 -15.13 -10.37 -4.39
CA ILE A 10 -15.21 -10.35 -2.93
C ILE A 10 -15.95 -11.61 -2.48
N ILE A 11 -15.26 -12.47 -1.72
CA ILE A 11 -15.75 -13.81 -1.44
C ILE A 11 -15.98 -14.04 0.04
N GLY A 12 -16.23 -12.99 0.81
CA GLY A 12 -16.54 -13.19 2.21
C GLY A 12 -16.20 -11.96 3.01
N MET A 13 -16.83 -11.85 4.18
CA MET A 13 -16.71 -10.64 4.96
C MET A 13 -17.06 -10.94 6.41
N ALA A 14 -16.57 -10.09 7.30
CA ALA A 14 -16.95 -10.16 8.70
C ALA A 14 -16.76 -8.79 9.34
N GLY A 15 -17.35 -8.63 10.51
CA GLY A 15 -17.12 -7.42 11.26
C GLY A 15 -17.99 -7.28 12.48
N ARG A 16 -17.38 -6.89 13.61
CA ARG A 16 -18.14 -6.64 14.83
C ARG A 16 -18.57 -5.18 14.79
N PHE A 17 -19.84 -4.94 14.57
CA PHE A 17 -20.43 -3.66 14.23
C PHE A 17 -21.18 -3.07 15.42
N PRO A 18 -21.61 -1.79 15.36
CA PRO A 18 -22.39 -1.26 16.48
C PRO A 18 -23.76 -1.92 16.61
N GLN A 19 -24.05 -2.40 17.82
CA GLN A 19 -25.25 -3.16 18.17
C GLN A 19 -25.42 -4.37 17.25
N ALA A 20 -24.31 -5.03 16.95
CA ALA A 20 -24.28 -6.25 16.16
C ALA A 20 -23.00 -7.00 16.52
N ASP A 21 -22.98 -8.28 16.13
CA ASP A 21 -21.81 -9.12 16.32
C ASP A 21 -21.38 -9.83 15.05
N THR A 22 -22.23 -9.91 14.04
CA THR A 22 -21.90 -10.55 12.77
C THR A 22 -22.22 -9.58 11.64
N VAL A 23 -21.82 -9.97 10.43
CA VAL A 23 -22.24 -9.25 9.24
C VAL A 23 -23.75 -9.44 9.02
N GLN A 24 -24.31 -10.58 9.44
CA GLN A 24 -25.73 -10.80 9.23
C GLN A 24 -26.59 -10.13 10.28
N ALA A 25 -26.09 -9.95 11.49
CA ALA A 25 -26.84 -9.17 12.47
C ALA A 25 -26.64 -7.67 12.31
N PHE A 26 -25.85 -7.26 11.32
CA PHE A 26 -25.78 -5.89 10.82
C PHE A 26 -26.67 -5.72 9.59
N TRP A 27 -26.74 -6.74 8.74
CA TRP A 27 -27.62 -6.67 7.58
C TRP A 27 -29.09 -6.82 7.97
N GLU A 28 -29.39 -7.54 9.05
CA GLU A 28 -30.77 -7.58 9.51
C GLU A 28 -31.20 -6.25 10.12
N ASN A 29 -30.25 -5.46 10.64
CA ASN A 29 -30.57 -4.12 11.09
C ASN A 29 -30.69 -3.15 9.93
N LEU A 30 -29.95 -3.38 8.85
CA LEU A 30 -30.13 -2.56 7.66
C LEU A 30 -31.37 -2.92 6.87
N LEU A 31 -31.94 -4.10 7.07
CA LEU A 31 -33.24 -4.41 6.49
C LEU A 31 -34.40 -4.08 7.41
N ALA A 32 -34.17 -4.05 8.72
CA ALA A 32 -35.20 -3.65 9.68
C ALA A 32 -35.28 -2.15 9.87
N SER A 33 -34.43 -1.39 9.16
CA SER A 33 -34.35 0.08 9.23
C SER A 33 -34.13 0.57 10.67
N ARG A 34 -33.20 -0.09 11.36
CA ARG A 34 -32.95 0.21 12.75
C ARG A 34 -31.88 1.29 12.89
N GLU A 35 -32.02 2.11 13.92
CA GLU A 35 -30.99 3.08 14.29
C GLU A 35 -30.15 2.46 15.41
N CYS A 36 -28.91 2.10 15.08
CA CYS A 36 -28.07 1.29 15.97
C CYS A 36 -27.20 2.13 16.90
N ILE A 37 -27.63 3.33 17.23
CA ILE A 37 -26.84 4.23 18.06
C ILE A 37 -27.43 4.24 19.46
N SER A 38 -26.62 3.85 20.44
CA SER A 38 -27.07 3.79 21.82
C SER A 38 -27.10 5.19 22.42
N PHE A 39 -28.09 5.44 23.27
CA PHE A 39 -28.22 6.69 24.02
C PHE A 39 -28.18 6.38 25.50
N TYR A 40 -27.30 7.05 26.23
CA TYR A 40 -27.10 6.77 27.64
C TYR A 40 -28.00 7.66 28.48
N SER A 41 -27.74 7.68 29.78
CA SER A 41 -28.40 8.58 30.71
C SER A 41 -27.31 9.17 31.61
N ASP A 42 -27.73 9.78 32.72
CA ASP A 42 -26.77 10.54 33.53
C ASP A 42 -25.98 9.65 34.48
N GLU A 43 -26.62 8.64 35.08
CA GLU A 43 -26.01 7.96 36.23
C GLU A 43 -25.05 6.85 35.85
N GLU A 44 -24.90 6.49 34.57
CA GLU A 44 -24.01 5.42 34.20
C GLU A 44 -22.69 5.89 33.57
N LEU A 45 -22.60 7.15 33.15
CA LEU A 45 -21.32 7.70 32.76
C LEU A 45 -20.40 7.86 33.97
N LEU A 46 -20.97 8.22 35.12
CA LEU A 46 -20.20 8.49 36.32
C LEU A 46 -19.64 7.23 36.98
N ALA A 47 -20.05 6.04 36.53
CA ALA A 47 -19.53 4.80 37.10
C ALA A 47 -18.05 4.61 36.80
N MET A 48 -17.63 4.91 35.57
CA MET A 48 -16.24 4.74 35.15
C MET A 48 -15.43 6.03 35.19
N GLY A 49 -15.83 6.99 36.01
CA GLY A 49 -15.01 8.15 36.26
C GLY A 49 -15.08 9.27 35.24
N ILE A 50 -16.20 9.40 34.53
CA ILE A 50 -16.45 10.63 33.79
C ILE A 50 -16.68 11.75 34.79
N SER A 51 -15.99 12.87 34.61
CA SER A 51 -16.03 13.97 35.56
C SER A 51 -17.42 14.60 35.60
N PRO A 52 -17.85 15.09 36.78
CA PRO A 52 -19.19 15.68 36.87
C PRO A 52 -19.37 16.97 36.09
N GLU A 53 -18.29 17.66 35.71
CA GLU A 53 -18.39 18.82 34.84
C GLU A 53 -18.91 18.44 33.47
N PHE A 54 -18.41 17.32 32.92
CA PHE A 54 -18.87 16.86 31.62
C PHE A 54 -20.33 16.42 31.66
N VAL A 55 -20.75 15.78 32.75
CA VAL A 55 -22.13 15.32 32.87
C VAL A 55 -23.08 16.49 33.05
N GLN A 56 -22.73 17.43 33.93
CA GLN A 56 -23.59 18.57 34.21
C GLN A 56 -23.50 19.65 33.14
N HIS A 57 -22.58 19.52 32.19
CA HIS A 57 -22.46 20.45 31.08
C HIS A 57 -23.71 20.40 30.21
N PRO A 58 -24.36 21.55 29.92
CA PRO A 58 -25.55 21.52 29.06
C PRO A 58 -25.22 21.29 27.59
N ASP A 59 -23.97 21.46 27.18
CA ASP A 59 -23.55 21.21 25.81
C ASP A 59 -22.89 19.85 25.82
N TYR A 60 -23.70 18.80 25.77
CA TYR A 60 -23.20 17.43 25.96
C TYR A 60 -24.20 16.45 25.38
N VAL A 61 -23.74 15.65 24.41
CA VAL A 61 -24.55 14.61 23.80
C VAL A 61 -23.99 13.27 24.22
N LYS A 62 -24.87 12.34 24.59
CA LYS A 62 -24.46 11.03 25.09
C LYS A 62 -24.89 9.97 24.08
N ALA A 63 -24.04 9.75 23.07
CA ALA A 63 -24.35 8.81 22.02
C ALA A 63 -23.06 8.31 21.39
N LYS A 64 -23.00 7.01 21.14
CA LYS A 64 -21.91 6.39 20.41
C LYS A 64 -22.42 5.09 19.81
N GLY A 65 -21.91 4.74 18.64
CA GLY A 65 -22.21 3.44 18.08
C GLY A 65 -21.23 2.42 18.61
N GLU A 66 -21.66 1.67 19.63
CA GLU A 66 -20.76 0.83 20.40
C GLU A 66 -20.75 -0.59 19.88
N VAL A 67 -19.55 -1.15 19.67
CA VAL A 67 -19.41 -2.59 19.57
C VAL A 67 -19.69 -3.21 20.94
N ALA A 68 -20.01 -4.51 20.91
CA ALA A 68 -20.57 -5.15 22.11
C ALA A 68 -19.51 -5.36 23.19
N ASP A 69 -18.50 -6.15 22.90
CA ASP A 69 -17.46 -6.49 23.87
C ASP A 69 -16.11 -6.01 23.35
N ILE A 70 -15.37 -5.30 24.21
CA ILE A 70 -14.01 -4.91 23.89
C ILE A 70 -12.98 -5.53 24.84
N ASP A 71 -13.37 -5.88 26.07
CA ASP A 71 -12.46 -6.46 27.04
C ASP A 71 -12.37 -7.98 26.93
N LYS A 72 -13.16 -8.60 26.06
CA LYS A 72 -13.28 -10.04 26.01
C LYS A 72 -12.43 -10.60 24.87
N PHE A 73 -11.55 -11.54 25.20
CA PHE A 73 -10.70 -12.20 24.22
C PHE A 73 -10.62 -13.68 24.55
N ASP A 74 -10.53 -14.50 23.49
CA ASP A 74 -10.23 -15.93 23.62
C ASP A 74 -8.73 -16.08 23.44
N ALA A 75 -7.98 -15.97 24.54
CA ALA A 75 -6.54 -16.11 24.48
C ALA A 75 -6.10 -17.51 24.11
N ALA A 76 -6.79 -18.52 24.64
CA ALA A 76 -6.36 -19.91 24.50
C ALA A 76 -6.53 -20.45 23.08
N PHE A 77 -7.28 -19.76 22.22
CA PHE A 77 -7.42 -20.22 20.85
C PHE A 77 -6.13 -20.03 20.07
N PHE A 78 -5.53 -18.85 20.16
CA PHE A 78 -4.35 -18.52 19.37
C PHE A 78 -3.06 -18.84 20.11
N GLY A 79 -3.14 -19.37 21.32
CA GLY A 79 -1.97 -19.69 22.10
C GLY A 79 -1.36 -18.53 22.84
N ILE A 80 -2.00 -17.36 22.80
CA ILE A 80 -1.49 -16.19 23.50
C ILE A 80 -1.67 -16.38 24.99
N ALA A 81 -0.63 -16.03 25.76
CA ALA A 81 -0.65 -16.21 27.20
C ALA A 81 -1.66 -15.28 27.85
N PRO A 82 -2.21 -15.65 29.02
CA PRO A 82 -3.17 -14.78 29.70
C PRO A 82 -2.55 -13.61 30.47
N ARG A 83 -1.25 -13.39 30.28
CA ARG A 83 -0.57 -12.22 30.80
C ARG A 83 -0.07 -11.30 29.68
N GLU A 84 0.18 -11.84 28.50
CA GLU A 84 0.58 -11.01 27.37
C GLU A 84 -0.62 -10.53 26.56
N ALA A 85 -1.75 -11.22 26.66
CA ALA A 85 -2.98 -10.74 26.02
C ALA A 85 -3.59 -9.56 26.76
N GLU A 86 -3.25 -9.35 28.03
CA GLU A 86 -3.83 -8.26 28.80
C GLU A 86 -3.28 -6.90 28.42
N LEU A 87 -2.24 -6.84 27.59
CA LEU A 87 -1.68 -5.58 27.14
C LEU A 87 -1.56 -5.52 25.62
N MET A 88 -2.39 -6.29 24.93
CA MET A 88 -2.69 -6.06 23.53
C MET A 88 -3.78 -5.00 23.45
N ASP A 89 -3.70 -4.14 22.44
CA ASP A 89 -4.78 -3.21 22.15
C ASP A 89 -6.02 -4.02 21.78
N PRO A 90 -7.21 -3.63 22.24
CA PRO A 90 -8.44 -4.34 21.85
C PRO A 90 -8.70 -4.38 20.36
N GLN A 91 -8.14 -3.45 19.59
CA GLN A 91 -8.30 -3.48 18.14
C GLN A 91 -7.53 -4.65 17.53
N HIS A 92 -6.38 -5.02 18.10
CA HIS A 92 -5.67 -6.23 17.67
C HIS A 92 -6.49 -7.48 17.95
N ARG A 93 -7.11 -7.55 19.13
CA ARG A 93 -7.93 -8.69 19.51
C ARG A 93 -9.14 -8.85 18.60
N VAL A 94 -9.90 -7.77 18.45
CA VAL A 94 -11.10 -7.79 17.62
C VAL A 94 -10.76 -8.03 16.15
N LEU A 95 -9.59 -7.58 15.69
CA LEU A 95 -9.30 -7.84 14.30
C LEU A 95 -8.71 -9.23 14.07
N LEU A 96 -8.10 -9.86 15.10
CA LEU A 96 -7.82 -11.30 15.03
C LEU A 96 -9.10 -12.12 14.90
N GLU A 97 -10.07 -11.87 15.77
CA GLU A 97 -11.32 -12.63 15.71
C GLU A 97 -12.08 -12.36 14.41
N THR A 98 -12.03 -11.12 13.93
CA THR A 98 -12.67 -10.78 12.66
C THR A 98 -11.94 -11.38 11.46
N ALA A 99 -10.61 -11.51 11.52
CA ALA A 99 -9.88 -12.16 10.43
C ALA A 99 -10.19 -13.65 10.37
N TRP A 100 -10.23 -14.31 11.54
CA TRP A 100 -10.58 -15.72 11.59
C TRP A 100 -12.01 -15.95 11.11
N ALA A 101 -12.94 -15.10 11.55
CA ALA A 101 -14.34 -15.22 11.14
C ALA A 101 -14.53 -14.90 9.66
N ALA A 102 -13.78 -13.94 9.12
CA ALA A 102 -13.90 -13.62 7.70
C ALA A 102 -13.33 -14.73 6.83
N PHE A 103 -12.28 -15.40 7.29
CA PHE A 103 -11.75 -16.51 6.52
C PHE A 103 -12.66 -17.72 6.60
N GLU A 104 -13.30 -17.96 7.75
CA GLU A 104 -14.30 -19.01 7.84
C GLU A 104 -15.55 -18.67 7.02
N ASP A 105 -15.89 -17.39 6.91
CA ASP A 105 -16.99 -16.95 6.07
C ASP A 105 -16.65 -17.08 4.60
N ALA A 106 -15.37 -17.03 4.24
CA ALA A 106 -14.97 -17.23 2.85
C ALA A 106 -15.07 -18.69 2.42
N GLY A 107 -15.26 -19.62 3.34
CA GLY A 107 -15.21 -21.04 3.02
C GLY A 107 -13.83 -21.63 3.03
N TYR A 108 -12.87 -20.96 3.67
CA TYR A 108 -11.47 -21.37 3.66
C TYR A 108 -10.94 -21.41 5.07
N VAL A 109 -9.80 -22.06 5.22
CA VAL A 109 -8.93 -21.89 6.37
C VAL A 109 -7.61 -21.34 5.85
N ALA A 110 -7.09 -20.32 6.55
CA ALA A 110 -6.04 -19.48 5.98
C ALA A 110 -4.73 -20.23 5.83
N ALA A 111 -4.37 -21.04 6.83
CA ALA A 111 -3.06 -21.70 6.83
C ALA A 111 -2.95 -22.78 5.77
N ASP A 112 -4.06 -23.40 5.39
CA ASP A 112 -4.02 -24.53 4.46
C ASP A 112 -4.31 -24.12 3.02
N TYR A 113 -4.34 -22.83 2.72
CA TYR A 113 -4.56 -22.40 1.34
C TYR A 113 -3.32 -22.69 0.51
N PRO A 114 -3.49 -23.22 -0.72
CA PRO A 114 -2.32 -23.55 -1.56
C PRO A 114 -1.42 -22.37 -1.89
N GLY A 115 -1.99 -21.22 -2.22
CA GLY A 115 -1.18 -20.07 -2.58
C GLY A 115 -0.65 -19.30 -1.39
N ASP A 116 -0.58 -17.98 -1.52
CA ASP A 116 -0.11 -17.13 -0.45
C ASP A 116 -1.06 -15.94 -0.24
N VAL A 117 -1.26 -15.59 1.02
CA VAL A 117 -2.41 -14.81 1.47
C VAL A 117 -1.92 -13.58 2.23
N GLY A 118 -2.35 -12.40 1.81
CA GLY A 118 -1.93 -11.15 2.41
C GLY A 118 -3.02 -10.46 3.20
N ILE A 119 -2.62 -9.80 4.29
CA ILE A 119 -3.41 -8.86 5.07
C ILE A 119 -3.04 -7.44 4.70
N PHE A 120 -4.05 -6.56 4.66
CA PHE A 120 -3.87 -5.11 4.45
C PHE A 120 -4.91 -4.42 5.33
N ALA A 121 -4.53 -4.02 6.55
CA ALA A 121 -5.54 -3.45 7.46
C ALA A 121 -5.12 -2.07 7.95
N GLY A 122 -5.98 -1.42 8.73
CA GLY A 122 -5.67 -0.08 9.27
C GLY A 122 -6.07 0.03 10.73
N LYS A 123 -5.12 0.38 11.59
CA LYS A 123 -5.43 0.57 13.04
C LYS A 123 -5.74 2.05 13.25
N SER A 124 -6.06 2.43 14.50
CA SER A 124 -6.30 3.86 14.84
C SER A 124 -5.27 4.23 15.91
N MET A 125 -5.32 5.44 16.45
CA MET A 125 -4.39 5.78 17.56
C MET A 125 -4.71 4.87 18.75
N ASP A 126 -3.71 4.13 19.23
CA ASP A 126 -3.90 3.21 20.38
C ASP A 126 -4.49 3.99 21.56
N SER A 127 -5.74 3.68 21.92
CA SER A 127 -6.41 4.37 23.06
C SER A 127 -6.20 3.56 24.34
N TYR A 128 -5.77 2.31 24.21
CA TYR A 128 -5.47 1.48 25.40
C TYR A 128 -4.19 1.99 26.06
N LEU A 129 -3.31 2.64 25.29
CA LEU A 129 -2.02 3.04 25.84
C LEU A 129 -2.10 4.13 26.90
N MET A 130 -3.25 4.82 26.97
CA MET A 130 -3.42 5.89 27.99
C MET A 130 -3.75 5.25 29.35
N LEU A 131 -4.44 4.10 29.35
CA LEU A 131 -4.66 3.38 30.63
C LEU A 131 -3.73 2.17 30.65
N ASN A 132 -2.60 2.26 29.93
CA ASN A 132 -1.57 1.19 29.97
C ASN A 132 -0.28 1.88 30.41
N LEU A 133 -0.22 3.20 30.21
CA LEU A 133 0.97 3.96 30.65
C LEU A 133 0.68 4.60 32.00
N MET A 134 -0.60 4.81 32.35
CA MET A 134 -0.88 5.31 33.69
C MET A 134 -0.67 4.19 34.72
N PRO A 135 -0.96 2.87 34.48
CA PRO A 135 -0.56 1.82 35.43
C PRO A 135 0.89 1.40 35.17
N HIS A 136 1.70 2.30 34.62
CA HIS A 136 3.13 2.00 34.33
C HIS A 136 4.01 3.13 34.88
N PHE A 137 3.51 4.37 34.88
CA PHE A 137 4.33 5.53 35.31
C PHE A 137 4.65 5.45 36.80
N LYS A 138 3.88 4.68 37.57
CA LYS A 138 4.17 4.48 39.01
C LYS A 138 5.64 4.06 39.17
N ARG A 139 6.09 3.09 38.35
CA ARG A 139 7.51 2.65 38.39
C ARG A 139 8.33 3.55 37.47
N VAL A 140 9.55 3.91 37.90
CA VAL A 140 10.42 4.84 37.11
C VAL A 140 10.82 4.17 35.79
N PHE A 141 10.17 4.58 34.68
CA PHE A 141 10.49 4.01 33.34
C PHE A 141 10.99 5.13 32.43
N SER A 142 12.24 5.57 32.62
CA SER A 142 12.82 6.67 31.80
C SER A 142 12.70 6.33 30.31
N SER A 143 13.46 5.32 29.85
CA SER A 143 13.34 4.87 28.44
C SER A 143 12.33 3.71 28.40
N GLY A 144 11.94 3.20 29.56
CA GLY A 144 10.96 2.09 29.63
C GLY A 144 9.69 2.41 28.88
N SER A 145 9.12 3.60 29.11
CA SER A 145 7.84 4.00 28.46
C SER A 145 8.01 4.07 26.93
N LEU A 146 9.13 4.62 26.46
CA LEU A 146 9.38 4.74 25.00
C LEU A 146 9.48 3.34 24.39
N GLN A 147 10.31 2.46 24.97
CA GLN A 147 10.49 1.10 24.46
C GLN A 147 9.21 0.27 24.58
N ALA A 148 8.33 0.59 25.53
CA ALA A 148 7.04 -0.05 25.65
C ALA A 148 6.16 0.31 24.46
N ALA A 149 6.23 1.56 24.03
CA ALA A 149 5.45 1.99 22.88
C ALA A 149 5.98 1.41 21.56
N ILE A 150 7.31 1.52 21.34
CA ILE A 150 7.96 1.25 20.05
C ILE A 150 7.70 -0.17 19.55
N GLY A 151 8.08 -1.17 20.36
CA GLY A 151 8.02 -2.54 19.89
C GLY A 151 6.62 -3.08 19.79
N ASN A 152 5.71 -2.60 20.64
CA ASN A 152 4.37 -3.16 20.68
C ASN A 152 3.42 -2.47 19.71
N ASP A 153 3.14 -1.18 19.94
CA ASP A 153 1.87 -0.64 19.47
C ASP A 153 1.97 0.37 18.35
N LYS A 154 3.11 0.46 17.67
CA LYS A 154 3.23 1.32 16.51
C LYS A 154 2.43 0.81 15.32
N ASP A 155 2.81 -0.36 14.83
CA ASP A 155 2.47 -0.81 13.48
C ASP A 155 2.25 -2.32 13.37
N SER A 156 1.72 -2.93 14.43
CA SER A 156 1.73 -4.38 14.52
C SER A 156 0.31 -4.93 14.54
N ILE A 157 -0.53 -4.49 13.61
CA ILE A 157 -1.87 -5.05 13.54
C ILE A 157 -1.94 -6.05 12.38
N THR A 158 -1.14 -5.84 11.35
CA THR A 158 -1.12 -6.80 10.25
C THR A 158 0.04 -7.78 10.37
N THR A 159 0.73 -7.79 11.51
CA THR A 159 1.77 -8.77 11.76
C THR A 159 1.54 -9.58 13.03
N THR A 160 0.59 -9.21 13.87
CA THR A 160 0.10 -10.13 14.89
C THR A 160 -1.16 -10.84 14.43
N ILE A 161 -1.57 -10.65 13.18
CA ILE A 161 -2.61 -11.44 12.55
C ILE A 161 -2.03 -12.40 11.54
N ALA A 162 -1.07 -11.93 10.74
CA ALA A 162 -0.39 -12.79 9.79
C ALA A 162 0.53 -13.80 10.47
N TYR A 163 0.93 -13.53 11.70
CA TYR A 163 1.64 -14.53 12.48
C TYR A 163 0.71 -15.62 12.93
N HIS A 164 -0.39 -15.25 13.58
CA HIS A 164 -1.28 -16.21 14.20
C HIS A 164 -2.08 -17.02 13.19
N LEU A 165 -2.42 -16.45 12.05
CA LEU A 165 -3.22 -17.16 11.07
C LEU A 165 -2.40 -17.83 9.99
N ASN A 166 -1.06 -17.72 10.04
CA ASN A 166 -0.13 -18.22 9.01
C ASN A 166 -0.49 -17.65 7.64
N LEU A 167 -0.31 -16.35 7.54
CA LEU A 167 -0.52 -15.63 6.30
C LEU A 167 0.85 -15.34 5.70
N ARG A 168 1.16 -16.00 4.59
CA ARG A 168 2.48 -15.94 3.98
C ARG A 168 2.49 -15.02 2.76
N GLY A 169 1.79 -13.90 2.84
CA GLY A 169 1.76 -12.93 1.78
C GLY A 169 2.07 -11.55 2.30
N PRO A 170 1.95 -10.53 1.45
CA PRO A 170 2.36 -9.16 1.83
C PRO A 170 1.50 -8.59 2.94
N ALA A 171 2.12 -8.33 4.08
CA ALA A 171 1.44 -7.82 5.27
C ALA A 171 1.77 -6.35 5.41
N ILE A 172 0.98 -5.50 4.76
CA ILE A 172 1.24 -4.07 4.64
C ILE A 172 0.17 -3.32 5.40
N THR A 173 0.56 -2.35 6.23
CA THR A 173 -0.37 -1.59 7.05
C THR A 173 -0.53 -0.20 6.42
N VAL A 174 -1.50 -0.06 5.53
CA VAL A 174 -1.81 1.25 4.99
C VAL A 174 -2.54 2.07 6.05
N GLN A 175 -2.36 3.39 6.00
CA GLN A 175 -2.93 4.23 7.06
C GLN A 175 -3.20 5.62 6.49
N THR A 176 -4.40 5.84 5.98
CA THR A 176 -4.88 7.19 5.74
C THR A 176 -5.73 7.60 6.95
N SER A 177 -6.52 8.66 6.82
CA SER A 177 -7.20 9.17 8.01
C SER A 177 -8.54 8.48 8.25
N SER A 178 -9.48 8.65 7.33
CA SER A 178 -10.78 8.00 7.44
C SER A 178 -11.15 7.22 6.20
N SER A 179 -10.27 7.16 5.20
CA SER A 179 -10.45 6.32 4.04
C SER A 179 -9.60 5.07 4.10
N THR A 180 -9.15 4.70 5.31
CA THR A 180 -8.12 3.67 5.49
C THR A 180 -8.60 2.32 5.00
N SER A 181 -9.85 2.00 5.26
CA SER A 181 -10.38 0.69 4.95
C SER A 181 -10.81 0.52 3.50
N LEU A 182 -10.87 1.59 2.73
CA LEU A 182 -11.07 1.46 1.29
C LEU A 182 -9.78 1.61 0.51
N VAL A 183 -8.84 2.39 1.05
CA VAL A 183 -7.47 2.38 0.54
C VAL A 183 -6.84 0.99 0.72
N ALA A 184 -7.15 0.32 1.84
CA ALA A 184 -6.67 -1.04 2.06
C ALA A 184 -7.21 -2.02 1.02
N VAL A 185 -8.50 -1.87 0.67
CA VAL A 185 -9.10 -2.71 -0.37
C VAL A 185 -8.46 -2.41 -1.72
N CYS A 186 -8.13 -1.14 -1.99
CA CYS A 186 -7.51 -0.80 -3.27
C CYS A 186 -6.06 -1.30 -3.36
N VAL A 187 -5.32 -1.25 -2.25
CA VAL A 187 -3.97 -1.82 -2.22
C VAL A 187 -4.02 -3.33 -2.40
N ALA A 188 -5.01 -3.99 -1.77
CA ALA A 188 -5.17 -5.43 -1.95
C ALA A 188 -5.54 -5.80 -3.38
N CYS A 189 -6.36 -4.98 -4.03
CA CYS A 189 -6.67 -5.23 -5.43
C CYS A 189 -5.51 -4.89 -6.35
N GLN A 190 -4.55 -4.08 -5.90
CA GLN A 190 -3.31 -3.94 -6.65
C GLN A 190 -2.40 -5.14 -6.47
N SER A 191 -2.34 -5.70 -5.26
CA SER A 191 -1.51 -6.87 -5.00
C SER A 191 -2.04 -8.10 -5.70
N LEU A 192 -3.35 -8.23 -5.84
CA LEU A 192 -3.92 -9.36 -6.56
C LEU A 192 -3.76 -9.24 -8.07
N LEU A 193 -3.43 -8.07 -8.59
CA LEU A 193 -3.21 -7.91 -10.02
C LEU A 193 -1.75 -7.85 -10.40
N THR A 194 -0.86 -7.39 -9.51
CA THR A 194 0.57 -7.51 -9.72
C THR A 194 1.15 -8.76 -9.09
N TRP A 195 0.30 -9.78 -8.85
CA TRP A 195 0.70 -11.16 -8.55
C TRP A 195 1.51 -11.29 -7.27
N GLN A 196 1.28 -10.41 -6.29
CA GLN A 196 1.96 -10.55 -5.02
C GLN A 196 1.25 -11.49 -4.06
N CYS A 197 -0.03 -11.78 -4.30
CA CYS A 197 -0.76 -12.75 -3.51
C CYS A 197 -1.84 -13.37 -4.37
N ASP A 198 -2.29 -14.55 -3.97
CA ASP A 198 -3.32 -15.26 -4.72
C ASP A 198 -4.72 -15.04 -4.17
N MET A 199 -4.83 -14.65 -2.89
CA MET A 199 -6.10 -14.30 -2.29
C MET A 199 -5.78 -13.45 -1.07
N ALA A 200 -6.37 -12.26 -0.98
CA ALA A 200 -6.04 -11.31 0.06
C ALA A 200 -7.20 -11.11 1.03
N ILE A 201 -6.92 -10.38 2.09
CA ILE A 201 -7.92 -9.92 3.04
C ILE A 201 -7.58 -8.48 3.41
N ALA A 202 -8.61 -7.63 3.48
CA ALA A 202 -8.41 -6.20 3.60
C ALA A 202 -9.53 -5.58 4.40
N GLY A 203 -9.19 -4.70 5.32
CA GLY A 203 -10.23 -4.07 6.14
C GLY A 203 -9.76 -2.96 7.03
N GLY A 204 -10.26 -2.94 8.26
CA GLY A 204 -9.87 -1.92 9.22
C GLY A 204 -10.69 -2.08 10.48
N VAL A 205 -10.29 -1.33 11.52
CA VAL A 205 -10.94 -1.41 12.87
C VAL A 205 -10.72 -0.07 13.56
N THR A 206 -11.59 0.32 14.52
CA THR A 206 -11.45 1.67 15.14
C THR A 206 -11.88 1.67 16.61
N LEU A 207 -12.52 0.60 17.10
CA LEU A 207 -13.06 0.57 18.49
C LEU A 207 -11.93 0.77 19.52
N GLY A 208 -12.25 1.21 20.74
CA GLY A 208 -11.20 1.32 21.75
C GLY A 208 -11.75 1.42 23.16
N PRO A 209 -10.89 1.47 24.21
CA PRO A 209 -11.34 1.65 25.59
C PRO A 209 -12.53 2.59 25.84
N PRO A 210 -12.65 3.81 25.25
CA PRO A 210 -13.86 4.63 25.43
C PRO A 210 -15.15 3.84 25.17
N ALA A 211 -15.76 3.32 26.23
CA ALA A 211 -17.06 2.62 26.11
C ALA A 211 -17.99 3.36 27.07
N LYS A 212 -19.28 3.48 26.75
CA LYS A 212 -20.20 4.31 27.57
C LYS A 212 -19.54 5.68 27.77
N THR A 213 -19.42 6.46 26.68
CA THR A 213 -18.73 7.77 26.75
C THR A 213 -19.52 8.81 25.95
N GLY A 214 -19.79 9.98 26.55
CA GLY A 214 -20.48 11.06 25.84
C GLY A 214 -19.50 12.06 25.25
N TYR A 215 -19.96 12.96 24.38
CA TYR A 215 -19.04 13.92 23.71
C TYR A 215 -19.57 15.36 23.87
N LEU A 216 -18.66 16.33 23.88
CA LEU A 216 -19.06 17.76 24.03
C LEU A 216 -19.34 18.28 22.61
N SER A 217 -20.61 18.29 22.20
CA SER A 217 -20.92 18.69 20.80
C SER A 217 -20.58 20.16 20.60
N GLN A 218 -20.34 20.56 19.34
CA GLN A 218 -19.91 21.95 19.10
C GLN A 218 -20.63 22.52 17.89
N GLU A 219 -21.44 23.56 18.08
CA GLU A 219 -22.02 24.24 16.93
C GLU A 219 -20.91 24.98 16.23
N GLY A 220 -20.29 24.32 15.25
CA GLY A 220 -19.04 24.76 14.66
C GLY A 220 -17.98 23.70 14.60
N GLY A 221 -18.21 22.53 15.21
CA GLY A 221 -17.34 21.39 15.03
C GLY A 221 -17.79 20.55 13.85
N ILE A 222 -17.81 19.24 14.01
CA ILE A 222 -18.32 18.35 12.96
C ILE A 222 -19.27 17.33 13.58
N THR A 223 -19.67 17.57 14.83
CA THR A 223 -20.45 16.61 15.59
C THR A 223 -21.91 17.03 15.64
N ALA A 224 -22.80 16.05 15.53
CA ALA A 224 -24.24 16.32 15.58
C ALA A 224 -24.65 16.70 17.00
N ALA A 225 -25.46 17.77 17.11
CA ALA A 225 -25.77 18.37 18.39
C ALA A 225 -26.91 17.69 19.13
N ASP A 226 -27.67 16.81 18.49
CA ASP A 226 -28.73 16.07 19.16
C ASP A 226 -28.42 14.60 19.36
N GLY A 227 -27.70 13.98 18.43
CA GLY A 227 -27.29 12.59 18.59
C GLY A 227 -27.45 11.77 17.34
N HIS A 228 -28.35 12.16 16.46
CA HIS A 228 -28.66 11.40 15.26
C HIS A 228 -27.92 12.00 14.06
N CYS A 229 -27.58 11.13 13.12
CA CYS A 229 -26.94 11.57 11.87
C CYS A 229 -28.02 11.79 10.84
N ARG A 230 -28.51 13.02 10.74
CA ARG A 230 -29.45 13.40 9.69
C ARG A 230 -28.67 13.73 8.42
N ALA A 231 -28.10 12.68 7.83
CA ALA A 231 -27.22 12.87 6.68
C ALA A 231 -28.01 13.20 5.43
N PHE A 232 -27.44 14.11 4.62
CA PHE A 232 -27.98 14.53 3.33
C PHE A 232 -29.37 15.17 3.46
N SER A 233 -29.65 15.75 4.62
CA SER A 233 -31.01 16.29 4.87
C SER A 233 -30.97 17.76 5.24
N ASP A 234 -32.11 18.32 5.65
CA ASP A 234 -32.19 19.75 6.04
C ASP A 234 -31.72 19.90 7.50
N ASN A 235 -31.65 18.79 8.24
CA ASN A 235 -31.27 18.85 9.68
C ASN A 235 -29.83 18.35 9.86
N SER A 236 -29.02 18.43 8.80
CA SER A 236 -27.59 17.99 8.89
C SER A 236 -26.83 18.88 9.88
N SER A 237 -26.53 18.37 11.08
CA SER A 237 -25.80 19.15 12.08
C SER A 237 -24.47 18.53 12.47
N GLY A 238 -24.06 17.45 11.80
CA GLY A 238 -22.83 16.77 12.13
C GLY A 238 -23.02 15.27 12.08
N PHE A 239 -22.08 14.53 12.63
CA PHE A 239 -22.20 13.08 12.79
C PHE A 239 -22.11 12.73 14.27
N VAL A 240 -22.12 11.43 14.55
CA VAL A 240 -21.87 10.94 15.90
C VAL A 240 -20.71 9.95 15.80
N PRO A 241 -19.79 9.90 16.76
CA PRO A 241 -18.72 8.91 16.69
C PRO A 241 -19.23 7.49 16.87
N GLY A 242 -18.60 6.56 16.16
CA GLY A 242 -18.92 5.15 16.28
C GLY A 242 -17.66 4.33 16.40
N THR A 243 -17.85 3.09 16.85
CA THR A 243 -16.77 2.12 16.97
C THR A 243 -17.15 0.88 16.18
N GLY A 244 -16.19 0.30 15.48
CA GLY A 244 -16.50 -0.84 14.64
C GLY A 244 -15.27 -1.54 14.14
N ALA A 245 -15.51 -2.64 13.43
CA ALA A 245 -14.49 -3.45 12.81
C ALA A 245 -15.03 -3.97 11.49
N GLY A 246 -14.13 -4.34 10.59
CA GLY A 246 -14.60 -4.92 9.36
C GLY A 246 -13.48 -5.47 8.51
N LEU A 247 -13.72 -6.58 7.81
CA LEU A 247 -12.73 -7.15 6.90
C LEU A 247 -13.46 -7.85 5.78
N VAL A 248 -12.90 -7.77 4.58
CA VAL A 248 -13.41 -8.49 3.44
C VAL A 248 -12.29 -9.33 2.85
N VAL A 249 -12.67 -10.37 2.12
CA VAL A 249 -11.73 -11.34 1.57
C VAL A 249 -11.85 -11.29 0.07
N LEU A 250 -10.72 -11.13 -0.60
CA LEU A 250 -10.70 -10.80 -2.02
C LEU A 250 -9.93 -11.88 -2.77
N LYS A 251 -10.37 -12.16 -4.00
CA LYS A 251 -9.70 -13.14 -4.84
C LYS A 251 -9.91 -12.71 -6.28
N ARG A 252 -9.05 -13.19 -7.17
CA ARG A 252 -9.22 -12.90 -8.59
C ARG A 252 -10.48 -13.59 -9.11
N VAL A 253 -11.11 -12.98 -10.11
CA VAL A 253 -12.44 -13.44 -10.48
C VAL A 253 -12.37 -14.70 -11.35
N ASP A 254 -11.30 -14.88 -12.13
CA ASP A 254 -11.13 -16.13 -12.86
C ASP A 254 -10.89 -17.30 -11.92
N GLU A 255 -10.08 -17.08 -10.88
CA GLU A 255 -9.84 -18.11 -9.87
C GLU A 255 -11.10 -18.41 -9.07
N ALA A 256 -11.86 -17.38 -8.70
CA ALA A 256 -13.09 -17.59 -7.92
C ALA A 256 -14.20 -18.21 -8.75
N LEU A 257 -14.19 -18.03 -10.07
CA LEU A 257 -15.10 -18.78 -10.92
C LEU A 257 -14.62 -20.20 -11.17
N ARG A 258 -13.31 -20.42 -11.12
CA ARG A 258 -12.76 -21.76 -11.28
C ARG A 258 -13.06 -22.64 -10.07
N ASP A 259 -12.89 -22.09 -8.87
CA ASP A 259 -13.06 -22.87 -7.65
C ASP A 259 -14.49 -22.91 -7.15
N GLY A 260 -15.39 -22.10 -7.71
CA GLY A 260 -16.75 -22.05 -7.25
C GLY A 260 -16.94 -21.50 -5.85
N ASP A 261 -16.36 -20.33 -5.58
CA ASP A 261 -16.58 -19.68 -4.29
C ASP A 261 -17.91 -18.95 -4.34
N ASN A 262 -18.39 -18.50 -3.17
CA ASN A 262 -19.51 -17.57 -3.19
C ASN A 262 -19.00 -16.16 -3.41
N ILE A 263 -19.40 -15.57 -4.53
CA ILE A 263 -18.94 -14.24 -4.91
C ILE A 263 -20.02 -13.27 -4.52
N TYR A 264 -19.71 -12.36 -3.60
CA TYR A 264 -20.65 -11.33 -3.24
C TYR A 264 -20.79 -10.30 -4.35
N ALA A 265 -19.67 -9.86 -4.91
CA ALA A 265 -19.62 -8.84 -5.95
C ALA A 265 -18.25 -8.93 -6.61
N VAL A 266 -18.08 -8.20 -7.70
CA VAL A 266 -16.80 -8.11 -8.38
C VAL A 266 -16.37 -6.66 -8.39
N ILE A 267 -15.28 -6.34 -7.68
CA ILE A 267 -14.70 -5.01 -7.76
C ILE A 267 -14.11 -4.86 -9.15
N LYS A 268 -14.74 -4.06 -9.98
CA LYS A 268 -14.40 -3.97 -11.40
C LYS A 268 -13.49 -2.78 -11.70
N GLY A 269 -13.55 -1.73 -10.89
CA GLY A 269 -12.61 -0.63 -11.01
C GLY A 269 -12.47 0.08 -9.69
N PHE A 270 -11.35 0.80 -9.54
CA PHE A 270 -11.08 1.53 -8.30
C PHE A 270 -10.11 2.65 -8.60
N ALA A 271 -10.12 3.66 -7.73
CA ALA A 271 -9.23 4.80 -7.88
C ALA A 271 -9.01 5.47 -6.54
N VAL A 272 -7.76 5.84 -6.28
CA VAL A 272 -7.37 6.60 -5.10
C VAL A 272 -6.62 7.83 -5.59
N ASN A 273 -6.91 8.99 -5.02
CA ASN A 273 -6.12 10.19 -5.25
C ASN A 273 -6.20 11.11 -4.05
N ASN A 274 -5.54 12.25 -4.14
CA ASN A 274 -5.54 13.26 -3.10
C ASN A 274 -6.01 14.58 -3.70
N ASP A 275 -6.44 15.49 -2.84
CA ASP A 275 -6.93 16.79 -3.29
C ASP A 275 -5.80 17.62 -3.88
N GLY A 276 -4.68 17.71 -3.16
CA GLY A 276 -3.63 18.62 -3.52
C GLY A 276 -3.66 19.81 -2.59
N SER A 277 -3.22 20.98 -3.07
CA SER A 277 -3.45 22.23 -2.38
C SER A 277 -4.56 23.04 -3.04
N GLU A 278 -5.25 22.45 -4.02
CA GLU A 278 -6.31 23.13 -4.77
C GLU A 278 -7.62 23.15 -3.99
N LYS A 279 -7.56 23.79 -2.82
CA LYS A 279 -8.71 23.94 -1.93
C LYS A 279 -8.42 25.11 -1.00
N ILE A 280 -9.33 25.36 -0.07
CA ILE A 280 -9.20 26.51 0.81
C ILE A 280 -8.07 26.30 1.81
N SER A 281 -8.07 25.17 2.49
CA SER A 281 -7.06 24.89 3.51
C SER A 281 -6.88 23.38 3.59
N TYR A 282 -6.22 22.92 4.65
CA TYR A 282 -6.00 21.50 4.88
C TYR A 282 -7.31 20.76 5.13
N THR A 283 -8.19 21.35 5.93
CA THR A 283 -9.37 20.68 6.46
C THR A 283 -10.63 20.93 5.65
N ALA A 284 -10.50 21.47 4.44
CA ALA A 284 -11.66 21.78 3.62
C ALA A 284 -11.73 20.84 2.43
N PRO A 285 -12.84 20.15 2.19
CA PRO A 285 -12.91 19.20 1.08
C PRO A 285 -13.06 19.91 -0.25
N SER A 286 -12.69 19.20 -1.31
CA SER A 286 -12.73 19.71 -2.67
C SER A 286 -13.75 18.94 -3.50
N VAL A 287 -13.90 19.35 -4.76
CA VAL A 287 -14.92 18.84 -5.65
C VAL A 287 -14.30 18.14 -6.86
N ASP A 288 -13.29 18.76 -7.47
CA ASP A 288 -12.67 18.21 -8.67
C ASP A 288 -11.89 16.94 -8.37
N ALA A 289 -11.34 16.82 -7.16
CA ALA A 289 -10.62 15.60 -6.79
C ALA A 289 -11.57 14.42 -6.66
N GLN A 290 -12.70 14.62 -5.99
CA GLN A 290 -13.69 13.55 -5.85
C GLN A 290 -14.30 13.21 -7.20
N ALA A 291 -14.52 14.20 -8.06
CA ALA A 291 -15.00 13.93 -9.41
C ALA A 291 -13.98 13.14 -10.21
N ARG A 292 -12.69 13.43 -10.01
CA ARG A 292 -11.63 12.68 -10.67
C ARG A 292 -11.59 11.23 -10.19
N ALA A 293 -11.76 11.01 -8.88
CA ALA A 293 -11.76 9.66 -8.34
C ALA A 293 -12.94 8.85 -8.86
N ILE A 294 -14.13 9.45 -8.89
CA ILE A 294 -15.33 8.76 -9.37
C ILE A 294 -15.23 8.44 -10.86
N ALA A 295 -14.77 9.41 -11.66
CA ALA A 295 -14.65 9.18 -13.09
C ALA A 295 -13.54 8.18 -13.41
N GLN A 296 -12.44 8.21 -12.66
CA GLN A 296 -11.32 7.29 -12.87
C GLN A 296 -11.72 5.87 -12.51
N ALA A 297 -12.48 5.70 -11.42
CA ALA A 297 -13.00 4.37 -11.09
C ALA A 297 -13.94 3.86 -12.17
N GLN A 298 -14.82 4.73 -12.68
CA GLN A 298 -15.76 4.23 -13.67
C GLN A 298 -15.19 4.07 -15.07
N ARG A 299 -13.98 4.58 -15.37
CA ARG A 299 -13.39 4.15 -16.64
C ARG A 299 -12.30 3.09 -16.47
N LEU A 300 -11.75 2.91 -15.27
CA LEU A 300 -10.95 1.71 -15.03
C LEU A 300 -11.83 0.48 -14.89
N ALA A 301 -13.10 0.67 -14.55
CA ALA A 301 -14.07 -0.42 -14.56
C ALA A 301 -14.60 -0.73 -15.95
N GLY A 302 -14.27 0.07 -16.95
CA GLY A 302 -14.80 -0.13 -18.28
C GLY A 302 -16.28 0.18 -18.41
N LEU A 303 -16.81 0.99 -17.50
CA LEU A 303 -18.24 1.28 -17.43
C LEU A 303 -18.52 2.68 -17.94
N THR A 304 -19.78 3.07 -17.83
CA THR A 304 -20.31 4.35 -18.28
C THR A 304 -21.24 4.85 -17.18
N PRO A 305 -21.31 6.15 -16.91
CA PRO A 305 -22.10 6.63 -15.76
C PRO A 305 -23.62 6.41 -15.85
N GLN A 306 -24.17 5.99 -16.99
CA GLN A 306 -25.54 5.49 -17.02
C GLN A 306 -25.70 4.20 -16.23
N ASP A 307 -24.64 3.39 -16.13
CA ASP A 307 -24.77 2.03 -15.65
C ASP A 307 -24.89 1.95 -14.13
N ILE A 308 -24.28 2.88 -13.40
CA ILE A 308 -24.25 2.79 -11.94
C ILE A 308 -25.62 3.15 -11.39
N THR A 309 -26.17 2.28 -10.55
CA THR A 309 -27.54 2.42 -10.06
C THR A 309 -27.60 2.63 -8.55
N TYR A 310 -26.56 2.28 -7.81
CA TYR A 310 -26.47 2.60 -6.40
C TYR A 310 -25.14 3.30 -6.17
N VAL A 311 -25.14 4.34 -5.34
CA VAL A 311 -23.91 5.01 -4.95
C VAL A 311 -23.95 5.17 -3.44
N GLU A 312 -22.96 4.61 -2.75
CA GLU A 312 -22.83 4.80 -1.33
C GLU A 312 -21.88 5.97 -1.12
N ALA A 313 -22.45 7.14 -0.84
CA ALA A 313 -21.62 8.31 -0.57
C ALA A 313 -21.05 8.22 0.83
N HIS A 314 -20.08 9.09 1.11
CA HIS A 314 -19.52 9.20 2.45
C HIS A 314 -20.60 9.71 3.40
N GLY A 315 -21.06 10.95 3.17
CA GLY A 315 -22.25 11.48 3.81
C GLY A 315 -22.27 11.51 5.31
N THR A 316 -21.34 12.27 5.92
CA THR A 316 -21.19 12.25 7.36
C THR A 316 -22.37 12.91 8.06
N GLY A 317 -22.86 14.01 7.51
CA GLY A 317 -23.87 14.81 8.19
C GLY A 317 -23.39 16.17 8.63
N THR A 318 -22.11 16.50 8.40
CA THR A 318 -21.58 17.81 8.73
C THR A 318 -22.06 18.84 7.71
N ARG A 319 -22.01 20.11 8.11
CA ARG A 319 -22.68 21.16 7.33
C ARG A 319 -21.89 21.62 6.12
N LEU A 320 -20.65 21.19 5.96
CA LEU A 320 -19.86 21.57 4.79
C LEU A 320 -19.58 20.42 3.84
N GLY A 321 -19.48 19.19 4.35
CA GLY A 321 -19.13 18.08 3.50
C GLY A 321 -20.27 17.60 2.62
N ASP A 322 -21.51 17.77 3.09
CA ASP A 322 -22.66 17.24 2.35
C ASP A 322 -22.90 17.90 0.99
N PRO A 323 -22.92 19.24 0.82
CA PRO A 323 -23.13 19.76 -0.53
C PRO A 323 -21.94 19.60 -1.45
N VAL A 324 -20.73 19.54 -0.89
CA VAL A 324 -19.51 19.39 -1.69
C VAL A 324 -19.46 18.02 -2.35
N GLU A 325 -19.79 16.97 -1.59
CA GLU A 325 -19.83 15.61 -2.14
C GLU A 325 -20.91 15.46 -3.20
N PHE A 326 -22.08 16.06 -2.97
CA PHE A 326 -23.15 15.98 -3.96
C PHE A 326 -22.80 16.76 -5.22
N SER A 327 -22.11 17.88 -5.07
CA SER A 327 -21.65 18.64 -6.24
C SER A 327 -20.62 17.83 -7.04
N ALA A 328 -19.73 17.12 -6.33
CA ALA A 328 -18.76 16.25 -6.99
C ALA A 328 -19.44 15.09 -7.70
N LEU A 329 -20.45 14.50 -7.07
CA LEU A 329 -21.19 13.39 -7.66
C LEU A 329 -21.97 13.83 -8.89
N SER A 330 -22.61 14.99 -8.83
CA SER A 330 -23.33 15.52 -9.99
C SER A 330 -22.37 15.87 -11.12
N GLN A 331 -21.21 16.44 -10.77
CA GLN A 331 -20.18 16.76 -11.76
C GLN A 331 -19.63 15.51 -12.43
N ALA A 332 -19.49 14.42 -11.68
CA ALA A 332 -18.95 13.18 -12.23
C ALA A 332 -19.99 12.38 -13.00
N PHE A 333 -21.25 12.44 -12.60
CA PHE A 333 -22.35 11.79 -13.29
C PHE A 333 -23.04 12.69 -14.32
N ALA A 334 -22.47 13.86 -14.61
CA ALA A 334 -23.09 14.82 -15.51
C ALA A 334 -23.02 14.42 -16.99
N GLY A 335 -22.53 13.22 -17.32
CA GLY A 335 -22.67 12.68 -18.66
C GLY A 335 -23.96 11.92 -18.87
N ALA A 336 -24.89 11.97 -17.91
CA ALA A 336 -26.15 11.24 -17.98
C ALA A 336 -27.28 12.15 -18.44
N SER A 337 -28.29 11.52 -19.04
CA SER A 337 -29.50 12.21 -19.48
C SER A 337 -30.76 11.73 -18.77
N GLN A 338 -30.81 10.48 -18.34
CA GLN A 338 -31.95 9.99 -17.59
C GLN A 338 -31.94 10.58 -16.19
N LYS A 339 -33.13 10.91 -15.68
CA LYS A 339 -33.26 11.81 -14.55
C LYS A 339 -33.79 11.02 -13.36
N GLN A 340 -33.07 11.09 -12.24
CA GLN A 340 -33.39 10.39 -10.98
C GLN A 340 -33.51 8.87 -11.17
N TYR A 341 -32.39 8.24 -11.53
CA TYR A 341 -32.33 6.80 -11.68
C TYR A 341 -31.43 6.11 -10.67
N CYS A 342 -30.32 6.73 -10.29
CA CYS A 342 -29.36 6.12 -9.39
C CYS A 342 -29.74 6.42 -7.95
N ALA A 343 -29.53 5.46 -7.07
CA ALA A 343 -29.89 5.66 -5.68
C ALA A 343 -28.79 6.41 -4.94
N LEU A 344 -28.93 6.53 -3.62
CA LEU A 344 -27.96 7.22 -2.80
C LEU A 344 -28.20 6.82 -1.36
N GLY A 345 -27.11 6.62 -0.62
CA GLY A 345 -27.25 6.17 0.75
C GLY A 345 -26.01 6.47 1.57
N SER A 346 -26.18 6.39 2.88
CA SER A 346 -25.06 6.55 3.80
C SER A 346 -25.32 5.70 5.03
N VAL A 347 -24.44 4.72 5.27
CA VAL A 347 -24.59 3.79 6.38
C VAL A 347 -24.39 4.47 7.73
N LYS A 348 -23.82 5.68 7.74
CA LYS A 348 -23.59 6.41 8.99
C LYS A 348 -24.88 6.92 9.61
N THR A 349 -25.98 6.92 8.86
CA THR A 349 -27.29 7.16 9.45
C THR A 349 -27.67 6.05 10.43
N ASN A 350 -27.44 4.79 10.04
CA ASN A 350 -27.80 3.66 10.88
C ASN A 350 -26.90 3.55 12.11
N ILE A 351 -25.59 3.63 11.88
CA ILE A 351 -24.61 3.18 12.88
C ILE A 351 -23.67 4.27 13.36
N GLY A 352 -23.50 5.37 12.62
CA GLY A 352 -22.61 6.44 13.03
C GLY A 352 -21.37 6.49 12.16
N HIS A 353 -20.50 7.46 12.46
CA HIS A 353 -19.25 7.63 11.67
C HIS A 353 -18.11 6.92 12.39
N LEU A 354 -17.84 5.68 12.01
CA LEU A 354 -16.69 4.95 12.61
C LEU A 354 -15.43 5.38 11.84
N ASP A 355 -14.71 6.40 12.32
CA ASP A 355 -13.47 6.90 11.67
C ASP A 355 -12.60 5.72 11.22
N THR A 356 -11.99 5.80 10.02
CA THR A 356 -11.14 4.69 9.46
C THR A 356 -12.03 3.55 8.96
N ALA A 357 -12.79 2.90 9.85
CA ALA A 357 -13.65 1.75 9.47
C ALA A 357 -14.69 2.16 8.41
N ALA A 358 -15.15 3.42 8.45
CA ALA A 358 -16.08 3.92 7.42
C ALA A 358 -15.43 3.68 6.05
N GLY A 359 -16.04 2.85 5.20
CA GLY A 359 -15.40 2.52 3.95
C GLY A 359 -15.25 1.03 3.74
N VAL A 360 -15.24 0.24 4.80
CA VAL A 360 -15.45 -1.20 4.69
C VAL A 360 -16.80 -1.59 5.26
N ALA A 361 -17.36 -0.80 6.19
CA ALA A 361 -18.76 -0.97 6.56
C ALA A 361 -19.67 -0.62 5.38
N GLY A 362 -19.39 0.49 4.72
CA GLY A 362 -20.12 0.85 3.53
C GLY A 362 -19.75 0.08 2.30
N LEU A 363 -18.72 -0.76 2.37
CA LEU A 363 -18.42 -1.70 1.30
C LEU A 363 -19.12 -3.04 1.53
N ILE A 364 -19.23 -3.43 2.82
CA ILE A 364 -20.01 -4.61 3.20
C ILE A 364 -21.48 -4.41 2.87
N LYS A 365 -22.02 -3.23 3.21
CA LYS A 365 -23.42 -2.90 2.92
C LYS A 365 -23.68 -2.90 1.42
N THR A 366 -22.78 -2.32 0.64
CA THR A 366 -22.98 -2.24 -0.80
C THR A 366 -22.80 -3.60 -1.46
N ALA A 367 -21.90 -4.44 -0.96
CA ALA A 367 -21.72 -5.76 -1.55
C ALA A 367 -22.89 -6.68 -1.22
N LEU A 368 -23.45 -6.56 -0.02
CA LEU A 368 -24.66 -7.29 0.32
C LEU A 368 -25.83 -6.84 -0.53
N ALA A 369 -25.98 -5.53 -0.75
CA ALA A 369 -27.05 -5.01 -1.59
C ALA A 369 -26.88 -5.40 -3.06
N VAL A 370 -25.64 -5.53 -3.54
CA VAL A 370 -25.44 -6.00 -4.91
C VAL A 370 -25.75 -7.49 -5.02
N GLN A 371 -25.32 -8.29 -4.03
CA GLN A 371 -25.53 -9.74 -4.08
C GLN A 371 -26.99 -10.11 -3.97
N GLN A 372 -27.69 -9.56 -2.98
CA GLN A 372 -29.06 -9.97 -2.73
C GLN A 372 -30.03 -9.35 -3.74
N GLY A 373 -29.79 -8.09 -4.10
CA GLY A 373 -30.73 -7.35 -4.92
C GLY A 373 -31.69 -6.49 -4.15
N ILE A 374 -31.37 -6.11 -2.92
CA ILE A 374 -32.23 -5.29 -2.08
C ILE A 374 -31.43 -4.07 -1.65
N ILE A 375 -31.91 -2.89 -1.99
CA ILE A 375 -31.29 -1.63 -1.55
C ILE A 375 -31.88 -1.27 -0.19
N PRO A 376 -31.07 -1.10 0.85
CA PRO A 376 -31.62 -0.73 2.16
C PRO A 376 -32.10 0.71 2.22
N ALA A 377 -32.54 1.14 3.40
CA ALA A 377 -33.23 2.40 3.58
C ALA A 377 -32.33 3.39 4.29
N THR A 378 -32.07 4.53 3.65
CA THR A 378 -31.35 5.61 4.29
C THR A 378 -32.27 6.28 5.31
N LEU A 379 -31.77 6.43 6.54
CA LEU A 379 -32.61 6.88 7.63
C LEU A 379 -32.62 8.41 7.73
N HIS A 380 -33.56 8.91 8.53
CA HIS A 380 -33.62 10.29 9.03
C HIS A 380 -33.82 11.33 7.92
N PHE A 381 -34.25 10.93 6.73
CA PHE A 381 -34.26 11.81 5.57
C PHE A 381 -35.68 12.24 5.26
N GLU A 382 -35.96 13.54 5.37
CA GLU A 382 -37.26 14.08 4.97
C GLU A 382 -37.15 15.04 3.80
N ARG A 383 -36.38 16.13 3.94
CA ARG A 383 -36.18 17.09 2.87
C ARG A 383 -34.69 17.18 2.55
N PRO A 384 -34.33 17.57 1.32
CA PRO A 384 -32.91 17.82 1.02
C PRO A 384 -32.34 19.02 1.74
N ASN A 385 -31.04 19.26 1.56
CA ASN A 385 -30.42 20.46 2.09
C ASN A 385 -30.79 21.65 1.20
N ALA A 386 -30.47 22.86 1.68
CA ALA A 386 -30.74 24.06 0.91
C ALA A 386 -29.90 24.11 -0.37
N GLN A 387 -28.67 23.62 -0.31
CA GLN A 387 -27.79 23.64 -1.48
C GLN A 387 -27.96 22.42 -2.38
N ILE A 388 -28.45 21.31 -1.85
CA ILE A 388 -28.53 20.06 -2.60
C ILE A 388 -29.82 20.05 -3.41
N ASP A 389 -29.70 19.89 -4.72
CA ASP A 389 -30.83 19.83 -5.63
C ASP A 389 -31.00 18.37 -6.06
N LEU A 390 -32.01 17.71 -5.51
CA LEU A 390 -32.23 16.30 -5.85
C LEU A 390 -32.95 16.12 -7.17
N THR A 391 -33.95 16.95 -7.44
CA THR A 391 -34.96 16.64 -8.45
C THR A 391 -34.40 16.74 -9.87
N ASN A 392 -33.36 17.52 -10.09
CA ASN A 392 -32.70 17.56 -11.39
C ASN A 392 -31.40 16.77 -11.43
N SER A 393 -30.89 16.34 -10.28
CA SER A 393 -29.79 15.41 -10.23
C SER A 393 -30.30 14.02 -10.59
N PRO A 394 -29.42 13.10 -11.01
CA PRO A 394 -29.88 11.73 -11.28
C PRO A 394 -30.02 10.85 -10.06
N PHE A 395 -30.09 11.45 -8.87
CA PHE A 395 -30.06 10.71 -7.61
C PHE A 395 -31.37 10.86 -6.87
N TYR A 396 -31.79 9.79 -6.18
CA TYR A 396 -32.86 9.86 -5.20
C TYR A 396 -32.43 9.11 -3.95
N ILE A 397 -32.98 9.53 -2.82
CA ILE A 397 -32.68 8.91 -1.54
C ILE A 397 -33.93 8.20 -1.04
N ASN A 398 -33.78 6.93 -0.67
CA ASN A 398 -34.89 6.13 -0.17
C ASN A 398 -35.06 6.31 1.33
N THR A 399 -36.27 6.05 1.79
CA THR A 399 -36.56 5.92 3.21
C THR A 399 -37.15 4.56 3.58
N THR A 400 -37.56 3.78 2.60
CA THR A 400 -37.96 2.40 2.78
C THR A 400 -37.07 1.50 1.94
N CYS A 401 -36.76 0.32 2.48
CA CYS A 401 -35.90 -0.63 1.79
C CYS A 401 -36.59 -1.17 0.53
N GLN A 402 -36.09 -0.78 -0.61
CA GLN A 402 -36.76 -1.08 -1.86
C GLN A 402 -36.06 -2.23 -2.58
N PRO A 403 -36.76 -2.95 -3.44
CA PRO A 403 -36.08 -3.88 -4.34
C PRO A 403 -35.19 -3.15 -5.32
N TRP A 404 -34.18 -3.84 -5.79
CA TRP A 404 -33.24 -3.31 -6.77
C TRP A 404 -33.39 -4.13 -8.04
N GLN A 405 -33.73 -3.45 -9.13
CA GLN A 405 -33.94 -4.09 -10.42
C GLN A 405 -33.73 -3.07 -11.53
N PRO A 406 -32.52 -2.99 -12.07
CA PRO A 406 -32.22 -1.95 -13.07
C PRO A 406 -32.87 -2.25 -14.42
N GLU A 407 -32.78 -1.25 -15.30
CA GLU A 407 -33.28 -1.42 -16.66
C GLU A 407 -32.45 -2.43 -17.45
N SER A 408 -31.17 -2.55 -17.13
CA SER A 408 -30.36 -3.66 -17.56
C SER A 408 -30.38 -4.76 -16.50
N GLY A 409 -29.86 -5.92 -16.86
CA GLY A 409 -29.88 -7.05 -15.97
C GLY A 409 -28.78 -7.10 -14.94
N ILE A 410 -27.91 -6.10 -14.88
CA ILE A 410 -26.73 -6.10 -14.03
C ILE A 410 -26.87 -4.98 -13.02
N ARG A 411 -26.69 -5.32 -11.74
CA ARG A 411 -26.71 -4.35 -10.65
C ARG A 411 -25.28 -3.90 -10.37
N ARG A 412 -24.97 -2.65 -10.72
CA ARG A 412 -23.65 -2.07 -10.50
C ARG A 412 -23.74 -1.01 -9.42
N ALA A 413 -22.61 -0.70 -8.80
CA ALA A 413 -22.64 0.17 -7.65
C ALA A 413 -21.35 0.96 -7.54
N GLY A 414 -21.17 1.64 -6.41
CA GLY A 414 -19.99 2.42 -6.14
C GLY A 414 -19.93 2.93 -4.73
N VAL A 415 -18.79 2.74 -4.06
CA VAL A 415 -18.56 3.21 -2.70
C VAL A 415 -17.52 4.31 -2.75
N THR A 416 -17.79 5.42 -2.06
CA THR A 416 -16.86 6.53 -1.97
C THR A 416 -16.54 6.79 -0.51
N SER A 417 -15.26 6.86 -0.18
CA SER A 417 -14.81 7.18 1.17
C SER A 417 -13.73 8.24 1.08
N LEU A 418 -13.82 9.25 1.95
CA LEU A 418 -12.99 10.45 1.87
C LEU A 418 -12.21 10.62 3.16
N GLY A 419 -10.88 10.68 3.06
CA GLY A 419 -10.06 10.88 4.22
C GLY A 419 -10.03 12.33 4.65
N MET A 420 -9.67 12.55 5.92
CA MET A 420 -9.64 13.91 6.46
C MET A 420 -8.44 14.69 5.92
N GLY A 421 -7.30 14.02 5.70
CA GLY A 421 -6.16 14.68 5.11
C GLY A 421 -6.34 15.05 3.65
N GLY A 422 -7.26 14.39 2.96
CA GLY A 422 -7.57 14.77 1.60
C GLY A 422 -7.56 13.62 0.63
N THR A 423 -7.47 12.39 1.13
CA THR A 423 -7.37 11.21 0.28
C THR A 423 -8.76 10.64 0.01
N ASN A 424 -9.07 10.42 -1.27
CA ASN A 424 -10.38 9.97 -1.69
C ASN A 424 -10.27 8.60 -2.34
N ALA A 425 -11.32 7.79 -2.20
CA ALA A 425 -11.33 6.47 -2.79
C ALA A 425 -12.73 6.14 -3.30
N HIS A 426 -12.80 5.57 -4.50
CA HIS A 426 -14.06 5.15 -5.10
C HIS A 426 -13.89 3.76 -5.69
N VAL A 427 -14.71 2.82 -5.24
CA VAL A 427 -14.65 1.42 -5.65
C VAL A 427 -15.95 1.07 -6.35
N VAL A 428 -15.86 0.51 -7.54
CA VAL A 428 -17.02 0.18 -8.36
C VAL A 428 -17.28 -1.32 -8.26
N LEU A 429 -18.49 -1.70 -7.85
CA LEU A 429 -18.85 -3.09 -7.54
C LEU A 429 -19.89 -3.61 -8.53
N GLU A 430 -19.43 -4.35 -9.53
CA GLU A 430 -20.32 -5.02 -10.46
C GLU A 430 -20.96 -6.26 -9.81
N GLN A 431 -22.14 -6.64 -10.32
CA GLN A 431 -22.81 -7.87 -9.92
C GLN A 431 -21.94 -9.09 -10.20
N ALA A 432 -22.02 -10.07 -9.29
CA ALA A 432 -21.35 -11.35 -9.48
C ALA A 432 -21.89 -12.06 -10.72
N PRO A 433 -21.01 -12.63 -11.55
CA PRO A 433 -21.49 -13.32 -12.76
C PRO A 433 -22.22 -14.60 -12.42
N ALA A 434 -23.49 -14.66 -12.79
CA ALA A 434 -24.36 -15.76 -12.38
C ALA A 434 -23.95 -17.06 -13.05
N VAL A 435 -24.28 -18.17 -12.39
CA VAL A 435 -23.87 -19.50 -12.82
C VAL A 435 -25.09 -20.32 -13.18
N ASP A 436 -24.86 -21.40 -13.91
CA ASP A 436 -25.92 -22.34 -14.31
C ASP A 436 -26.13 -23.32 -13.15
N LEU A 437 -27.06 -22.99 -12.27
CA LEU A 437 -27.33 -23.83 -11.10
C LEU A 437 -28.09 -25.10 -11.46
N GLN A 438 -28.99 -25.02 -12.45
CA GLN A 438 -29.82 -26.16 -12.81
C GLN A 438 -29.07 -27.26 -13.52
N ALA A 439 -27.88 -26.98 -14.06
CA ALA A 439 -27.10 -28.00 -14.74
C ALA A 439 -26.29 -28.88 -13.77
N ARG A 440 -26.29 -28.54 -12.49
CA ARG A 440 -25.51 -29.30 -11.53
C ARG A 440 -26.20 -30.62 -11.19
N ALA A 441 -25.39 -31.59 -10.78
CA ALA A 441 -25.87 -32.94 -10.49
C ALA A 441 -26.77 -32.95 -9.26
N PRO A 442 -27.65 -33.96 -9.14
CA PRO A 442 -28.50 -34.05 -7.94
C PRO A 442 -27.71 -34.29 -6.66
N VAL A 443 -28.26 -33.81 -5.56
CA VAL A 443 -27.58 -33.82 -4.27
C VAL A 443 -27.52 -35.26 -3.76
N PRO A 444 -26.43 -35.70 -3.14
CA PRO A 444 -26.38 -37.04 -2.54
C PRO A 444 -27.40 -37.21 -1.42
N ALA A 445 -27.87 -38.45 -1.28
CA ALA A 445 -29.08 -38.74 -0.50
C ALA A 445 -28.90 -38.50 1.00
N TYR A 446 -27.69 -38.57 1.52
CA TYR A 446 -27.42 -38.26 2.92
C TYR A 446 -26.15 -37.43 3.00
N SER A 447 -25.99 -36.72 4.12
CA SER A 447 -24.78 -35.93 4.25
C SER A 447 -24.34 -35.87 5.72
N ILE A 448 -23.04 -35.87 5.92
CA ILE A 448 -22.45 -35.69 7.25
C ILE A 448 -22.21 -34.21 7.46
N LEU A 449 -22.66 -33.70 8.60
CA LEU A 449 -22.38 -32.33 9.03
C LEU A 449 -21.40 -32.40 10.18
N PRO A 450 -20.11 -32.09 9.96
CA PRO A 450 -19.14 -32.13 11.06
C PRO A 450 -18.96 -30.79 11.76
N PHE A 451 -18.99 -30.78 13.08
CA PHE A 451 -18.72 -29.59 13.87
C PHE A 451 -17.53 -29.89 14.79
N SER A 452 -16.69 -28.88 15.03
CA SER A 452 -15.49 -29.09 15.82
C SER A 452 -15.06 -27.77 16.43
N ALA A 453 -14.57 -27.83 17.66
CA ALA A 453 -14.11 -26.65 18.36
C ALA A 453 -13.03 -27.03 19.36
N LYS A 454 -12.24 -26.04 19.74
CA LYS A 454 -11.10 -26.24 20.62
C LYS A 454 -11.50 -26.42 22.07
N THR A 455 -12.74 -26.07 22.44
CA THR A 455 -13.19 -26.11 23.82
C THR A 455 -14.63 -26.61 23.81
N ASP A 456 -15.05 -27.25 24.91
CA ASP A 456 -16.40 -27.77 25.01
C ASP A 456 -17.45 -26.65 24.99
N SER A 457 -17.17 -25.54 25.66
CA SER A 457 -18.10 -24.42 25.66
C SER A 457 -18.22 -23.79 24.28
N ALA A 458 -17.11 -23.70 23.56
CA ALA A 458 -17.14 -23.21 22.19
C ALA A 458 -17.89 -24.17 21.26
N LEU A 459 -17.83 -25.47 21.54
CA LEU A 459 -18.59 -26.43 20.73
C LEU A 459 -20.09 -26.31 21.02
N SER A 460 -20.46 -26.10 22.28
CA SER A 460 -21.86 -25.92 22.62
C SER A 460 -22.42 -24.63 22.01
N SER A 461 -21.63 -23.56 22.04
CA SER A 461 -22.07 -22.30 21.44
C SER A 461 -22.14 -22.39 19.92
N GLY A 462 -21.18 -23.07 19.30
CA GLY A 462 -21.23 -23.25 17.86
C GLY A 462 -22.27 -24.24 17.40
N LEU A 463 -22.77 -25.09 18.30
CA LEU A 463 -23.94 -25.90 17.98
C LEU A 463 -25.22 -25.08 18.11
N ALA A 464 -25.30 -24.21 19.14
CA ALA A 464 -26.46 -23.34 19.29
C ALA A 464 -26.55 -22.32 18.15
N ARG A 465 -25.43 -21.93 17.56
CA ARG A 465 -25.48 -20.96 16.47
C ARG A 465 -26.03 -21.59 15.19
N PHE A 466 -25.67 -22.83 14.88
CA PHE A 466 -26.36 -23.52 13.78
C PHE A 466 -27.79 -23.90 14.14
N ALA A 467 -28.11 -24.08 15.43
CA ALA A 467 -29.50 -24.23 15.82
C ALA A 467 -30.32 -22.99 15.50
N ASP A 468 -29.77 -21.81 15.77
CA ASP A 468 -30.43 -20.56 15.38
C ASP A 468 -30.43 -20.38 13.88
N PHE A 469 -29.36 -20.79 13.19
CA PHE A 469 -29.22 -20.55 11.76
C PHE A 469 -30.19 -21.42 10.95
N LEU A 470 -30.43 -22.65 11.38
CA LEU A 470 -31.22 -23.57 10.58
C LEU A 470 -32.71 -23.45 10.83
N GLN A 471 -33.13 -22.49 11.65
CA GLN A 471 -34.55 -22.16 11.83
C GLN A 471 -35.03 -21.13 10.82
N HIS A 472 -34.39 -21.02 9.67
CA HIS A 472 -34.74 -20.04 8.65
C HIS A 472 -35.36 -20.76 7.46
N GLU A 473 -35.65 -19.96 6.44
CA GLU A 473 -36.20 -20.45 5.18
C GLU A 473 -35.25 -20.07 4.06
N SER A 474 -35.36 -20.80 2.95
CA SER A 474 -34.41 -20.78 1.82
C SER A 474 -32.99 -21.05 2.32
N LEU A 475 -32.84 -22.19 2.98
CA LEU A 475 -31.54 -22.66 3.44
C LEU A 475 -30.68 -23.05 2.24
N PRO A 476 -29.33 -23.00 2.38
CA PRO A 476 -28.47 -23.32 1.23
C PRO A 476 -28.49 -24.78 0.85
N ASP A 477 -27.70 -25.13 -0.17
CA ASP A 477 -27.63 -26.49 -0.66
C ASP A 477 -26.99 -27.39 0.39
N ARG A 478 -27.57 -28.58 0.58
CA ARG A 478 -27.08 -29.52 1.57
C ARG A 478 -25.71 -30.06 1.19
N ARG A 479 -25.49 -30.28 -0.11
CA ARG A 479 -24.16 -30.62 -0.62
C ARG A 479 -23.17 -29.50 -0.35
N ASP A 480 -23.59 -28.25 -0.51
CA ASP A 480 -22.69 -27.13 -0.33
C ASP A 480 -22.52 -26.74 1.13
N LEU A 481 -23.36 -27.25 2.01
CA LEU A 481 -23.09 -27.11 3.44
C LEU A 481 -22.17 -28.23 3.92
N ALA A 482 -22.32 -29.43 3.35
CA ALA A 482 -21.44 -30.53 3.69
C ALA A 482 -20.04 -30.38 3.11
N TRP A 483 -19.89 -29.62 2.03
CA TRP A 483 -18.57 -29.35 1.47
C TRP A 483 -17.98 -28.04 1.97
N THR A 484 -18.61 -27.40 2.94
CA THR A 484 -18.06 -26.22 3.57
C THR A 484 -17.82 -26.43 5.05
N LEU A 485 -18.57 -27.33 5.68
CA LEU A 485 -18.21 -27.73 7.04
C LEU A 485 -17.04 -28.70 7.08
N SER A 486 -16.71 -29.33 5.96
CA SER A 486 -15.62 -30.29 5.91
C SER A 486 -14.34 -29.67 5.36
N GLN A 487 -14.39 -29.13 4.15
CA GLN A 487 -13.31 -28.33 3.59
C GLN A 487 -13.69 -26.86 3.77
N GLY A 488 -13.09 -26.22 4.75
CA GLY A 488 -13.47 -24.86 5.05
C GLY A 488 -13.45 -24.59 6.53
N ARG A 489 -13.52 -25.64 7.33
CA ARG A 489 -13.36 -25.56 8.76
C ARG A 489 -12.20 -26.43 9.21
N LYS A 490 -11.52 -25.99 10.27
CA LYS A 490 -10.37 -26.70 10.79
C LYS A 490 -10.81 -27.71 11.84
N ALA A 491 -10.41 -28.96 11.65
CA ALA A 491 -10.79 -30.04 12.56
C ALA A 491 -10.06 -29.86 13.88
N PHE A 492 -10.81 -29.58 14.93
CA PHE A 492 -10.25 -29.34 16.25
C PHE A 492 -10.47 -30.57 17.15
N ALA A 493 -10.21 -30.39 18.44
CA ALA A 493 -10.24 -31.50 19.39
C ALA A 493 -11.66 -31.96 19.68
N HIS A 494 -12.49 -31.07 20.20
CA HIS A 494 -13.86 -31.43 20.61
C HIS A 494 -14.74 -31.48 19.37
N ARG A 495 -15.23 -32.67 19.02
CA ARG A 495 -15.96 -32.83 17.78
C ARG A 495 -17.37 -33.33 18.02
N ALA A 496 -18.20 -33.15 16.99
CA ALA A 496 -19.57 -33.66 16.91
C ALA A 496 -19.89 -33.83 15.43
N ALA A 497 -20.90 -34.66 15.14
CA ALA A 497 -21.20 -34.98 13.76
C ALA A 497 -22.64 -35.46 13.63
N LEU A 498 -23.26 -35.06 12.52
CA LEU A 498 -24.66 -35.34 12.22
C LEU A 498 -24.76 -36.06 10.88
N VAL A 499 -25.74 -36.95 10.75
CA VAL A 499 -26.01 -37.62 9.48
C VAL A 499 -27.44 -37.25 9.11
N THR A 500 -27.60 -36.33 8.16
CA THR A 500 -28.89 -35.72 7.91
C THR A 500 -29.36 -35.99 6.49
N ARG A 501 -30.69 -35.86 6.34
CA ARG A 501 -31.38 -35.86 5.06
C ARG A 501 -32.18 -34.59 4.80
N ASP A 502 -32.60 -33.88 5.84
CA ASP A 502 -33.16 -32.54 5.71
C ASP A 502 -32.59 -31.64 6.80
N LEU A 503 -32.58 -30.34 6.51
CA LEU A 503 -31.86 -29.40 7.36
C LEU A 503 -32.71 -28.79 8.47
N HIS A 504 -34.03 -28.71 8.30
CA HIS A 504 -34.88 -28.12 9.33
C HIS A 504 -34.99 -29.06 10.54
N ALA A 505 -35.11 -30.37 10.29
CA ALA A 505 -35.08 -31.33 11.39
C ALA A 505 -33.70 -31.40 12.02
N ALA A 506 -32.65 -31.16 11.22
CA ALA A 506 -31.31 -31.03 11.78
C ALA A 506 -31.23 -29.83 12.72
N GLY A 507 -31.86 -28.72 12.35
CA GLY A 507 -31.88 -27.55 13.22
C GLY A 507 -32.64 -27.79 14.51
N THR A 508 -33.80 -28.41 14.43
CA THR A 508 -34.53 -28.70 15.67
C THR A 508 -33.92 -29.85 16.46
N LEU A 509 -32.99 -30.61 15.87
CA LEU A 509 -32.29 -31.64 16.62
C LEU A 509 -31.05 -31.07 17.31
N LEU A 510 -30.36 -30.12 16.67
CA LEU A 510 -29.32 -29.33 17.32
C LEU A 510 -29.86 -28.29 18.28
N GLN A 511 -31.18 -28.04 18.28
CA GLN A 511 -31.79 -27.16 19.27
C GLN A 511 -31.58 -27.70 20.68
N GLN A 512 -31.71 -29.01 20.86
CA GLN A 512 -31.38 -29.66 22.12
C GLN A 512 -29.93 -30.14 22.09
N ALA A 513 -29.28 -30.07 23.26
CA ALA A 513 -27.87 -30.42 23.36
C ALA A 513 -27.63 -31.69 24.17
N ALA A 514 -28.11 -31.74 25.40
CA ALA A 514 -27.87 -32.92 26.24
C ALA A 514 -28.73 -34.10 25.83
N THR A 515 -29.92 -33.85 25.30
CA THR A 515 -30.88 -34.90 24.97
C THR A 515 -30.96 -35.11 23.46
N ALA A 516 -29.83 -35.05 22.77
CA ALA A 516 -29.80 -35.20 21.32
C ALA A 516 -28.88 -36.35 20.93
N PRO A 517 -29.34 -37.30 20.11
CA PRO A 517 -28.52 -38.46 19.72
C PRO A 517 -27.74 -38.30 18.41
N PHE A 518 -26.68 -37.50 18.44
CA PHE A 518 -25.73 -37.47 17.33
C PHE A 518 -24.35 -37.92 17.84
N ALA A 519 -23.38 -37.93 16.93
CA ALA A 519 -22.02 -38.28 17.33
C ALA A 519 -21.40 -37.11 18.07
N ARG A 520 -20.76 -37.37 19.22
CA ARG A 520 -20.23 -36.31 20.04
C ARG A 520 -19.08 -36.84 20.89
N GLY A 521 -18.03 -36.06 21.05
CA GLY A 521 -16.95 -36.48 21.92
C GLY A 521 -15.70 -35.64 21.69
N VAL A 522 -14.56 -36.21 22.10
CA VAL A 522 -13.25 -35.59 22.03
C VAL A 522 -12.35 -36.51 21.20
N ALA A 523 -11.64 -35.93 20.24
CA ALA A 523 -10.81 -36.73 19.35
C ALA A 523 -9.41 -36.94 19.93
N GLN A 524 -8.82 -38.09 19.63
CA GLN A 524 -7.51 -38.50 20.09
C GLN A 524 -6.58 -38.70 18.88
N THR A 525 -5.40 -39.26 19.16
CA THR A 525 -4.41 -39.48 18.11
C THR A 525 -4.85 -40.59 17.16
N GLN A 526 -5.35 -41.71 17.71
CA GLN A 526 -5.95 -42.82 16.97
C GLN A 526 -4.98 -43.43 15.97
N LEU A 527 -3.97 -44.10 16.53
CA LEU A 527 -2.84 -44.65 15.76
C LEU A 527 -3.28 -45.68 14.72
N GLY A 528 -4.41 -46.36 14.92
CA GLY A 528 -4.81 -47.33 13.92
C GLY A 528 -6.22 -47.85 14.16
N LEU A 529 -6.65 -48.71 13.23
CA LEU A 529 -7.99 -49.27 13.19
C LEU A 529 -7.92 -50.79 13.06
N GLY A 530 -8.80 -51.49 13.75
CA GLY A 530 -8.90 -52.94 13.65
C GLY A 530 -10.07 -53.36 12.79
N LEU A 531 -9.79 -54.21 11.81
CA LEU A 531 -10.78 -54.70 10.86
C LEU A 531 -11.18 -56.13 11.22
N LEU A 532 -12.11 -56.27 12.16
CA LEU A 532 -12.68 -57.56 12.53
C LEU A 532 -13.65 -58.02 11.45
N PHE A 533 -13.22 -58.98 10.65
CA PHE A 533 -14.09 -59.50 9.60
C PHE A 533 -15.11 -60.45 10.19
N SER A 534 -16.32 -60.44 9.64
CA SER A 534 -17.44 -61.09 10.28
C SER A 534 -17.54 -62.56 9.88
N GLY A 535 -18.55 -63.24 10.41
CA GLY A 535 -18.65 -64.68 10.33
C GLY A 535 -19.20 -65.22 9.03
N GLN A 536 -20.09 -66.18 9.13
CA GLN A 536 -20.57 -66.94 7.98
C GLN A 536 -22.08 -66.99 7.86
N GLY A 537 -22.80 -67.09 8.98
CA GLY A 537 -24.25 -67.19 8.93
C GLY A 537 -24.94 -65.93 9.42
N SER A 538 -24.42 -64.78 9.04
CA SER A 538 -24.87 -63.48 9.56
C SER A 538 -25.11 -62.50 8.43
N GLN A 539 -25.90 -62.90 7.43
CA GLN A 539 -26.24 -62.03 6.31
C GLN A 539 -27.75 -61.97 6.14
N TYR A 540 -28.18 -61.29 5.09
CA TYR A 540 -29.59 -61.12 4.78
C TYR A 540 -29.76 -60.83 3.30
N GLN A 541 -30.99 -61.00 2.82
CA GLN A 541 -31.32 -60.71 1.43
C GLN A 541 -31.34 -59.20 1.20
N ARG A 542 -30.92 -58.80 -0.02
CA ARG A 542 -30.79 -57.40 -0.45
C ARG A 542 -29.82 -56.64 0.43
N MET A 543 -28.58 -57.13 0.47
CA MET A 543 -27.49 -56.46 1.15
C MET A 543 -26.53 -55.88 0.13
N GLY A 544 -25.94 -54.73 0.45
CA GLY A 544 -25.00 -54.07 -0.42
C GLY A 544 -25.58 -53.51 -1.71
N HIS A 545 -26.91 -53.40 -1.81
CA HIS A 545 -27.51 -52.87 -3.03
C HIS A 545 -27.34 -51.37 -3.10
N GLN A 546 -27.47 -50.68 -1.95
CA GLN A 546 -27.25 -49.25 -1.90
C GLN A 546 -25.81 -48.90 -2.21
N LEU A 547 -24.86 -49.60 -1.56
CA LEU A 547 -23.44 -49.32 -1.71
C LEU A 547 -22.92 -49.66 -3.08
N TYR A 548 -23.61 -50.55 -3.82
CA TYR A 548 -23.20 -50.89 -5.17
C TYR A 548 -23.38 -49.72 -6.12
N GLN A 549 -24.47 -48.96 -5.95
CA GLN A 549 -24.82 -47.91 -6.89
C GLN A 549 -24.43 -46.51 -6.42
N VAL A 550 -24.33 -46.28 -5.10
CA VAL A 550 -23.96 -44.96 -4.62
C VAL A 550 -22.48 -44.69 -4.88
N TRP A 551 -21.62 -45.65 -4.53
CA TRP A 551 -20.20 -45.38 -4.69
C TRP A 551 -19.61 -46.24 -5.81
N PRO A 552 -18.68 -45.70 -6.60
CA PRO A 552 -18.10 -46.50 -7.68
C PRO A 552 -16.94 -47.38 -7.26
N ALA A 553 -16.33 -47.11 -6.10
CA ALA A 553 -15.27 -47.98 -5.59
C ALA A 553 -15.83 -49.34 -5.20
N TYR A 554 -16.98 -49.37 -4.53
CA TYR A 554 -17.65 -50.63 -4.21
C TYR A 554 -18.11 -51.34 -5.47
N ALA A 555 -18.56 -50.58 -6.48
CA ALA A 555 -18.97 -51.19 -7.74
C ALA A 555 -17.80 -51.84 -8.46
N ASP A 556 -16.64 -51.17 -8.48
CA ASP A 556 -15.46 -51.75 -9.11
C ASP A 556 -14.91 -52.93 -8.31
N ALA A 557 -15.06 -52.90 -6.98
CA ALA A 557 -14.60 -54.02 -6.17
C ALA A 557 -15.53 -55.22 -6.31
N PHE A 558 -16.84 -54.99 -6.41
CA PHE A 558 -17.79 -56.08 -6.62
C PHE A 558 -17.66 -56.64 -8.02
N ASP A 559 -17.32 -55.79 -8.99
CA ASP A 559 -16.90 -56.29 -10.29
C ASP A 559 -15.53 -56.95 -10.16
N ARG A 560 -15.21 -57.77 -11.19
CA ARG A 560 -14.07 -58.70 -11.33
C ARG A 560 -14.25 -59.93 -10.42
N CYS A 561 -15.30 -59.94 -9.61
CA CYS A 561 -15.69 -61.12 -8.86
C CYS A 561 -16.78 -61.92 -9.59
N ALA A 562 -17.93 -61.26 -9.82
CA ALA A 562 -19.06 -61.94 -10.44
C ALA A 562 -18.81 -62.26 -11.90
N THR A 563 -17.99 -61.45 -12.58
CA THR A 563 -17.60 -61.74 -13.95
C THR A 563 -16.81 -63.04 -14.04
N LEU A 564 -15.88 -63.26 -13.11
CA LEU A 564 -15.12 -64.50 -13.11
C LEU A 564 -15.97 -65.68 -12.63
N LEU A 565 -16.88 -65.46 -11.68
CA LEU A 565 -17.78 -66.54 -11.26
C LEU A 565 -18.80 -66.91 -12.33
N GLU A 566 -19.11 -66.01 -13.26
CA GLU A 566 -19.96 -66.37 -14.38
C GLU A 566 -19.18 -66.82 -15.61
N ARG A 567 -17.88 -66.52 -15.67
CA ARG A 567 -17.04 -66.99 -16.77
C ARG A 567 -16.53 -68.40 -16.53
N GLU A 568 -15.85 -68.62 -15.41
CA GLU A 568 -15.34 -69.96 -15.10
C GLU A 568 -16.46 -70.90 -14.69
N TYR A 569 -17.18 -70.55 -13.62
CA TYR A 569 -18.28 -71.35 -13.12
C TYR A 569 -19.58 -70.90 -13.78
N GLN A 570 -20.71 -71.37 -13.27
CA GLN A 570 -22.01 -71.12 -13.87
C GLN A 570 -22.98 -70.54 -12.86
N LEU A 571 -22.52 -69.53 -12.11
CA LEU A 571 -23.39 -68.82 -11.17
C LEU A 571 -23.13 -67.33 -11.30
N ASP A 572 -24.14 -66.54 -10.96
CA ASP A 572 -24.06 -65.08 -11.05
C ASP A 572 -24.52 -64.48 -9.74
N ILE A 573 -23.65 -63.66 -9.13
CA ILE A 573 -23.95 -63.06 -7.84
C ILE A 573 -24.99 -61.95 -7.96
N ARG A 574 -24.85 -61.10 -8.99
CA ARG A 574 -25.72 -59.93 -9.12
C ARG A 574 -27.16 -60.31 -9.45
N HIS A 575 -27.35 -61.45 -10.13
CA HIS A 575 -28.71 -61.96 -10.33
C HIS A 575 -29.31 -62.45 -9.03
N GLU A 576 -28.50 -63.03 -8.15
CA GLU A 576 -29.00 -63.50 -6.87
C GLU A 576 -29.16 -62.37 -5.86
N LEU A 577 -28.56 -61.21 -6.10
CA LEU A 577 -28.72 -60.05 -5.23
C LEU A 577 -29.61 -58.97 -5.81
N PHE A 578 -29.29 -58.46 -7.00
CA PHE A 578 -29.96 -57.27 -7.52
C PHE A 578 -31.14 -57.60 -8.42
N ARG A 579 -31.05 -58.68 -9.19
CA ARG A 579 -32.18 -59.11 -10.02
C ARG A 579 -33.14 -60.03 -9.26
N ALA A 580 -32.83 -60.35 -8.01
CA ALA A 580 -33.66 -61.27 -7.24
C ALA A 580 -34.90 -60.55 -6.69
N GLU A 581 -35.80 -61.33 -6.12
CA GLU A 581 -37.05 -60.82 -5.57
C GLU A 581 -37.03 -60.87 -4.06
N VAL A 582 -37.69 -59.90 -3.44
CA VAL A 582 -37.77 -59.81 -1.98
C VAL A 582 -38.89 -60.72 -1.51
N SER A 583 -38.52 -61.89 -1.00
CA SER A 583 -39.49 -62.87 -0.52
C SER A 583 -38.81 -63.78 0.49
N LEU A 584 -39.64 -64.46 1.28
CA LEU A 584 -39.14 -65.46 2.23
C LEU A 584 -38.85 -66.79 1.55
N ALA A 585 -39.30 -66.99 0.32
CA ALA A 585 -39.01 -68.21 -0.42
C ALA A 585 -37.53 -68.30 -0.75
N GLN A 586 -36.91 -67.18 -1.12
CA GLN A 586 -35.47 -67.14 -1.37
C GLN A 586 -34.65 -67.06 -0.10
N GLY A 587 -35.29 -66.77 1.04
CA GLY A 587 -34.56 -66.60 2.29
C GLY A 587 -33.89 -67.86 2.78
N GLU A 588 -34.56 -69.00 2.58
CA GLU A 588 -33.89 -70.28 2.80
C GLU A 588 -33.04 -70.69 1.61
N ARG A 589 -33.23 -70.06 0.45
CA ARG A 589 -32.47 -70.45 -0.74
C ARG A 589 -31.05 -69.91 -0.70
N LEU A 590 -30.83 -68.70 -0.20
CA LEU A 590 -29.46 -68.17 -0.23
C LEU A 590 -28.63 -68.64 0.95
N ALA A 591 -29.24 -69.34 1.91
CA ALA A 591 -28.53 -69.78 3.11
C ALA A 591 -27.68 -71.03 2.90
N GLN A 592 -27.84 -71.73 1.78
CA GLN A 592 -27.04 -72.92 1.53
C GLN A 592 -25.61 -72.53 1.16
N THR A 593 -24.67 -73.42 1.50
CA THR A 593 -23.24 -73.14 1.44
C THR A 593 -22.74 -72.95 0.01
N CYS A 594 -23.45 -73.48 -0.98
CA CYS A 594 -23.02 -73.39 -2.37
C CYS A 594 -23.05 -71.96 -2.90
N LEU A 595 -24.03 -71.16 -2.47
CA LEU A 595 -24.16 -69.78 -2.91
C LEU A 595 -24.17 -68.83 -1.72
N THR A 596 -23.33 -69.11 -0.73
CA THR A 596 -23.15 -68.22 0.42
C THR A 596 -21.70 -67.81 0.61
N GLN A 597 -20.76 -68.75 0.43
CA GLN A 597 -19.36 -68.49 0.80
C GLN A 597 -18.69 -67.48 -0.15
N PRO A 598 -18.62 -67.69 -1.48
CA PRO A 598 -17.96 -66.65 -2.30
C PRO A 598 -18.78 -65.40 -2.45
N LEU A 599 -20.10 -65.49 -2.27
CA LEU A 599 -20.97 -64.32 -2.31
C LEU A 599 -20.68 -63.40 -1.12
N LEU A 600 -20.62 -63.95 0.09
CA LEU A 600 -20.28 -63.18 1.27
C LEU A 600 -18.82 -62.73 1.23
N PHE A 601 -17.93 -63.53 0.61
CA PHE A 601 -16.55 -63.12 0.44
C PHE A 601 -16.44 -61.90 -0.47
N SER A 602 -17.21 -61.89 -1.57
CA SER A 602 -17.18 -60.74 -2.48
C SER A 602 -17.82 -59.51 -1.85
N VAL A 603 -18.88 -59.70 -1.04
CA VAL A 603 -19.49 -58.58 -0.33
C VAL A 603 -18.52 -57.98 0.68
N GLU A 604 -17.86 -58.83 1.47
CA GLU A 604 -16.92 -58.35 2.47
C GLU A 604 -15.68 -57.73 1.83
N TYR A 605 -15.23 -58.29 0.71
CA TYR A 605 -14.12 -57.71 -0.03
C TYR A 605 -14.48 -56.35 -0.60
N ALA A 606 -15.70 -56.20 -1.11
CA ALA A 606 -16.13 -54.91 -1.64
C ALA A 606 -16.24 -53.86 -0.55
N LEU A 607 -16.79 -54.25 0.62
CA LEU A 607 -16.88 -53.31 1.74
C LEU A 607 -15.49 -52.92 2.26
N ALA A 608 -14.57 -53.88 2.29
CA ALA A 608 -13.22 -53.59 2.76
C ALA A 608 -12.46 -52.70 1.76
N GLN A 609 -12.66 -52.92 0.46
CA GLN A 609 -12.06 -52.04 -0.54
C GLN A 609 -12.65 -50.64 -0.49
N LEU A 610 -13.95 -50.53 -0.18
CA LEU A 610 -14.55 -49.22 0.06
C LEU A 610 -13.91 -48.51 1.25
N TRP A 611 -13.76 -49.21 2.37
CA TRP A 611 -13.18 -48.59 3.55
C TRP A 611 -11.71 -48.24 3.34
N LEU A 612 -11.00 -49.03 2.53
CA LEU A 612 -9.66 -48.63 2.09
C LEU A 612 -9.70 -47.40 1.20
N SER A 613 -10.73 -47.29 0.35
CA SER A 613 -10.86 -46.16 -0.56
C SER A 613 -11.16 -44.87 0.19
N TRP A 614 -11.78 -44.95 1.36
CA TRP A 614 -12.03 -43.74 2.16
C TRP A 614 -10.88 -43.35 3.06
N GLY A 615 -9.67 -43.80 2.77
CA GLY A 615 -8.48 -43.34 3.46
C GLY A 615 -8.35 -43.74 4.92
N ILE A 616 -8.65 -44.99 5.26
CA ILE A 616 -8.40 -45.50 6.60
C ILE A 616 -7.32 -46.56 6.53
N THR A 617 -6.58 -46.72 7.62
CA THR A 617 -5.44 -47.62 7.66
C THR A 617 -5.73 -48.80 8.58
N PRO A 618 -5.70 -50.03 8.06
CA PRO A 618 -5.85 -51.20 8.94
C PRO A 618 -4.58 -51.48 9.72
N THR A 619 -4.74 -51.78 11.00
CA THR A 619 -3.62 -52.16 11.86
C THR A 619 -3.64 -53.65 12.19
N VAL A 620 -4.74 -54.17 12.73
CA VAL A 620 -4.95 -55.59 12.91
C VAL A 620 -6.22 -55.98 12.16
N MET A 621 -6.23 -57.21 11.66
CA MET A 621 -7.34 -57.64 10.81
C MET A 621 -7.55 -59.14 10.92
N ILE A 622 -8.42 -59.53 11.85
CA ILE A 622 -8.69 -60.91 12.13
C ILE A 622 -9.85 -61.39 11.24
N GLY A 623 -10.10 -62.69 11.26
CA GLY A 623 -11.21 -63.27 10.54
C GLY A 623 -12.07 -64.15 11.44
N HIS A 624 -13.17 -64.65 10.87
CA HIS A 624 -14.03 -65.60 11.58
C HIS A 624 -14.65 -66.52 10.54
N SER A 625 -13.97 -67.64 10.27
CA SER A 625 -14.41 -68.80 9.47
C SER A 625 -14.60 -68.53 7.99
N LEU A 626 -14.56 -67.27 7.58
CA LEU A 626 -14.30 -66.88 6.21
C LEU A 626 -13.35 -65.70 6.11
N GLY A 627 -13.26 -64.87 7.15
CA GLY A 627 -12.51 -63.62 7.12
C GLY A 627 -11.02 -63.79 7.02
N GLU A 628 -10.49 -64.98 7.29
CA GLU A 628 -9.06 -65.19 7.11
C GLU A 628 -8.71 -65.25 5.63
N TRP A 629 -9.61 -65.77 4.79
CA TRP A 629 -9.37 -65.80 3.35
C TRP A 629 -9.31 -64.39 2.75
N VAL A 630 -10.30 -63.57 3.06
CA VAL A 630 -10.30 -62.20 2.52
C VAL A 630 -9.26 -61.35 3.24
N ALA A 631 -8.90 -61.70 4.48
CA ALA A 631 -7.80 -61.01 5.15
C ALA A 631 -6.46 -61.33 4.51
N ALA A 632 -6.27 -62.57 4.07
CA ALA A 632 -5.08 -62.92 3.31
C ALA A 632 -5.10 -62.30 1.92
N THR A 633 -6.28 -62.13 1.34
CA THR A 633 -6.40 -61.44 0.05
C THR A 633 -5.98 -59.98 0.17
N LEU A 634 -6.42 -59.30 1.23
CA LEU A 634 -6.05 -57.91 1.43
C LEU A 634 -4.61 -57.78 1.91
N ALA A 635 -4.07 -58.83 2.53
CA ALA A 635 -2.67 -58.83 2.95
C ALA A 635 -1.71 -59.11 1.81
N GLY A 636 -2.22 -59.40 0.61
CA GLY A 636 -1.38 -59.72 -0.51
C GLY A 636 -0.95 -61.16 -0.59
N VAL A 637 -1.37 -62.01 0.36
CA VAL A 637 -1.04 -63.42 0.34
C VAL A 637 -1.64 -64.08 -0.89
N PHE A 638 -2.93 -63.85 -1.12
CA PHE A 638 -3.58 -64.21 -2.37
C PHE A 638 -3.83 -62.93 -3.17
N SER A 639 -4.26 -63.12 -4.41
CA SER A 639 -4.91 -62.04 -5.13
C SER A 639 -6.41 -62.24 -4.99
N LEU A 640 -7.20 -61.44 -5.71
CA LEU A 640 -8.65 -61.61 -5.66
C LEU A 640 -9.07 -62.88 -6.41
N GLU A 641 -8.51 -63.10 -7.60
CA GLU A 641 -8.84 -64.29 -8.37
C GLU A 641 -8.23 -65.55 -7.76
N ASP A 642 -7.03 -65.43 -7.17
CA ASP A 642 -6.34 -66.58 -6.59
C ASP A 642 -7.12 -67.16 -5.41
N ALA A 643 -7.58 -66.29 -4.51
CA ALA A 643 -8.48 -66.74 -3.46
C ALA A 643 -9.86 -67.07 -4.00
N LEU A 644 -10.28 -66.42 -5.10
CA LEU A 644 -11.63 -66.56 -5.60
C LEU A 644 -11.90 -67.94 -6.18
N ARG A 645 -10.90 -68.54 -6.85
CA ARG A 645 -11.08 -69.93 -7.28
C ARG A 645 -11.17 -70.89 -6.09
N LEU A 646 -10.28 -70.74 -5.11
CA LEU A 646 -10.21 -71.73 -4.05
C LEU A 646 -11.36 -71.61 -3.05
N VAL A 647 -11.94 -70.42 -2.87
CA VAL A 647 -13.08 -70.32 -1.95
C VAL A 647 -14.30 -71.00 -2.57
N ALA A 648 -14.47 -70.89 -3.89
CA ALA A 648 -15.56 -71.59 -4.57
C ALA A 648 -15.31 -73.09 -4.58
N ARG A 649 -14.04 -73.50 -4.71
CA ARG A 649 -13.69 -74.92 -4.61
C ARG A 649 -14.02 -75.46 -3.22
N ARG A 650 -13.68 -74.70 -2.18
CA ARG A 650 -14.01 -75.07 -0.80
C ARG A 650 -15.52 -75.15 -0.59
N ALA A 651 -16.26 -74.22 -1.18
CA ALA A 651 -17.72 -74.20 -1.01
C ALA A 651 -18.37 -75.40 -1.69
N GLU A 652 -17.97 -75.72 -2.92
CA GLU A 652 -18.66 -76.83 -3.59
C GLU A 652 -18.09 -78.19 -3.20
N LEU A 653 -16.99 -78.24 -2.45
CA LEU A 653 -16.68 -79.48 -1.74
C LEU A 653 -17.33 -79.57 -0.36
N MET A 654 -17.60 -78.43 0.29
CA MET A 654 -18.26 -78.43 1.57
C MET A 654 -19.76 -78.67 1.44
N HIS A 655 -20.32 -78.45 0.25
CA HIS A 655 -21.74 -78.62 0.01
C HIS A 655 -22.21 -80.07 0.13
N GLN A 656 -21.32 -81.04 -0.03
CA GLN A 656 -21.70 -82.44 -0.06
C GLN A 656 -21.78 -83.08 1.32
N ALA A 657 -21.57 -82.33 2.39
CA ALA A 657 -21.73 -82.87 3.74
C ALA A 657 -23.21 -83.08 4.05
N PRO A 658 -23.64 -84.29 4.41
CA PRO A 658 -25.08 -84.53 4.54
C PRO A 658 -25.70 -83.93 5.80
N SER A 659 -25.04 -84.07 6.95
CA SER A 659 -25.62 -83.65 8.22
C SER A 659 -24.77 -82.56 8.86
N GLY A 660 -25.31 -81.98 9.94
CA GLY A 660 -24.61 -80.96 10.67
C GLY A 660 -25.51 -79.95 11.35
N ALA A 661 -25.16 -79.55 12.58
CA ALA A 661 -26.01 -78.60 13.35
C ALA A 661 -25.19 -77.92 14.45
N MET A 662 -25.39 -76.62 14.67
CA MET A 662 -24.68 -75.92 15.78
C MET A 662 -25.66 -75.45 16.85
N LEU A 663 -25.37 -75.73 18.13
CA LEU A 663 -26.24 -75.24 19.23
C LEU A 663 -25.41 -74.22 20.03
N MET A 664 -26.04 -73.15 20.52
CA MET A 664 -25.29 -72.06 21.20
C MET A 664 -25.39 -72.19 22.73
N VAL A 665 -24.28 -72.49 23.40
CA VAL A 665 -24.29 -72.65 24.84
C VAL A 665 -23.57 -71.46 25.47
N ALA A 666 -24.29 -70.71 26.30
CA ALA A 666 -23.68 -69.53 26.97
C ALA A 666 -23.02 -69.99 28.28
N LEU A 667 -21.75 -70.40 28.22
CA LEU A 667 -21.06 -70.94 29.43
C LEU A 667 -19.54 -70.95 29.18
N PRO A 668 -18.67 -70.70 30.20
CA PRO A 668 -17.21 -70.79 30.03
C PRO A 668 -16.74 -72.06 29.31
N GLU A 669 -15.76 -71.92 28.41
CA GLU A 669 -15.31 -73.08 27.60
C GLU A 669 -14.73 -74.21 28.47
N ALA A 670 -14.06 -73.90 29.59
CA ALA A 670 -13.47 -74.97 30.39
C ALA A 670 -14.55 -75.80 31.09
N GLN A 671 -15.59 -75.13 31.59
CA GLN A 671 -16.68 -75.84 32.22
C GLN A 671 -17.51 -76.61 31.21
N ILE A 672 -17.59 -76.10 29.97
CA ILE A 672 -18.15 -76.88 28.87
C ILE A 672 -17.27 -78.09 28.57
N ARG A 673 -15.94 -77.89 28.58
CA ARG A 673 -14.99 -78.97 28.33
C ARG A 673 -14.97 -80.01 29.44
N ALA A 674 -15.55 -79.71 30.60
CA ALA A 674 -15.65 -80.70 31.67
C ALA A 674 -16.56 -81.87 31.29
N LEU A 675 -17.70 -81.61 30.64
CA LEU A 675 -18.72 -82.64 30.48
C LEU A 675 -19.05 -82.99 29.03
N ILE A 676 -18.35 -82.43 28.04
CA ILE A 676 -18.68 -82.74 26.65
C ILE A 676 -18.19 -84.14 26.29
N THR A 677 -18.73 -84.67 25.20
CA THR A 677 -18.43 -86.02 24.74
C THR A 677 -17.42 -85.98 23.60
N ALA A 678 -16.87 -87.16 23.30
CA ALA A 678 -15.88 -87.29 22.23
C ALA A 678 -16.39 -86.97 20.82
N PRO A 679 -17.54 -87.49 20.32
CA PRO A 679 -17.85 -87.27 18.90
C PRO A 679 -18.30 -85.85 18.55
N LEU A 680 -18.63 -85.03 19.54
CA LEU A 680 -18.94 -83.63 19.30
C LEU A 680 -17.74 -82.78 19.71
N ALA A 681 -17.47 -81.74 18.91
CA ALA A 681 -16.41 -80.80 19.20
C ALA A 681 -16.98 -79.40 19.32
N ILE A 682 -16.30 -78.56 20.09
CA ILE A 682 -16.65 -77.15 20.17
C ILE A 682 -16.31 -76.49 18.84
N ALA A 683 -17.26 -75.75 18.28
CA ALA A 683 -17.02 -75.11 17.00
C ALA A 683 -16.42 -73.72 17.17
N ALA A 684 -16.83 -72.97 18.18
CA ALA A 684 -16.38 -71.60 18.30
C ALA A 684 -16.33 -71.17 19.76
N VAL A 685 -15.19 -70.63 20.17
CA VAL A 685 -15.05 -69.90 21.43
C VAL A 685 -14.96 -68.43 21.08
N ASN A 686 -15.92 -67.64 21.54
CA ASN A 686 -16.02 -66.24 21.18
C ASN A 686 -15.98 -65.30 22.37
N ALA A 687 -16.47 -65.72 23.53
CA ALA A 687 -16.55 -64.88 24.70
C ALA A 687 -16.51 -65.78 25.93
N PRO A 688 -16.19 -65.23 27.11
CA PRO A 688 -16.29 -66.04 28.34
C PRO A 688 -17.70 -66.52 28.67
N ASP A 689 -18.74 -65.92 28.09
CA ASP A 689 -20.10 -66.39 28.32
C ASP A 689 -20.72 -66.68 26.95
N TYR A 690 -19.98 -67.41 26.10
CA TYR A 690 -20.47 -67.76 24.77
C TYR A 690 -19.68 -68.96 24.27
N SER A 691 -20.38 -69.87 23.60
CA SER A 691 -19.77 -71.05 22.99
C SER A 691 -20.70 -71.58 21.91
N VAL A 692 -20.10 -72.10 20.83
CA VAL A 692 -20.86 -72.72 19.75
C VAL A 692 -20.34 -74.14 19.59
N ILE A 693 -21.25 -75.12 19.68
CA ILE A 693 -20.94 -76.54 19.66
C ILE A 693 -21.46 -77.13 18.35
N ALA A 694 -20.61 -77.90 17.67
CA ALA A 694 -20.92 -78.46 16.36
C ALA A 694 -21.25 -79.94 16.46
N GLY A 695 -21.91 -80.44 15.41
CA GLY A 695 -21.90 -81.86 15.17
C GLY A 695 -23.20 -82.43 14.62
N PRO A 696 -23.44 -83.73 14.88
CA PRO A 696 -24.70 -84.35 14.43
C PRO A 696 -25.93 -83.87 15.17
N THR A 697 -27.08 -84.47 14.85
CA THR A 697 -28.35 -83.96 15.35
C THR A 697 -28.60 -84.42 16.79
N SER A 698 -28.72 -85.73 17.00
CA SER A 698 -29.35 -86.28 18.20
C SER A 698 -28.51 -86.07 19.45
N GLU A 699 -27.18 -86.22 19.33
CA GLU A 699 -26.30 -86.10 20.49
C GLU A 699 -26.28 -84.67 21.03
N ILE A 700 -26.16 -83.68 20.14
CA ILE A 700 -26.10 -82.29 20.57
C ILE A 700 -27.49 -81.80 20.98
N LEU A 701 -28.56 -82.36 20.40
CA LEU A 701 -29.89 -82.09 20.96
C LEU A 701 -30.05 -82.65 22.38
N ALA A 702 -29.51 -83.84 22.63
CA ALA A 702 -29.56 -84.42 23.97
C ALA A 702 -28.75 -83.59 24.97
N VAL A 703 -27.62 -83.04 24.51
CA VAL A 703 -26.87 -82.07 25.31
C VAL A 703 -27.71 -80.82 25.55
N SER A 704 -28.51 -80.41 24.57
CA SER A 704 -29.37 -79.24 24.72
C SER A 704 -30.48 -79.47 25.75
N GLN A 705 -31.13 -80.64 25.75
CA GLN A 705 -32.10 -80.86 26.82
C GLN A 705 -31.44 -81.16 28.16
N ARG A 706 -30.18 -81.60 28.17
CA ARG A 706 -29.45 -81.65 29.44
C ARG A 706 -29.22 -80.27 29.99
N LEU A 707 -28.87 -79.31 29.12
CA LEU A 707 -28.62 -77.94 29.55
C LEU A 707 -29.91 -77.16 29.80
N THR A 708 -31.03 -77.60 29.25
CA THR A 708 -32.30 -76.89 29.44
C THR A 708 -32.78 -77.00 30.89
N GLU A 709 -32.62 -78.17 31.50
CA GLU A 709 -32.95 -78.33 32.91
C GLU A 709 -31.85 -77.83 33.83
N GLN A 710 -30.71 -77.43 33.29
CA GLN A 710 -29.64 -76.82 34.07
C GLN A 710 -29.69 -75.30 34.02
N ASN A 711 -30.79 -74.73 33.53
CA ASN A 711 -31.06 -73.28 33.47
C ASN A 711 -30.00 -72.54 32.65
N ILE A 712 -29.70 -73.08 31.47
CA ILE A 712 -28.78 -72.47 30.52
C ILE A 712 -29.53 -72.29 29.20
N ILE A 713 -29.56 -71.06 28.70
CA ILE A 713 -30.35 -70.73 27.51
C ILE A 713 -29.57 -71.18 26.27
N ASN A 714 -30.24 -71.95 25.41
CA ASN A 714 -29.62 -72.53 24.23
C ASN A 714 -30.54 -72.33 23.02
N LYS A 715 -29.93 -71.94 21.89
CA LYS A 715 -30.65 -71.87 20.62
C LYS A 715 -29.80 -72.50 19.53
N ARG A 716 -30.47 -72.94 18.47
CA ARG A 716 -29.79 -73.41 17.28
C ARG A 716 -29.34 -72.23 16.42
N LEU A 717 -28.35 -72.49 15.55
CA LEU A 717 -27.82 -71.47 14.67
C LEU A 717 -28.44 -71.51 13.28
N HIS A 718 -29.46 -72.36 13.08
CA HIS A 718 -30.30 -72.39 11.88
C HIS A 718 -29.49 -72.72 10.61
N THR A 719 -28.58 -73.68 10.73
CA THR A 719 -27.74 -74.10 9.62
C THR A 719 -27.89 -75.60 9.38
N SER A 720 -27.35 -76.07 8.26
CA SER A 720 -27.53 -77.44 7.83
C SER A 720 -26.26 -78.28 7.80
N HIS A 721 -25.09 -77.66 7.70
CA HIS A 721 -23.83 -78.40 7.60
C HIS A 721 -23.07 -78.32 8.93
N ALA A 722 -21.95 -79.03 8.98
CA ALA A 722 -21.16 -79.18 10.20
C ALA A 722 -19.85 -78.40 10.06
N PHE A 723 -19.88 -77.13 10.45
CA PHE A 723 -18.72 -76.26 10.38
C PHE A 723 -17.94 -76.35 11.69
N HIS A 724 -16.62 -76.51 11.56
CA HIS A 724 -15.69 -76.74 12.68
C HIS A 724 -16.11 -77.96 13.50
N SER A 725 -16.12 -79.11 12.84
CA SER A 725 -16.60 -80.35 13.44
C SER A 725 -15.65 -81.47 13.01
N SER A 726 -16.08 -82.71 13.23
CA SER A 726 -15.27 -83.89 12.95
C SER A 726 -15.69 -84.61 11.68
N MET A 727 -16.25 -83.89 10.70
CA MET A 727 -16.63 -84.50 9.44
C MET A 727 -16.30 -83.61 8.24
N MET A 728 -15.26 -82.80 8.35
CA MET A 728 -14.73 -82.05 7.21
C MET A 728 -13.36 -82.56 6.79
N GLN A 729 -12.94 -83.73 7.28
CA GLN A 729 -11.69 -84.34 6.83
C GLN A 729 -11.77 -84.77 5.38
N ASP A 730 -12.98 -85.10 4.89
CA ASP A 730 -13.15 -85.38 3.46
C ASP A 730 -12.87 -84.15 2.62
N ALA A 731 -13.34 -82.98 3.07
CA ALA A 731 -13.06 -81.74 2.36
C ALA A 731 -11.58 -81.37 2.46
N ALA A 732 -10.97 -81.65 3.61
CA ALA A 732 -9.54 -81.40 3.78
C ALA A 732 -8.70 -82.29 2.85
N GLN A 733 -9.12 -83.55 2.67
CA GLN A 733 -8.44 -84.43 1.74
C GLN A 733 -8.68 -84.00 0.29
N ALA A 734 -9.90 -83.53 0.00
CA ALA A 734 -10.25 -83.20 -1.38
C ALA A 734 -9.60 -81.91 -1.86
N LEU A 735 -9.43 -80.95 -0.94
CA LEU A 735 -8.82 -79.65 -1.32
C LEU A 735 -7.30 -79.78 -1.32
N ARG A 736 -6.78 -80.95 -0.93
CA ARG A 736 -5.32 -81.19 -0.95
C ARG A 736 -4.84 -81.29 -2.41
N GLN A 737 -5.77 -81.53 -3.33
CA GLN A 737 -5.43 -81.61 -4.77
C GLN A 737 -5.37 -80.18 -5.33
N ALA A 738 -5.67 -79.18 -4.49
CA ALA A 738 -5.60 -77.77 -4.93
C ALA A 738 -4.39 -77.09 -4.29
N PHE A 739 -4.35 -75.75 -4.27
CA PHE A 739 -3.19 -75.00 -3.72
C PHE A 739 -1.91 -75.43 -4.44
N GLU A 740 -1.97 -75.58 -5.76
CA GLU A 740 -0.80 -76.02 -6.55
C GLU A 740 -0.11 -74.79 -7.15
N ASN A 741 1.12 -74.48 -6.68
CA ASN A 741 1.89 -73.32 -7.21
C ASN A 741 1.00 -72.07 -7.27
N VAL A 742 0.35 -71.73 -6.15
CA VAL A 742 -0.50 -70.50 -6.10
C VAL A 742 0.37 -69.35 -5.60
N ARG A 743 -0.11 -68.10 -5.72
CA ARG A 743 0.66 -66.96 -5.16
C ARG A 743 0.81 -67.18 -3.66
N LEU A 744 2.06 -67.28 -3.19
CA LEU A 744 2.32 -67.51 -1.74
C LEU A 744 3.18 -66.35 -1.24
N ASN A 745 2.57 -65.38 -0.55
CA ASN A 745 3.31 -64.18 -0.15
C ASN A 745 3.35 -64.14 1.37
N PRO A 746 4.42 -63.62 1.97
CA PRO A 746 4.35 -63.23 3.37
C PRO A 746 3.35 -62.11 3.56
N PRO A 747 2.70 -62.06 4.73
CA PRO A 747 1.64 -61.06 4.95
C PRO A 747 2.21 -59.67 5.13
N THR A 748 1.69 -58.71 4.36
CA THR A 748 2.15 -57.33 4.47
C THR A 748 1.62 -56.66 5.73
N LEU A 749 0.36 -56.88 6.05
CA LEU A 749 -0.26 -56.27 7.23
C LEU A 749 -0.08 -57.19 8.43
N THR A 750 -0.66 -56.81 9.57
CA THR A 750 -0.58 -57.60 10.79
C THR A 750 -1.89 -58.35 10.97
N ILE A 751 -1.79 -59.68 11.00
CA ILE A 751 -2.96 -60.55 11.05
C ILE A 751 -2.83 -61.44 12.29
N ILE A 752 -3.86 -61.46 13.12
CA ILE A 752 -3.96 -62.40 14.23
C ILE A 752 -4.85 -63.54 13.78
N SER A 753 -4.33 -64.77 13.84
CA SER A 753 -5.06 -65.93 13.38
C SER A 753 -6.03 -66.39 14.47
N THR A 754 -7.29 -66.60 14.09
CA THR A 754 -8.33 -66.96 15.05
C THR A 754 -8.42 -68.46 15.29
N VAL A 755 -7.68 -69.28 14.55
CA VAL A 755 -7.60 -70.71 14.84
C VAL A 755 -6.45 -71.04 15.77
N THR A 756 -5.57 -70.08 16.06
CA THR A 756 -4.40 -70.27 16.90
C THR A 756 -4.42 -69.44 18.17
N GLY A 757 -4.88 -68.20 18.07
CA GLY A 757 -4.74 -67.28 19.18
C GLY A 757 -3.38 -66.62 19.26
N ALA A 758 -2.67 -66.52 18.16
CA ALA A 758 -1.32 -65.96 18.12
C ALA A 758 -1.22 -65.02 16.94
N HIS A 759 -0.02 -64.48 16.71
CA HIS A 759 0.26 -63.67 15.53
C HIS A 759 0.43 -64.55 14.30
N VAL A 760 0.79 -63.93 13.19
CA VAL A 760 1.09 -64.64 11.95
C VAL A 760 2.42 -64.13 11.40
N SER A 761 3.34 -65.06 11.21
CA SER A 761 4.66 -64.79 10.70
C SER A 761 4.66 -64.96 9.17
N ALA A 762 5.84 -64.80 8.57
CA ALA A 762 5.97 -64.93 7.12
C ALA A 762 5.80 -66.37 6.65
N ASP A 763 6.03 -67.36 7.52
CA ASP A 763 5.91 -68.76 7.17
C ASP A 763 4.68 -69.42 7.75
N THR A 764 4.02 -68.81 8.73
CA THR A 764 2.86 -69.41 9.37
C THR A 764 1.60 -69.34 8.52
N LEU A 765 1.58 -68.53 7.48
CA LEU A 765 0.40 -68.38 6.64
C LEU A 765 0.59 -68.93 5.23
N THR A 766 1.82 -69.03 4.74
CA THR A 766 2.07 -69.48 3.39
C THR A 766 2.08 -70.99 3.26
N THR A 767 1.89 -71.73 4.34
CA THR A 767 1.78 -73.17 4.27
C THR A 767 0.44 -73.56 3.65
N PRO A 768 0.43 -74.34 2.57
CA PRO A 768 -0.85 -74.70 1.94
C PRO A 768 -1.71 -75.63 2.79
N ASP A 769 -1.14 -76.33 3.76
CA ASP A 769 -1.92 -77.21 4.63
C ASP A 769 -2.64 -76.44 5.73
N TYR A 770 -2.31 -75.16 5.95
CA TYR A 770 -3.03 -74.35 6.92
C TYR A 770 -4.48 -74.13 6.49
N TRP A 771 -4.70 -73.84 5.21
CA TRP A 771 -6.06 -73.73 4.69
C TRP A 771 -6.75 -75.08 4.63
N ILE A 772 -5.97 -76.16 4.51
CA ILE A 772 -6.52 -77.50 4.58
C ILE A 772 -7.05 -77.80 5.98
N GLU A 773 -6.33 -77.37 7.01
CA GLU A 773 -6.68 -77.70 8.38
C GLU A 773 -7.45 -76.61 9.10
N GLN A 774 -7.79 -75.50 8.42
CA GLN A 774 -8.37 -74.33 9.10
C GLN A 774 -9.75 -74.62 9.68
N MET A 775 -10.62 -75.31 8.92
CA MET A 775 -11.94 -75.62 9.44
C MET A 775 -11.96 -76.84 10.36
N LEU A 776 -10.80 -77.39 10.71
CA LEU A 776 -10.73 -78.49 11.67
C LEU A 776 -10.64 -77.98 13.11
N MET A 777 -9.77 -77.02 13.37
CA MET A 777 -9.68 -76.43 14.70
C MET A 777 -10.90 -75.54 14.96
N PRO A 778 -11.25 -75.31 16.25
CA PRO A 778 -12.32 -74.34 16.54
C PRO A 778 -11.88 -72.90 16.36
N VAL A 779 -12.75 -71.97 16.73
CA VAL A 779 -12.50 -70.55 16.61
C VAL A 779 -12.14 -70.00 17.98
N GLN A 780 -11.08 -69.18 18.03
CA GLN A 780 -10.54 -68.66 19.27
C GLN A 780 -10.63 -67.13 19.28
N PHE A 781 -11.84 -66.65 18.99
CA PHE A 781 -12.11 -65.22 18.83
C PHE A 781 -11.80 -64.44 20.11
N SER A 782 -12.18 -65.00 21.26
CA SER A 782 -11.95 -64.32 22.55
C SER A 782 -10.48 -64.17 22.86
N ALA A 783 -9.68 -65.22 22.60
CA ALA A 783 -8.24 -65.11 22.78
C ALA A 783 -7.60 -64.18 21.77
N ALA A 784 -8.18 -64.10 20.56
CA ALA A 784 -7.68 -63.18 19.55
C ALA A 784 -7.85 -61.73 20.01
N LEU A 785 -9.00 -61.40 20.58
CA LEU A 785 -9.16 -60.07 21.19
C LEU A 785 -8.32 -59.89 22.45
N GLN A 786 -8.08 -60.97 23.21
CA GLN A 786 -7.23 -60.81 24.39
C GLN A 786 -5.81 -60.42 24.00
N GLU A 787 -5.30 -61.01 22.92
CA GLU A 787 -4.01 -60.56 22.40
C GLU A 787 -4.13 -59.22 21.66
N ALA A 788 -5.33 -58.87 21.16
CA ALA A 788 -5.51 -57.61 20.44
C ALA A 788 -5.40 -56.40 21.36
N GLN A 789 -6.25 -56.32 22.39
CA GLN A 789 -5.98 -55.31 23.42
C GLN A 789 -4.81 -55.64 24.35
N ALA A 790 -4.11 -56.77 24.21
CA ALA A 790 -2.78 -56.85 24.79
C ALA A 790 -1.79 -56.01 23.99
N THR A 791 -1.61 -56.35 22.70
CA THR A 791 -0.54 -55.76 21.89
C THR A 791 -0.84 -54.32 21.51
N PHE A 792 -2.04 -54.04 21.02
CA PHE A 792 -2.43 -52.71 20.59
C PHE A 792 -3.56 -52.19 21.47
N ASP A 793 -3.98 -50.96 21.22
CA ASP A 793 -5.17 -50.38 21.84
C ASP A 793 -5.89 -49.61 20.74
N VAL A 794 -6.76 -50.30 19.99
CA VAL A 794 -7.38 -49.74 18.80
C VAL A 794 -8.90 -49.85 18.93
N ASP A 795 -9.58 -49.15 18.04
CA ASP A 795 -11.03 -49.19 17.93
C ASP A 795 -11.41 -50.15 16.81
N PHE A 796 -12.34 -51.05 17.12
CA PHE A 796 -12.58 -52.21 16.28
C PHE A 796 -13.74 -51.94 15.33
N LEU A 797 -13.45 -51.87 14.04
CA LEU A 797 -14.47 -51.69 13.01
C LEU A 797 -14.80 -53.04 12.42
N GLU A 798 -16.02 -53.51 12.66
CA GLU A 798 -16.45 -54.81 12.17
C GLU A 798 -16.86 -54.69 10.70
N ILE A 799 -16.23 -55.47 9.84
CA ILE A 799 -16.55 -55.48 8.42
C ILE A 799 -17.39 -56.72 8.16
N GLY A 800 -18.70 -56.52 7.98
CA GLY A 800 -19.59 -57.61 7.69
C GLY A 800 -21.04 -57.20 7.65
N PRO A 801 -21.91 -58.07 7.13
CA PRO A 801 -23.33 -57.75 6.97
C PRO A 801 -24.18 -58.00 8.21
N GLY A 802 -23.69 -57.54 9.35
CA GLY A 802 -24.45 -57.69 10.58
C GLY A 802 -23.68 -57.13 11.75
N ALA A 803 -24.38 -57.03 12.88
CA ALA A 803 -23.80 -56.55 14.13
C ALA A 803 -23.49 -57.70 15.09
N THR A 804 -23.24 -58.90 14.55
CA THR A 804 -23.09 -60.08 15.39
C THR A 804 -21.80 -60.05 16.21
N LEU A 805 -20.68 -59.69 15.57
CA LEU A 805 -19.43 -59.61 16.31
C LEU A 805 -19.33 -58.36 17.19
N THR A 806 -20.22 -57.39 16.99
CA THR A 806 -20.10 -56.10 17.68
C THR A 806 -20.40 -56.23 19.17
N GLN A 807 -21.48 -56.94 19.54
CA GLN A 807 -21.77 -57.13 20.96
C GLN A 807 -20.74 -58.04 21.63
N LEU A 808 -20.31 -59.10 20.93
CA LEU A 808 -19.26 -59.97 21.45
C LEU A 808 -17.92 -59.27 21.56
N THR A 809 -17.74 -58.16 20.83
CA THR A 809 -16.48 -57.38 20.96
C THR A 809 -16.58 -56.40 22.13
N ASN A 810 -17.69 -55.64 22.19
CA ASN A 810 -17.85 -54.63 23.27
C ASN A 810 -18.07 -55.32 24.61
N GLY A 811 -18.50 -56.59 24.59
CA GLY A 811 -18.72 -57.35 25.84
C GLY A 811 -17.45 -57.96 26.37
N HIS A 812 -16.29 -57.47 25.89
CA HIS A 812 -14.98 -57.97 26.39
C HIS A 812 -14.33 -56.89 27.25
N ALA A 813 -13.00 -56.90 27.33
CA ALA A 813 -12.27 -55.83 28.06
C ALA A 813 -12.14 -54.61 27.15
N LEU A 814 -13.25 -53.90 26.92
CA LEU A 814 -13.23 -52.76 25.96
C LEU A 814 -13.35 -51.44 26.72
N GLY A 815 -12.39 -51.13 27.60
CA GLY A 815 -12.40 -49.82 28.29
C GLY A 815 -11.74 -48.78 27.42
N ASP A 816 -12.36 -47.59 27.26
CA ASP A 816 -11.81 -46.48 26.44
C ASP A 816 -11.96 -46.77 24.94
N ARG A 817 -12.27 -48.02 24.56
CA ARG A 817 -12.34 -48.39 23.12
C ARG A 817 -13.71 -49.00 22.81
N LEU A 818 -14.26 -48.74 21.61
CA LEU A 818 -15.52 -49.34 21.21
C LEU A 818 -15.39 -50.05 19.87
N ALA A 819 -16.47 -50.71 19.48
CA ALA A 819 -16.56 -51.41 18.20
C ALA A 819 -17.74 -50.85 17.41
N PHE A 820 -17.59 -50.80 16.09
CA PHE A 820 -18.58 -50.18 15.22
C PHE A 820 -18.95 -51.13 14.10
N SER A 821 -20.25 -51.39 13.96
CA SER A 821 -20.74 -52.25 12.91
C SER A 821 -20.86 -51.48 11.60
N SER A 822 -20.37 -52.07 10.50
CA SER A 822 -20.43 -51.40 9.22
C SER A 822 -21.82 -51.43 8.61
N LEU A 823 -22.53 -52.55 8.77
CA LEU A 823 -23.86 -52.72 8.12
C LEU A 823 -24.91 -53.12 9.16
N PRO A 824 -26.20 -52.74 9.00
CA PRO A 824 -27.24 -53.13 9.95
C PRO A 824 -27.44 -54.65 10.06
N ALA A 825 -27.92 -55.13 11.21
CA ALA A 825 -28.10 -56.59 11.41
C ALA A 825 -29.49 -57.03 10.96
N GLY A 826 -29.59 -57.64 9.77
CA GLY A 826 -30.88 -58.18 9.31
C GLY A 826 -31.79 -57.12 8.70
N ALA A 827 -32.31 -56.21 9.52
CA ALA A 827 -33.27 -55.19 9.05
C ALA A 827 -32.53 -53.99 8.44
N ARG A 828 -33.26 -52.90 8.17
CA ARG A 828 -32.66 -51.68 7.55
C ARG A 828 -31.87 -52.08 6.31
N SER A 829 -32.44 -52.95 5.46
CA SER A 829 -31.75 -53.41 4.24
C SER A 829 -31.75 -52.29 3.20
N SER A 830 -32.29 -51.12 3.55
CA SER A 830 -32.30 -49.95 2.64
C SER A 830 -31.68 -48.77 3.38
N ASP A 831 -31.54 -48.90 4.70
CA ASP A 831 -30.92 -47.82 5.52
C ASP A 831 -29.43 -48.14 5.69
N GLU A 832 -28.88 -49.01 4.82
CA GLU A 832 -27.43 -49.31 4.87
C GLU A 832 -26.67 -48.01 4.60
N HIS A 833 -27.11 -47.23 3.61
CA HIS A 833 -26.46 -45.95 3.25
C HIS A 833 -26.42 -45.01 4.47
N LYS A 834 -27.49 -44.99 5.27
CA LYS A 834 -27.54 -44.11 6.46
C LYS A 834 -26.62 -44.66 7.55
N HIS A 835 -26.67 -45.97 7.83
CA HIS A 835 -25.86 -46.57 8.88
C HIS A 835 -24.37 -46.47 8.60
N ILE A 836 -23.96 -46.59 7.34
CA ILE A 836 -22.52 -46.54 7.06
C ILE A 836 -21.99 -45.12 7.24
N LEU A 837 -22.79 -44.10 6.93
CA LEU A 837 -22.39 -42.73 7.23
C LEU A 837 -22.52 -42.41 8.71
N ASP A 838 -23.33 -43.15 9.45
CA ASP A 838 -23.38 -42.99 10.89
C ASP A 838 -22.15 -43.61 11.53
N THR A 839 -21.58 -44.63 10.88
CA THR A 839 -20.32 -45.20 11.33
C THR A 839 -19.17 -44.22 11.11
N VAL A 840 -19.13 -43.59 9.93
CA VAL A 840 -18.09 -42.61 9.61
C VAL A 840 -18.20 -41.39 10.50
N ALA A 841 -19.43 -40.99 10.85
CA ALA A 841 -19.62 -39.92 11.81
C ALA A 841 -19.11 -40.32 13.20
N ALA A 842 -19.32 -41.57 13.60
CA ALA A 842 -18.86 -42.02 14.91
C ALA A 842 -17.35 -42.23 14.93
N LEU A 843 -16.75 -42.59 13.79
CA LEU A 843 -15.31 -42.72 13.71
C LEU A 843 -14.60 -41.38 13.66
N TRP A 844 -15.14 -40.42 12.90
CA TRP A 844 -14.49 -39.12 12.71
C TRP A 844 -14.46 -38.31 14.00
N VAL A 845 -15.48 -38.45 14.84
CA VAL A 845 -15.48 -37.77 16.14
C VAL A 845 -14.42 -38.38 17.05
N ARG A 846 -14.26 -39.71 17.00
CA ARG A 846 -13.29 -40.38 17.85
C ARG A 846 -11.86 -40.02 17.46
N GLY A 847 -11.60 -39.74 16.19
CA GLY A 847 -10.34 -39.17 15.81
C GLY A 847 -9.68 -39.74 14.58
N HIS A 848 -10.34 -40.65 13.89
CA HIS A 848 -9.73 -41.35 12.78
C HIS A 848 -9.59 -40.44 11.56
N ASN A 849 -8.64 -40.77 10.70
CA ASN A 849 -8.28 -39.89 9.59
C ASN A 849 -9.10 -40.19 8.33
N ILE A 850 -10.44 -40.15 8.46
CA ILE A 850 -11.32 -40.41 7.30
C ILE A 850 -11.49 -39.12 6.49
N ASP A 851 -11.30 -39.18 5.17
CA ASP A 851 -11.55 -37.98 4.32
C ASP A 851 -13.05 -37.72 4.28
N LEU A 852 -13.48 -36.51 4.65
CA LEU A 852 -14.94 -36.21 4.71
C LEU A 852 -15.40 -35.61 3.38
N SER A 853 -14.46 -35.28 2.49
CA SER A 853 -14.82 -34.63 1.20
C SER A 853 -15.41 -35.66 0.22
N ALA A 854 -15.03 -36.94 0.34
CA ALA A 854 -15.51 -37.96 -0.57
C ALA A 854 -17.01 -38.22 -0.41
N PHE A 855 -17.65 -37.59 0.57
CA PHE A 855 -19.08 -37.77 0.81
C PHE A 855 -19.91 -36.61 0.28
N ALA A 856 -19.29 -35.68 -0.45
CA ALA A 856 -20.01 -34.58 -1.07
C ALA A 856 -20.30 -34.92 -2.53
N GLY A 857 -21.02 -34.03 -3.20
CA GLY A 857 -21.50 -34.32 -4.54
C GLY A 857 -20.49 -34.14 -5.65
N GLU A 858 -20.93 -33.59 -6.78
CA GLU A 858 -20.15 -33.64 -8.01
C GLU A 858 -19.29 -32.39 -8.22
N GLN A 859 -19.92 -31.22 -8.35
CA GLN A 859 -19.21 -29.95 -8.36
C GLN A 859 -19.80 -29.03 -7.30
N PRO A 860 -19.32 -29.13 -6.06
CA PRO A 860 -19.87 -28.30 -4.99
C PRO A 860 -19.26 -26.91 -4.97
N ARG A 861 -19.89 -26.05 -4.17
CA ARG A 861 -19.50 -24.66 -3.99
C ARG A 861 -19.41 -24.35 -2.50
N ARG A 862 -18.88 -23.18 -2.19
CA ARG A 862 -18.79 -22.75 -0.80
C ARG A 862 -19.92 -21.79 -0.46
N VAL A 863 -20.22 -21.69 0.83
CA VAL A 863 -21.43 -21.04 1.33
C VAL A 863 -21.10 -20.34 2.64
N SER A 864 -21.63 -19.14 2.83
CA SER A 864 -21.48 -18.44 4.09
C SER A 864 -22.30 -19.10 5.18
N LEU A 865 -21.63 -19.66 6.19
CA LEU A 865 -22.26 -20.29 7.34
C LEU A 865 -21.84 -19.54 8.60
N PRO A 866 -22.42 -19.81 9.77
CA PRO A 866 -21.88 -19.22 11.00
C PRO A 866 -20.45 -19.66 11.27
N THR A 867 -19.71 -18.77 11.91
CA THR A 867 -18.28 -18.94 12.14
C THR A 867 -18.05 -19.48 13.56
N TYR A 868 -16.78 -19.51 13.96
CA TYR A 868 -16.41 -20.05 15.27
C TYR A 868 -16.95 -19.16 16.38
N ALA A 869 -17.31 -19.79 17.50
CA ALA A 869 -17.91 -19.10 18.63
C ALA A 869 -16.87 -18.98 19.73
N PHE A 870 -16.14 -17.87 19.73
CA PHE A 870 -15.11 -17.64 20.73
C PHE A 870 -15.75 -17.38 22.09
N ASP A 871 -15.17 -17.97 23.13
CA ASP A 871 -15.65 -17.65 24.45
C ASP A 871 -15.08 -16.31 24.92
N LYS A 872 -15.71 -15.73 25.92
CA LYS A 872 -15.42 -14.36 26.33
C LYS A 872 -14.78 -14.39 27.72
N ILE A 873 -13.50 -14.05 27.78
CA ILE A 873 -12.75 -13.94 29.02
C ILE A 873 -12.20 -12.53 29.11
N ARG A 874 -12.47 -11.85 30.22
CA ARG A 874 -12.16 -10.43 30.36
C ARG A 874 -10.67 -10.22 30.62
N TYR A 875 -10.01 -9.53 29.70
CA TYR A 875 -8.60 -9.13 29.86
C TYR A 875 -8.52 -7.62 29.77
N TRP A 876 -8.48 -6.96 30.92
CA TRP A 876 -8.37 -5.50 31.01
C TRP A 876 -7.25 -5.19 32.01
N VAL A 877 -7.07 -3.92 32.32
CA VAL A 877 -6.11 -3.55 33.35
C VAL A 877 -6.82 -2.94 34.55
N ASP A 878 -7.45 -1.79 34.35
CA ASP A 878 -8.17 -1.07 35.40
C ASP A 878 -9.10 -0.05 34.74
N SER A 879 -9.67 0.83 35.56
CA SER A 879 -10.49 1.93 35.05
C SER A 879 -9.62 3.11 34.63
N GLY B 7 10.09 -1.91 -16.52
CA GLY B 7 10.37 -1.71 -15.11
C GLY B 7 9.87 -0.38 -14.57
N ILE B 8 10.37 0.02 -13.42
CA ILE B 8 10.05 1.29 -12.80
C ILE B 8 11.37 2.02 -12.60
N ALA B 9 11.64 3.00 -13.45
CA ALA B 9 12.91 3.73 -13.38
C ALA B 9 12.99 4.60 -12.14
N ILE B 10 14.16 4.66 -11.54
CA ILE B 10 14.46 5.64 -10.51
C ILE B 10 15.06 6.86 -11.21
N ILE B 11 14.48 8.03 -10.98
CA ILE B 11 14.90 9.22 -11.72
C ILE B 11 15.30 10.34 -10.78
N GLY B 12 15.62 10.03 -9.54
CA GLY B 12 16.03 11.06 -8.62
C GLY B 12 15.81 10.62 -7.20
N MET B 13 16.57 11.24 -6.29
CA MET B 13 16.59 10.79 -4.91
C MET B 13 17.19 11.87 -4.03
N ALA B 14 16.88 11.78 -2.75
CA ALA B 14 17.36 12.76 -1.77
C ALA B 14 17.27 12.16 -0.39
N GLY B 15 17.87 12.85 0.58
CA GLY B 15 17.72 12.46 1.95
C GLY B 15 18.87 12.83 2.86
N ARG B 16 18.55 13.38 4.03
CA ARG B 16 19.57 13.57 5.06
C ARG B 16 19.98 12.24 5.64
N PHE B 17 21.15 12.21 6.24
CA PHE B 17 21.78 10.96 6.66
C PHE B 17 22.64 11.28 7.87
N PRO B 18 23.20 10.27 8.53
CA PRO B 18 24.24 10.57 9.53
C PRO B 18 25.51 11.09 8.86
N GLN B 19 25.97 12.26 9.33
CA GLN B 19 27.14 12.98 8.80
C GLN B 19 27.02 13.25 7.31
N ALA B 20 25.81 13.60 6.87
CA ALA B 20 25.53 13.93 5.48
C ALA B 20 24.25 14.73 5.42
N ASP B 21 24.09 15.47 4.32
CA ASP B 21 22.87 16.21 4.05
C ASP B 21 22.44 16.11 2.60
N THR B 22 23.12 15.31 1.78
CA THR B 22 22.82 15.18 0.36
C THR B 22 23.19 13.75 0.01
N VAL B 23 22.58 13.18 -1.02
CA VAL B 23 23.02 11.86 -1.47
C VAL B 23 24.37 11.92 -2.15
N GLN B 24 24.83 13.10 -2.59
CA GLN B 24 26.19 13.20 -3.10
C GLN B 24 27.18 13.52 -1.99
N ALA B 25 26.71 14.04 -0.87
CA ALA B 25 27.52 14.15 0.34
C ALA B 25 27.40 12.90 1.21
N PHE B 26 26.85 11.83 0.66
CA PHE B 26 26.75 10.51 1.27
C PHE B 26 27.40 9.45 0.39
N TRP B 27 27.28 9.58 -0.93
CA TRP B 27 28.08 8.80 -1.86
C TRP B 27 29.57 9.04 -1.68
N GLU B 28 29.96 10.26 -1.31
CA GLU B 28 31.37 10.55 -1.08
C GLU B 28 31.78 10.33 0.37
N ASN B 29 30.88 9.82 1.21
CA ASN B 29 31.28 9.20 2.46
C ASN B 29 31.31 7.68 2.36
N LEU B 30 30.67 7.12 1.34
CA LEU B 30 30.89 5.71 1.03
C LEU B 30 32.10 5.48 0.14
N LEU B 31 32.43 6.39 -0.76
CA LEU B 31 33.62 6.19 -1.59
C LEU B 31 34.91 6.48 -0.84
N ALA B 32 34.84 7.27 0.23
CA ALA B 32 36.00 7.51 1.08
C ALA B 32 36.15 6.47 2.17
N SER B 33 35.25 5.47 2.19
CA SER B 33 35.21 4.41 3.20
C SER B 33 35.11 4.96 4.61
N ARG B 34 34.36 6.05 4.76
CA ARG B 34 34.19 6.68 6.05
C ARG B 34 33.25 5.88 6.93
N GLU B 35 33.33 6.12 8.22
CA GLU B 35 32.32 5.72 9.19
C GLU B 35 31.56 6.97 9.59
N CYS B 36 30.23 6.90 9.59
CA CYS B 36 29.40 8.06 9.85
C CYS B 36 28.83 8.07 11.25
N ILE B 37 29.34 7.24 12.15
CA ILE B 37 28.86 7.22 13.53
C ILE B 37 29.56 8.32 14.31
N SER B 38 28.80 9.05 15.11
CA SER B 38 29.32 10.16 15.90
C SER B 38 29.37 9.74 17.37
N PHE B 39 30.56 9.35 17.83
CA PHE B 39 30.75 9.02 19.23
C PHE B 39 30.77 10.28 20.08
N TYR B 40 30.51 10.12 21.37
CA TYR B 40 30.52 11.25 22.30
C TYR B 40 31.42 11.00 23.49
N SER B 41 31.33 11.89 24.47
CA SER B 41 31.97 11.75 25.77
C SER B 41 30.91 11.89 26.85
N ASP B 42 31.36 12.00 28.09
CA ASP B 42 30.44 12.10 29.21
C ASP B 42 29.81 13.49 29.32
N GLU B 43 30.59 14.54 29.09
CA GLU B 43 30.19 15.89 29.50
C GLU B 43 29.07 16.44 28.63
N GLU B 44 29.17 16.29 27.31
CA GLU B 44 28.15 16.84 26.42
C GLU B 44 26.85 16.04 26.47
N LEU B 45 26.92 14.81 26.99
CA LEU B 45 25.73 13.92 27.01
C LEU B 45 24.81 14.30 28.18
N LEU B 46 25.36 14.44 29.40
CA LEU B 46 24.51 14.90 30.53
C LEU B 46 24.04 16.33 30.25
N ALA B 47 24.78 17.06 29.41
CA ALA B 47 24.38 18.44 29.03
C ALA B 47 23.21 18.36 28.04
N MET B 48 23.15 17.28 27.25
CA MET B 48 22.02 17.10 26.31
C MET B 48 20.79 16.66 27.11
N GLY B 49 21.01 15.92 28.22
CA GLY B 49 19.89 15.50 29.08
C GLY B 49 19.97 14.01 29.41
N ILE B 50 21.15 13.41 29.23
CA ILE B 50 21.34 11.98 29.58
C ILE B 50 21.27 11.84 31.11
N SER B 51 20.40 10.95 31.60
CA SER B 51 20.21 10.79 33.07
C SER B 51 21.52 10.42 33.76
N PRO B 52 21.78 10.89 34.99
CA PRO B 52 23.00 10.52 35.74
C PRO B 52 23.16 9.00 35.95
N GLU B 53 22.09 8.22 35.78
CA GLU B 53 22.18 6.74 35.91
C GLU B 53 22.65 6.16 34.57
N PHE B 54 22.15 6.68 33.44
CA PHE B 54 22.62 6.21 32.13
C PHE B 54 24.12 6.46 31.97
N VAL B 55 24.59 7.62 32.40
CA VAL B 55 26.02 7.91 32.36
C VAL B 55 26.69 7.28 33.58
N GLN B 56 28.01 7.02 33.44
CA GLN B 56 28.81 6.05 34.23
C GLN B 56 28.09 4.70 34.43
N HIS B 57 27.34 4.25 33.43
CA HIS B 57 26.89 2.87 33.47
C HIS B 57 27.86 1.99 32.69
N PRO B 58 28.24 0.82 33.23
CA PRO B 58 29.29 0.01 32.59
C PRO B 58 28.89 -0.61 31.26
N ASP B 59 27.60 -0.63 30.92
CA ASP B 59 27.14 -1.21 29.66
C ASP B 59 26.35 -0.21 28.83
N TYR B 60 26.60 1.08 29.01
CA TYR B 60 25.90 2.14 28.30
C TYR B 60 26.84 2.67 27.22
N VAL B 61 26.61 2.25 25.97
CA VAL B 61 27.37 2.76 24.85
C VAL B 61 26.91 4.19 24.56
N LYS B 62 27.78 4.99 23.95
CA LYS B 62 27.49 6.40 23.72
C LYS B 62 27.62 6.77 22.25
N ALA B 63 27.01 6.02 21.36
CA ALA B 63 27.11 6.29 19.93
C ALA B 63 25.75 6.16 19.27
N LYS B 64 25.53 6.96 18.21
CA LYS B 64 24.40 6.80 17.31
C LYS B 64 24.72 7.50 16.01
N GLY B 65 23.87 7.29 15.02
CA GLY B 65 23.97 8.02 13.76
C GLY B 65 23.10 9.25 13.77
N GLU B 66 23.68 10.44 13.58
CA GLU B 66 22.97 11.70 13.75
C GLU B 66 22.80 12.40 12.42
N VAL B 67 21.54 12.63 12.02
CA VAL B 67 21.28 13.71 11.10
C VAL B 67 21.55 15.04 11.80
N ALA B 68 21.89 16.05 11.00
CA ALA B 68 22.53 17.24 11.55
C ALA B 68 21.55 18.11 12.33
N ASP B 69 20.52 18.61 11.65
CA ASP B 69 19.66 19.63 12.23
C ASP B 69 18.22 19.17 12.13
N ILE B 70 17.66 18.75 13.26
CA ILE B 70 16.26 18.32 13.29
C ILE B 70 15.32 19.44 13.69
N ASP B 71 15.83 20.50 14.31
CA ASP B 71 15.02 21.64 14.71
C ASP B 71 14.91 22.71 13.64
N LYS B 72 15.62 22.57 12.54
CA LYS B 72 15.80 23.66 11.58
C LYS B 72 14.86 23.49 10.41
N PHE B 73 13.76 24.23 10.42
CA PHE B 73 12.73 24.17 9.39
C PHE B 73 12.59 25.54 8.73
N ASP B 74 12.33 25.54 7.41
CA ASP B 74 12.04 26.75 6.65
C ASP B 74 10.53 26.87 6.56
N ALA B 75 9.94 27.55 7.55
CA ALA B 75 8.48 27.62 7.60
C ALA B 75 7.92 28.58 6.57
N ALA B 76 8.67 29.61 6.20
CA ALA B 76 8.20 30.63 5.27
C ALA B 76 8.05 30.10 3.85
N PHE B 77 8.78 29.04 3.48
CA PHE B 77 8.70 28.48 2.13
C PHE B 77 7.33 27.87 1.87
N PHE B 78 6.74 27.21 2.86
CA PHE B 78 5.53 26.44 2.66
C PHE B 78 4.27 27.15 3.14
N GLY B 79 4.40 28.37 3.64
CA GLY B 79 3.26 29.11 4.13
C GLY B 79 2.87 28.82 5.55
N ILE B 80 3.65 28.01 6.27
CA ILE B 80 3.30 27.62 7.62
C ILE B 80 3.69 28.74 8.57
N ALA B 81 2.80 29.08 9.50
CA ALA B 81 3.08 30.10 10.48
C ALA B 81 4.13 29.60 11.46
N PRO B 82 4.91 30.51 12.08
CA PRO B 82 5.86 30.07 13.12
C PRO B 82 5.23 29.90 14.50
N ARG B 83 4.04 29.33 14.52
CA ARG B 83 3.31 28.90 15.69
C ARG B 83 2.63 27.56 15.47
N GLU B 84 2.45 27.16 14.22
CA GLU B 84 1.99 25.82 13.83
C GLU B 84 3.16 24.92 13.46
N ALA B 85 4.22 25.47 12.87
CA ALA B 85 5.41 24.69 12.59
C ALA B 85 6.17 24.31 13.85
N GLU B 86 5.94 25.01 14.97
CA GLU B 86 6.55 24.62 16.22
C GLU B 86 5.88 23.38 16.79
N LEU B 87 4.62 23.16 16.44
CA LEU B 87 3.87 21.98 16.87
C LEU B 87 3.98 20.83 15.88
N MET B 88 4.83 20.96 14.87
CA MET B 88 5.04 19.90 13.89
C MET B 88 6.10 18.93 14.37
N ASP B 89 5.85 17.65 14.15
CA ASP B 89 6.85 16.62 14.38
C ASP B 89 8.03 16.83 13.45
N PRO B 90 9.27 16.68 13.93
CA PRO B 90 10.44 16.93 13.07
C PRO B 90 10.55 16.06 11.83
N GLN B 91 9.96 14.87 11.86
CA GLN B 91 10.01 14.00 10.69
C GLN B 91 9.10 14.54 9.58
N HIS B 92 8.01 15.23 9.95
CA HIS B 92 7.17 15.92 8.96
C HIS B 92 7.98 16.99 8.22
N ARG B 93 8.67 17.84 8.98
CA ARG B 93 9.45 18.95 8.42
C ARG B 93 10.58 18.44 7.53
N VAL B 94 11.33 17.46 8.05
CA VAL B 94 12.49 16.97 7.32
C VAL B 94 12.06 16.17 6.10
N LEU B 95 10.89 15.52 6.15
CA LEU B 95 10.46 14.82 4.95
C LEU B 95 9.84 15.80 3.93
N LEU B 96 9.30 16.94 4.39
CA LEU B 96 8.91 18.01 3.47
C LEU B 96 10.09 18.53 2.68
N GLU B 97 11.16 18.91 3.39
CA GLU B 97 12.35 19.44 2.73
C GLU B 97 13.00 18.36 1.86
N THR B 98 12.98 17.11 2.32
CA THR B 98 13.52 16.00 1.53
C THR B 98 12.70 15.74 0.27
N ALA B 99 11.38 15.91 0.33
CA ALA B 99 10.56 15.66 -0.84
C ALA B 99 10.71 16.76 -1.87
N TRP B 100 10.79 18.02 -1.42
CA TRP B 100 11.06 19.12 -2.34
C TRP B 100 12.44 18.96 -2.97
N ALA B 101 13.43 18.53 -2.17
CA ALA B 101 14.77 18.26 -2.69
C ALA B 101 14.77 17.11 -3.69
N ALA B 102 13.99 16.04 -3.43
CA ALA B 102 13.96 14.89 -4.32
C ALA B 102 13.28 15.21 -5.63
N PHE B 103 12.23 16.03 -5.60
CA PHE B 103 11.59 16.44 -6.84
C PHE B 103 12.48 17.37 -7.65
N GLU B 104 13.20 18.27 -6.99
CA GLU B 104 14.15 19.12 -7.71
C GLU B 104 15.35 18.32 -8.20
N ASP B 105 15.70 17.24 -7.52
CA ASP B 105 16.74 16.32 -7.97
C ASP B 105 16.27 15.53 -9.19
N ALA B 106 14.97 15.28 -9.29
CA ALA B 106 14.42 14.57 -10.44
C ALA B 106 14.49 15.40 -11.71
N GLY B 107 14.54 16.72 -11.60
CA GLY B 107 14.41 17.60 -12.74
C GLY B 107 13.00 18.08 -12.99
N TYR B 108 12.10 17.90 -12.04
CA TYR B 108 10.70 18.26 -12.19
C TYR B 108 10.29 19.17 -11.05
N VAL B 109 9.09 19.71 -11.16
CA VAL B 109 8.43 20.41 -10.07
C VAL B 109 7.18 19.62 -9.74
N ALA B 110 6.92 19.45 -8.44
CA ALA B 110 5.77 18.65 -7.98
C ALA B 110 4.45 19.30 -8.39
N ALA B 111 4.37 20.62 -8.31
CA ALA B 111 3.09 21.30 -8.40
C ALA B 111 2.56 21.43 -9.83
N ASP B 112 3.39 21.20 -10.85
CA ASP B 112 2.88 21.34 -12.21
C ASP B 112 3.40 20.24 -13.13
N TYR B 113 3.41 19.01 -12.65
CA TYR B 113 3.63 17.90 -13.56
C TYR B 113 2.37 17.67 -14.39
N PRO B 114 2.52 17.28 -15.68
CA PRO B 114 1.35 16.97 -16.52
C PRO B 114 0.41 15.91 -15.98
N GLY B 115 0.94 14.73 -15.68
CA GLY B 115 0.13 13.63 -15.19
C GLY B 115 -0.23 13.71 -13.72
N ASP B 116 -0.16 12.57 -13.04
CA ASP B 116 -0.68 12.44 -11.68
C ASP B 116 0.43 11.90 -10.79
N VAL B 117 0.79 12.64 -9.75
CA VAL B 117 1.95 12.34 -8.92
C VAL B 117 1.47 12.03 -7.51
N GLY B 118 1.92 10.90 -6.96
CA GLY B 118 1.49 10.54 -5.63
C GLY B 118 2.56 9.98 -4.72
N ILE B 119 2.48 10.29 -3.43
CA ILE B 119 3.52 9.96 -2.46
C ILE B 119 3.10 8.78 -1.58
N PHE B 120 3.99 7.79 -1.48
CA PHE B 120 3.81 6.61 -0.63
C PHE B 120 4.99 6.60 0.34
N ALA B 121 4.77 6.94 1.59
CA ALA B 121 5.90 7.16 2.48
C ALA B 121 5.56 6.73 3.90
N GLY B 122 6.59 6.28 4.61
CA GLY B 122 6.45 5.83 5.98
C GLY B 122 7.11 6.78 6.97
N LYS B 123 7.05 6.39 8.23
CA LYS B 123 7.40 7.28 9.32
C LYS B 123 7.61 6.44 10.57
N SER B 124 8.63 6.79 11.37
CA SER B 124 8.86 6.11 12.65
C SER B 124 7.90 6.62 13.71
N MET B 125 8.12 6.26 14.97
CA MET B 125 7.18 6.72 16.00
C MET B 125 7.50 8.16 16.35
N ASP B 126 6.46 8.99 16.41
CA ASP B 126 6.60 10.41 16.73
C ASP B 126 6.89 10.55 18.21
N SER B 127 8.19 10.61 18.54
CA SER B 127 8.66 10.87 19.88
C SER B 127 8.57 12.34 20.27
N TYR B 128 8.24 13.23 19.33
CA TYR B 128 8.10 14.64 19.66
C TYR B 128 6.86 14.89 20.51
N LEU B 129 5.82 14.07 20.35
CA LEU B 129 4.65 14.18 21.20
C LEU B 129 4.97 13.85 22.64
N MET B 130 5.96 12.98 22.88
CA MET B 130 6.30 12.57 24.25
C MET B 130 6.98 13.70 25.02
N LEU B 131 7.30 14.81 24.34
CA LEU B 131 7.61 16.04 25.06
C LEU B 131 6.50 17.08 24.89
N ASN B 132 5.62 16.89 23.91
CA ASN B 132 4.54 17.85 23.69
C ASN B 132 3.41 17.71 24.70
N LEU B 133 3.22 16.50 25.22
CA LEU B 133 2.09 16.25 26.16
C LEU B 133 2.35 16.94 27.49
N MET B 134 3.62 17.02 27.90
CA MET B 134 3.98 17.61 29.23
C MET B 134 3.29 18.98 29.42
N PRO B 135 3.43 20.01 28.53
CA PRO B 135 2.68 21.24 28.71
C PRO B 135 1.22 21.04 28.30
N HIS B 136 0.95 20.30 27.21
CA HIS B 136 -0.44 20.18 26.68
C HIS B 136 -1.40 19.52 27.69
N PHE B 137 -0.88 18.82 28.71
CA PHE B 137 -1.79 18.07 29.61
C PHE B 137 -1.58 18.46 31.08
N LYS B 138 -0.36 18.85 31.47
CA LYS B 138 -0.13 19.14 32.92
C LYS B 138 -0.44 20.61 33.21
N ARG B 139 -1.38 21.20 32.48
CA ARG B 139 -1.79 22.61 32.71
C ARG B 139 -3.31 22.70 32.63
N VAL B 140 -3.94 21.92 31.74
CA VAL B 140 -5.39 21.98 31.56
C VAL B 140 -6.04 20.65 31.96
N PHE B 141 -5.22 19.59 32.03
CA PHE B 141 -5.72 18.25 32.42
C PHE B 141 -6.87 17.83 31.50
N SER B 142 -6.67 18.00 30.19
CA SER B 142 -7.71 17.58 29.20
C SER B 142 -7.04 16.66 28.17
N SER B 143 -7.76 15.65 27.68
CA SER B 143 -7.20 14.69 26.70
C SER B 143 -7.65 15.07 25.30
N GLY B 144 -8.15 16.29 25.12
CA GLY B 144 -8.58 16.75 23.77
C GLY B 144 -7.40 16.77 22.82
N SER B 145 -6.18 16.97 23.34
CA SER B 145 -4.99 17.01 22.49
C SER B 145 -4.80 15.70 21.73
N LEU B 146 -5.26 14.59 22.32
CA LEU B 146 -5.03 13.28 21.72
C LEU B 146 -5.83 13.10 20.43
N GLN B 147 -7.05 13.64 20.39
CA GLN B 147 -7.86 13.54 19.17
C GLN B 147 -7.28 14.40 18.05
N ALA B 148 -6.69 15.55 18.42
CA ALA B 148 -5.96 16.36 17.45
C ALA B 148 -4.72 15.63 16.95
N ALA B 149 -4.10 14.82 17.81
CA ALA B 149 -2.97 14.00 17.38
C ALA B 149 -3.43 12.90 16.42
N ILE B 150 -4.61 12.32 16.66
CA ILE B 150 -5.21 11.38 15.70
C ILE B 150 -5.42 12.05 14.35
N GLY B 151 -5.95 13.28 14.38
CA GLY B 151 -6.24 13.98 13.14
C GLY B 151 -5.00 14.34 12.34
N ASN B 152 -4.00 14.93 12.99
CA ASN B 152 -2.91 15.56 12.24
C ASN B 152 -1.51 15.03 12.56
N ASP B 153 -1.34 13.88 13.23
CA ASP B 153 0.04 13.41 13.32
C ASP B 153 0.34 12.02 12.77
N LYS B 154 -0.35 10.99 13.27
CA LYS B 154 0.12 9.62 13.09
C LYS B 154 -0.14 9.08 11.69
N ASP B 155 -1.19 9.54 11.03
CA ASP B 155 -1.58 9.05 9.72
C ASP B 155 -1.41 10.09 8.61
N SER B 156 -0.81 11.23 8.90
CA SER B 156 -0.92 12.39 8.03
C SER B 156 0.42 12.96 7.60
N ILE B 157 1.47 12.15 7.59
CA ILE B 157 2.73 12.65 7.04
C ILE B 157 2.64 12.80 5.53
N THR B 158 2.09 11.80 4.85
CA THR B 158 2.08 11.80 3.40
C THR B 158 1.03 12.75 2.86
N THR B 159 -0.02 13.02 3.63
CA THR B 159 -0.99 14.04 3.25
C THR B 159 -0.46 15.44 3.48
N THR B 160 0.38 15.64 4.50
CA THR B 160 1.05 16.93 4.68
C THR B 160 1.99 17.23 3.54
N ILE B 161 2.76 16.23 3.08
CA ILE B 161 3.62 16.44 1.91
C ILE B 161 2.77 16.72 0.67
N ALA B 162 1.70 15.95 0.47
CA ALA B 162 0.87 16.13 -0.72
C ALA B 162 0.06 17.42 -0.71
N TYR B 163 -0.21 17.96 0.48
CA TYR B 163 -0.84 19.28 0.54
C TYR B 163 0.17 20.38 0.23
N HIS B 164 1.30 20.39 0.93
CA HIS B 164 2.24 21.49 0.77
C HIS B 164 2.97 21.47 -0.57
N LEU B 165 3.03 20.34 -1.27
CA LEU B 165 3.67 20.32 -2.58
C LEU B 165 2.69 20.12 -3.72
N ASN B 166 1.38 20.02 -3.43
CA ASN B 166 0.31 19.85 -4.41
C ASN B 166 0.51 18.58 -5.25
N LEU B 167 0.46 17.45 -4.57
CA LEU B 167 0.52 16.14 -5.23
C LEU B 167 -0.90 15.61 -5.35
N ARG B 168 -1.34 15.34 -6.57
CA ARG B 168 -2.73 14.97 -6.80
C ARG B 168 -2.99 13.48 -6.68
N GLY B 169 -1.98 12.63 -6.85
CA GLY B 169 -2.17 11.20 -6.85
C GLY B 169 -2.34 10.60 -5.46
N PRO B 170 -2.19 9.28 -5.34
CA PRO B 170 -2.40 8.61 -4.06
C PRO B 170 -1.44 9.05 -2.97
N ALA B 171 -1.94 9.15 -1.76
CA ALA B 171 -1.12 9.55 -0.61
C ALA B 171 -1.34 8.56 0.53
N ILE B 172 -0.47 7.55 0.62
CA ILE B 172 -0.67 6.41 1.50
C ILE B 172 0.50 6.31 2.46
N THR B 173 0.21 6.23 3.76
CA THR B 173 1.23 5.95 4.78
C THR B 173 1.31 4.46 4.99
N VAL B 174 2.16 3.76 4.23
CA VAL B 174 2.48 2.39 4.60
C VAL B 174 3.32 2.42 5.86
N GLN B 175 3.18 1.40 6.68
CA GLN B 175 3.81 1.49 8.00
C GLN B 175 4.16 0.06 8.45
N THR B 176 5.38 -0.35 8.14
CA THR B 176 5.97 -1.65 8.47
C THR B 176 7.10 -1.35 9.47
N SER B 177 7.63 -2.37 10.15
CA SER B 177 8.52 -2.09 11.28
C SER B 177 9.89 -1.58 10.85
N SER B 178 10.65 -2.37 10.09
CA SER B 178 11.97 -1.94 9.65
C SER B 178 12.17 -2.07 8.15
N SER B 179 11.15 -2.47 7.40
CA SER B 179 11.23 -2.50 5.95
C SER B 179 10.19 -1.57 5.33
N THR B 180 9.84 -0.50 6.06
CA THR B 180 8.79 0.42 5.65
C THR B 180 9.13 1.09 4.34
N SER B 181 10.41 1.43 4.16
CA SER B 181 10.84 2.20 3.02
C SER B 181 10.85 1.36 1.75
N LEU B 182 11.34 0.14 1.83
CA LEU B 182 11.34 -0.71 0.64
C LEU B 182 9.95 -1.27 0.34
N VAL B 183 9.11 -1.43 1.37
CA VAL B 183 7.70 -1.74 1.16
C VAL B 183 7.01 -0.57 0.45
N ALA B 184 7.35 0.67 0.83
CA ALA B 184 6.82 1.86 0.16
C ALA B 184 7.25 1.93 -1.30
N VAL B 185 8.51 1.58 -1.58
CA VAL B 185 8.98 1.53 -2.97
C VAL B 185 8.23 0.45 -3.76
N CYS B 186 7.95 -0.69 -3.13
CA CYS B 186 7.20 -1.75 -3.82
C CYS B 186 5.75 -1.35 -4.06
N VAL B 187 5.11 -0.70 -3.09
CA VAL B 187 3.73 -0.21 -3.25
C VAL B 187 3.67 0.85 -4.34
N ALA B 188 4.69 1.72 -4.41
CA ALA B 188 4.76 2.72 -5.46
C ALA B 188 4.93 2.08 -6.83
N CYS B 189 5.73 1.01 -6.92
CA CYS B 189 5.88 0.33 -8.20
C CYS B 189 4.58 -0.36 -8.63
N GLN B 190 3.86 -0.95 -7.68
CA GLN B 190 2.55 -1.53 -7.98
C GLN B 190 1.57 -0.48 -8.45
N SER B 191 1.56 0.68 -7.79
CA SER B 191 0.63 1.74 -8.16
C SER B 191 0.96 2.33 -9.52
N LEU B 192 2.24 2.47 -9.84
CA LEU B 192 2.62 2.94 -11.16
C LEU B 192 2.34 1.92 -12.24
N LEU B 193 2.31 0.63 -11.90
CA LEU B 193 2.02 -0.39 -12.90
C LEU B 193 0.55 -0.74 -13.02
N THR B 194 -0.27 -0.37 -12.04
CA THR B 194 -1.72 -0.40 -12.17
C THR B 194 -2.28 0.97 -12.56
N TRP B 195 -1.40 1.89 -12.96
CA TRP B 195 -1.73 3.15 -13.64
C TRP B 195 -2.55 4.09 -12.76
N GLN B 196 -2.39 3.99 -11.45
CA GLN B 196 -3.04 4.95 -10.55
C GLN B 196 -2.33 6.30 -10.56
N CYS B 197 -1.03 6.31 -10.74
CA CYS B 197 -0.25 7.54 -10.79
C CYS B 197 0.77 7.42 -11.91
N ASP B 198 1.27 8.57 -12.36
CA ASP B 198 2.23 8.64 -13.45
C ASP B 198 3.65 8.95 -12.96
N MET B 199 3.81 9.21 -11.67
CA MET B 199 5.09 9.45 -11.03
C MET B 199 4.85 9.30 -9.54
N ALA B 200 5.80 8.69 -8.84
CA ALA B 200 5.65 8.49 -7.42
C ALA B 200 6.89 8.96 -6.70
N ILE B 201 6.75 9.21 -5.40
CA ILE B 201 7.90 9.46 -4.54
C ILE B 201 7.73 8.60 -3.30
N ALA B 202 8.76 7.85 -2.96
CA ALA B 202 8.64 6.74 -2.03
C ALA B 202 9.86 6.67 -1.13
N GLY B 203 9.64 6.52 0.17
CA GLY B 203 10.76 6.44 1.08
C GLY B 203 10.31 6.41 2.52
N GLY B 204 11.14 6.96 3.40
CA GLY B 204 10.84 6.89 4.81
C GLY B 204 11.66 7.89 5.59
N VAL B 205 11.43 7.91 6.89
CA VAL B 205 12.04 8.88 7.78
C VAL B 205 12.07 8.29 9.19
N THR B 206 13.15 8.57 9.93
CA THR B 206 13.25 8.24 11.34
C THR B 206 14.15 9.25 12.04
N LEU B 207 13.55 10.13 12.84
CA LEU B 207 14.29 11.20 13.48
C LEU B 207 13.86 11.32 14.93
N GLY B 208 14.83 11.41 15.82
CA GLY B 208 14.57 11.39 17.24
C GLY B 208 14.76 12.73 17.89
N PRO B 209 13.69 13.24 18.51
CA PRO B 209 13.78 14.46 19.32
C PRO B 209 14.72 14.33 20.50
N PRO B 210 14.99 13.11 21.03
CA PRO B 210 16.28 12.94 21.70
C PRO B 210 17.39 12.95 20.65
N ALA B 211 18.11 14.06 20.56
CA ALA B 211 18.99 14.28 19.42
C ALA B 211 20.29 13.50 19.57
N LYS B 212 21.01 13.71 20.67
CA LYS B 212 22.29 13.05 20.92
C LYS B 212 22.13 12.17 22.14
N THR B 213 22.27 10.86 21.96
CA THR B 213 22.06 9.93 23.07
C THR B 213 22.82 8.64 22.81
N GLY B 214 22.96 7.85 23.87
CA GLY B 214 23.42 6.49 23.80
C GLY B 214 22.30 5.54 24.20
N TYR B 215 22.54 4.26 23.92
CA TYR B 215 21.56 3.21 24.29
C TYR B 215 22.19 2.38 25.41
N LEU B 216 21.36 1.83 26.30
CA LEU B 216 21.93 0.92 27.33
C LEU B 216 21.96 -0.49 26.75
N SER B 217 23.09 -0.87 26.14
CA SER B 217 23.23 -2.26 25.61
C SER B 217 23.10 -3.24 26.78
N GLN B 218 22.49 -4.40 26.54
CA GLN B 218 22.40 -5.42 27.62
C GLN B 218 22.95 -6.75 27.09
N GLU B 219 23.01 -7.76 27.96
CA GLU B 219 23.56 -9.08 27.57
C GLU B 219 22.66 -9.70 26.50
N GLY B 220 23.25 -10.24 25.43
CA GLY B 220 22.46 -10.93 24.39
C GLY B 220 21.49 -9.97 23.72
N GLY B 221 21.70 -8.67 23.88
CA GLY B 221 20.79 -7.65 23.31
C GLY B 221 21.11 -7.39 21.86
N ILE B 222 20.12 -7.00 21.06
CA ILE B 222 20.32 -6.81 19.59
C ILE B 222 21.32 -5.68 19.30
N THR B 223 21.56 -4.78 20.27
CA THR B 223 22.45 -3.62 20.01
C THR B 223 23.91 -4.01 20.27
N ALA B 224 24.85 -3.34 19.60
CA ALA B 224 26.29 -3.66 19.76
C ALA B 224 26.79 -3.15 21.11
N ALA B 225 27.83 -3.78 21.65
CA ALA B 225 28.39 -3.34 22.96
C ALA B 225 29.65 -2.51 22.74
N ASP B 226 29.78 -1.89 21.56
CA ASP B 226 31.00 -1.12 21.23
C ASP B 226 30.63 0.13 20.43
N GLY B 227 29.52 0.07 19.69
CA GLY B 227 29.08 1.22 18.86
C GLY B 227 29.53 1.07 17.42
N HIS B 228 30.34 0.05 17.12
CA HIS B 228 30.79 -0.22 15.74
C HIS B 228 29.90 -1.33 15.15
N CYS B 229 29.06 -1.00 14.16
CA CYS B 229 28.15 -2.01 13.62
C CYS B 229 28.90 -2.92 12.67
N ARG B 230 29.53 -3.93 13.24
CA ARG B 230 30.22 -4.94 12.44
C ARG B 230 29.19 -5.88 11.84
N ALA B 231 29.21 -6.01 10.52
CA ALA B 231 28.24 -6.83 9.82
C ALA B 231 28.93 -8.03 9.19
N PHE B 232 28.30 -9.20 9.36
CA PHE B 232 28.69 -10.46 8.71
C PHE B 232 30.11 -10.88 9.10
N SER B 233 30.47 -10.66 10.36
CA SER B 233 31.81 -10.94 10.86
C SER B 233 31.72 -11.71 12.17
N ASP B 234 32.83 -12.37 12.52
CA ASP B 234 32.86 -13.18 13.74
C ASP B 234 32.90 -12.33 15.01
N ASN B 235 33.23 -11.04 14.90
CA ASN B 235 33.22 -10.12 16.02
C ASN B 235 31.95 -9.29 16.08
N SER B 236 30.93 -9.66 15.32
CA SER B 236 29.70 -8.87 15.27
C SER B 236 28.92 -9.02 16.56
N SER B 237 28.70 -7.90 17.25
CA SER B 237 27.99 -7.90 18.52
C SER B 237 26.61 -7.27 18.43
N GLY B 238 26.18 -6.84 17.24
CA GLY B 238 24.87 -6.23 17.10
C GLY B 238 24.82 -5.12 16.07
N PHE B 239 23.92 -4.15 16.27
CA PHE B 239 23.84 -2.97 15.41
C PHE B 239 23.94 -1.72 16.28
N VAL B 240 23.98 -0.57 15.62
CA VAL B 240 23.99 0.73 16.29
C VAL B 240 22.87 1.59 15.70
N PRO B 241 22.06 2.25 16.52
CA PRO B 241 20.88 2.95 16.00
C PRO B 241 21.25 4.23 15.26
N GLY B 242 20.79 4.33 14.01
CA GLY B 242 20.92 5.54 13.24
C GLY B 242 19.61 6.30 13.13
N THR B 243 19.71 7.52 12.62
CA THR B 243 18.57 8.35 12.30
C THR B 243 18.77 8.92 10.90
N GLY B 244 17.69 9.08 10.16
CA GLY B 244 17.81 9.53 8.79
C GLY B 244 16.52 9.56 8.01
N ALA B 245 16.47 10.36 6.95
CA ALA B 245 15.37 10.38 6.01
C ALA B 245 15.84 9.80 4.69
N GLY B 246 14.91 9.70 3.75
CA GLY B 246 15.31 9.28 2.43
C GLY B 246 14.13 9.09 1.52
N LEU B 247 14.22 9.56 0.27
CA LEU B 247 13.12 9.44 -0.67
C LEU B 247 13.68 9.24 -2.06
N VAL B 248 13.02 8.39 -2.84
CA VAL B 248 13.34 8.24 -4.25
C VAL B 248 12.12 8.66 -5.05
N VAL B 249 12.34 8.89 -6.35
CA VAL B 249 11.32 9.33 -7.27
C VAL B 249 11.25 8.32 -8.40
N LEU B 250 10.07 7.79 -8.64
CA LEU B 250 9.86 6.60 -9.45
C LEU B 250 8.95 6.94 -10.62
N LYS B 251 9.21 6.32 -11.75
CA LYS B 251 8.54 6.64 -13.00
C LYS B 251 8.67 5.44 -13.91
N ARG B 252 7.63 5.15 -14.69
CA ARG B 252 7.68 4.02 -15.61
C ARG B 252 8.75 4.23 -16.67
N VAL B 253 9.40 3.15 -17.10
CA VAL B 253 10.69 3.30 -17.77
C VAL B 253 10.54 3.76 -19.21
N ASP B 254 9.45 3.43 -19.89
CA ASP B 254 9.29 3.91 -21.27
C ASP B 254 8.95 5.39 -21.28
N GLU B 255 8.13 5.83 -20.33
CA GLU B 255 7.85 7.26 -20.17
C GLU B 255 9.11 8.03 -19.76
N ALA B 256 9.89 7.48 -18.82
CA ALA B 256 11.10 8.14 -18.37
C ALA B 256 12.20 8.15 -19.42
N LEU B 257 12.17 7.22 -20.37
CA LEU B 257 13.15 7.22 -21.44
C LEU B 257 12.68 8.03 -22.64
N ARG B 258 11.37 8.25 -22.77
CA ARG B 258 10.86 9.13 -23.81
C ARG B 258 10.96 10.60 -23.40
N ASP B 259 10.67 10.91 -22.14
CA ASP B 259 10.80 12.27 -21.63
C ASP B 259 12.24 12.72 -21.48
N GLY B 260 13.21 11.82 -21.59
CA GLY B 260 14.61 12.16 -21.48
C GLY B 260 15.05 12.54 -20.09
N ASP B 261 14.64 11.79 -19.08
CA ASP B 261 15.14 12.04 -17.73
C ASP B 261 16.46 11.32 -17.54
N ASN B 262 17.08 11.50 -16.37
CA ASN B 262 18.22 10.68 -16.01
C ASN B 262 17.73 9.49 -15.20
N ILE B 263 18.14 8.30 -15.62
CA ILE B 263 17.71 7.07 -14.98
C ILE B 263 18.89 6.55 -14.18
N TYR B 264 18.71 6.43 -12.87
CA TYR B 264 19.79 5.84 -12.08
C TYR B 264 19.81 4.33 -12.27
N ALA B 265 18.72 3.66 -11.91
CA ALA B 265 18.62 2.21 -11.98
C ALA B 265 17.15 1.83 -12.18
N VAL B 266 16.89 0.99 -13.16
CA VAL B 266 15.54 0.51 -13.43
C VAL B 266 15.20 -0.61 -12.45
N ILE B 267 14.12 -0.45 -11.70
CA ILE B 267 13.64 -1.49 -10.81
C ILE B 267 12.89 -2.52 -11.64
N LYS B 268 13.48 -3.70 -11.83
CA LYS B 268 12.88 -4.72 -12.69
C LYS B 268 12.01 -5.70 -11.93
N GLY B 269 12.32 -5.99 -10.67
CA GLY B 269 11.51 -6.93 -9.92
C GLY B 269 11.39 -6.49 -8.48
N PHE B 270 10.36 -6.99 -7.81
CA PHE B 270 10.16 -6.70 -6.40
C PHE B 270 9.26 -7.78 -5.82
N ALA B 271 9.36 -7.98 -4.51
CA ALA B 271 8.58 -9.00 -3.83
C ALA B 271 8.50 -8.69 -2.35
N VAL B 272 7.29 -8.60 -1.81
CA VAL B 272 7.04 -8.50 -0.39
C VAL B 272 6.33 -9.77 0.05
N ASN B 273 6.67 -10.29 1.22
CA ASN B 273 5.86 -11.32 1.86
C ASN B 273 6.08 -11.26 3.37
N ASN B 274 5.57 -12.27 4.05
CA ASN B 274 5.66 -12.40 5.50
C ASN B 274 6.08 -13.83 5.80
N ASP B 275 6.45 -14.10 7.05
CA ASP B 275 6.88 -15.44 7.41
C ASP B 275 5.69 -16.29 7.85
N GLY B 276 4.99 -15.85 8.88
CA GLY B 276 3.80 -16.54 9.34
C GLY B 276 4.03 -17.86 10.05
N SER B 277 4.53 -17.80 11.29
CA SER B 277 4.50 -18.90 12.26
C SER B 277 5.30 -20.12 11.80
N GLU B 278 6.34 -19.91 11.01
CA GLU B 278 7.35 -20.92 10.73
C GLU B 278 8.58 -20.71 11.60
N LYS B 279 8.35 -20.32 12.85
CA LYS B 279 9.41 -19.84 13.72
C LYS B 279 9.09 -20.22 15.15
N ILE B 280 10.14 -20.33 15.97
CA ILE B 280 9.96 -20.77 17.35
C ILE B 280 9.30 -19.71 18.22
N SER B 281 9.45 -18.44 17.86
CA SER B 281 8.82 -17.35 18.58
C SER B 281 8.61 -16.22 17.59
N TYR B 282 7.82 -15.22 18.00
CA TYR B 282 7.37 -14.17 17.09
C TYR B 282 8.55 -13.32 16.58
N THR B 283 9.48 -12.97 17.46
CA THR B 283 10.61 -12.12 17.09
C THR B 283 11.84 -12.98 16.80
N ALA B 284 11.73 -13.75 15.71
CA ALA B 284 12.82 -14.61 15.25
C ALA B 284 12.67 -14.85 13.76
N PRO B 285 13.65 -14.47 12.94
CA PRO B 285 13.47 -14.55 11.49
C PRO B 285 13.51 -15.97 10.97
N SER B 286 13.06 -16.13 9.72
CA SER B 286 13.00 -17.41 9.06
C SER B 286 13.86 -17.39 7.82
N VAL B 287 14.09 -18.56 7.25
CA VAL B 287 14.96 -18.74 6.10
C VAL B 287 14.16 -18.89 4.82
N ASP B 288 13.12 -19.73 4.85
CA ASP B 288 12.41 -20.10 3.64
C ASP B 288 11.55 -18.95 3.10
N ALA B 289 11.02 -18.11 3.99
CA ALA B 289 10.25 -16.95 3.54
C ALA B 289 11.13 -15.92 2.86
N GLN B 290 12.31 -15.65 3.43
CA GLN B 290 13.27 -14.76 2.80
C GLN B 290 13.76 -15.30 1.47
N ALA B 291 13.93 -16.62 1.40
CA ALA B 291 14.29 -17.26 0.13
C ALA B 291 13.17 -17.12 -0.90
N ARG B 292 11.91 -17.22 -0.46
CA ARG B 292 10.78 -17.01 -1.38
C ARG B 292 10.74 -15.58 -1.88
N ALA B 293 11.01 -14.61 -1.01
CA ALA B 293 11.04 -13.20 -1.42
C ALA B 293 12.11 -12.93 -2.47
N ILE B 294 13.33 -13.45 -2.24
CA ILE B 294 14.43 -13.23 -3.17
C ILE B 294 14.17 -13.94 -4.50
N ALA B 295 13.72 -15.20 -4.45
CA ALA B 295 13.45 -15.93 -5.67
C ALA B 295 12.26 -15.39 -6.42
N GLN B 296 11.28 -14.80 -5.71
CA GLN B 296 10.13 -14.19 -6.36
C GLN B 296 10.50 -12.90 -7.07
N ALA B 297 11.35 -12.08 -6.45
CA ALA B 297 11.79 -10.85 -7.10
C ALA B 297 12.63 -11.15 -8.34
N GLN B 298 13.54 -12.12 -8.27
CA GLN B 298 14.26 -12.49 -9.49
C GLN B 298 13.39 -13.23 -10.50
N ARG B 299 12.30 -13.86 -10.07
CA ARG B 299 11.38 -14.50 -11.00
C ARG B 299 10.56 -13.47 -11.76
N LEU B 300 10.03 -12.46 -11.05
CA LEU B 300 9.32 -11.36 -11.67
C LEU B 300 10.21 -10.54 -12.58
N ALA B 301 11.48 -10.36 -12.20
CA ALA B 301 12.39 -9.61 -13.05
C ALA B 301 12.77 -10.35 -14.33
N GLY B 302 12.51 -11.65 -14.40
CA GLY B 302 12.97 -12.42 -15.54
C GLY B 302 14.44 -12.72 -15.51
N LEU B 303 15.04 -12.75 -14.32
CA LEU B 303 16.48 -12.88 -14.15
C LEU B 303 16.79 -14.22 -13.51
N THR B 304 17.63 -15.00 -14.16
CA THR B 304 18.29 -16.13 -13.52
C THR B 304 19.23 -15.60 -12.43
N PRO B 305 19.47 -16.36 -11.36
CA PRO B 305 20.40 -15.87 -10.33
C PRO B 305 21.86 -15.87 -10.75
N GLN B 306 22.19 -16.35 -11.95
CA GLN B 306 23.48 -16.25 -12.61
C GLN B 306 23.63 -14.89 -13.34
N ASP B 307 22.84 -13.90 -12.95
CA ASP B 307 22.90 -12.56 -13.51
C ASP B 307 23.19 -11.48 -12.49
N ILE B 308 22.74 -11.64 -11.26
CA ILE B 308 22.90 -10.64 -10.22
C ILE B 308 24.35 -10.64 -9.75
N THR B 309 24.97 -9.46 -9.72
CA THR B 309 26.39 -9.31 -9.45
C THR B 309 26.65 -8.60 -8.12
N TYR B 310 25.70 -7.83 -7.62
CA TYR B 310 25.81 -7.20 -6.31
C TYR B 310 24.54 -7.50 -5.53
N VAL B 311 24.67 -7.71 -4.23
CA VAL B 311 23.51 -7.90 -3.37
C VAL B 311 23.72 -7.04 -2.14
N GLU B 312 22.79 -6.14 -1.88
CA GLU B 312 22.78 -5.38 -0.63
C GLU B 312 21.89 -6.14 0.34
N ALA B 313 22.50 -6.95 1.20
CA ALA B 313 21.76 -7.62 2.24
C ALA B 313 21.34 -6.63 3.31
N HIS B 314 20.41 -7.07 4.16
CA HIS B 314 20.02 -6.25 5.31
C HIS B 314 21.19 -6.05 6.25
N GLY B 315 21.83 -7.15 6.66
CA GLY B 315 23.13 -7.13 7.31
C GLY B 315 23.25 -6.33 8.59
N THR B 316 22.30 -6.51 9.50
CA THR B 316 22.27 -5.72 10.72
C THR B 316 23.44 -6.02 11.66
N GLY B 317 24.08 -7.17 11.55
CA GLY B 317 25.21 -7.48 12.40
C GLY B 317 24.88 -8.11 13.73
N THR B 318 23.66 -8.58 13.93
CA THR B 318 23.34 -9.31 15.14
C THR B 318 23.81 -10.75 15.03
N ARG B 319 23.89 -11.44 16.17
CA ARG B 319 24.40 -12.79 16.21
C ARG B 319 23.48 -13.79 15.52
N LEU B 320 22.16 -13.58 15.62
CA LEU B 320 21.19 -14.56 15.18
C LEU B 320 20.67 -14.28 13.77
N GLY B 321 20.56 -13.01 13.37
CA GLY B 321 20.04 -12.70 12.05
C GLY B 321 21.03 -12.88 10.92
N ASP B 322 22.33 -12.77 11.20
CA ASP B 322 23.35 -12.93 10.17
C ASP B 322 23.42 -14.32 9.52
N PRO B 323 23.40 -15.46 10.24
CA PRO B 323 23.44 -16.74 9.51
C PRO B 323 22.15 -17.06 8.80
N VAL B 324 21.01 -16.54 9.30
CA VAL B 324 19.72 -16.75 8.68
C VAL B 324 19.66 -16.10 7.30
N GLU B 325 20.17 -14.87 7.19
CA GLU B 325 20.12 -14.14 5.94
C GLU B 325 21.07 -14.73 4.90
N PHE B 326 22.25 -15.16 5.34
CA PHE B 326 23.16 -15.81 4.41
C PHE B 326 22.67 -17.19 4.01
N SER B 327 21.96 -17.88 4.92
CA SER B 327 21.34 -19.15 4.57
C SER B 327 20.25 -18.95 3.52
N ALA B 328 19.45 -17.89 3.67
CA ALA B 328 18.41 -17.58 2.71
C ALA B 328 18.98 -17.16 1.36
N LEU B 329 20.05 -16.37 1.37
CA LEU B 329 20.71 -15.95 0.14
C LEU B 329 21.35 -17.13 -0.58
N SER B 330 21.95 -18.06 0.18
CA SER B 330 22.52 -19.27 -0.40
C SER B 330 21.43 -20.15 -1.00
N GLN B 331 20.29 -20.27 -0.30
CA GLN B 331 19.17 -21.06 -0.80
C GLN B 331 18.60 -20.48 -2.08
N ALA B 332 18.47 -19.16 -2.15
CA ALA B 332 17.91 -18.52 -3.34
C ALA B 332 18.91 -18.47 -4.49
N PHE B 333 20.20 -18.44 -4.20
CA PHE B 333 21.25 -18.41 -5.22
C PHE B 333 21.81 -19.79 -5.52
N ALA B 334 21.23 -20.85 -4.95
CA ALA B 334 21.77 -22.20 -5.07
C ALA B 334 21.69 -22.76 -6.49
N GLY B 335 20.94 -22.13 -7.38
CA GLY B 335 20.92 -22.57 -8.76
C GLY B 335 22.08 -22.10 -9.60
N ALA B 336 22.97 -21.28 -9.04
CA ALA B 336 24.10 -20.75 -9.80
C ALA B 336 25.17 -21.82 -10.01
N SER B 337 26.08 -21.54 -10.93
CA SER B 337 27.19 -22.43 -11.22
C SER B 337 28.56 -21.78 -11.13
N GLN B 338 28.63 -20.45 -11.03
CA GLN B 338 29.91 -19.78 -10.83
C GLN B 338 30.29 -19.82 -9.36
N LYS B 339 31.41 -19.19 -9.02
CA LYS B 339 31.98 -19.41 -7.69
C LYS B 339 32.56 -18.09 -7.23
N GLN B 340 31.96 -17.49 -6.19
CA GLN B 340 32.32 -16.18 -5.64
C GLN B 340 32.31 -15.10 -6.73
N TYR B 341 31.13 -14.92 -7.32
CA TYR B 341 30.97 -13.95 -8.40
C TYR B 341 30.03 -12.81 -8.05
N CYS B 342 29.48 -12.79 -6.84
CA CYS B 342 28.54 -11.77 -6.41
C CYS B 342 29.03 -11.12 -5.13
N ALA B 343 28.92 -9.80 -5.04
CA ALA B 343 29.39 -9.09 -3.87
C ALA B 343 28.34 -9.08 -2.78
N LEU B 344 28.74 -8.62 -1.61
CA LEU B 344 27.81 -8.47 -0.50
C LEU B 344 28.17 -7.21 0.26
N GLY B 345 27.15 -6.58 0.86
CA GLY B 345 27.40 -5.33 1.56
C GLY B 345 26.28 -4.99 2.53
N SER B 346 26.48 -3.90 3.25
CA SER B 346 25.50 -3.38 4.20
C SER B 346 25.81 -1.93 4.49
N VAL B 347 24.79 -1.07 4.43
CA VAL B 347 25.00 0.35 4.73
C VAL B 347 25.22 0.54 6.22
N LYS B 348 24.68 -0.35 7.04
CA LYS B 348 24.63 -0.14 8.48
C LYS B 348 26.00 -0.16 9.14
N THR B 349 27.02 -0.68 8.45
CA THR B 349 28.39 -0.48 8.89
C THR B 349 28.76 1.00 8.93
N ASN B 350 28.41 1.75 7.88
CA ASN B 350 28.76 3.16 7.80
C ASN B 350 27.90 4.02 8.72
N ILE B 351 26.59 4.07 8.48
CA ILE B 351 25.73 5.05 9.13
C ILE B 351 24.98 4.50 10.33
N GLY B 352 24.96 3.19 10.52
CA GLY B 352 24.17 2.59 11.57
C GLY B 352 22.89 2.00 11.02
N HIS B 353 22.13 1.38 11.90
CA HIS B 353 20.86 0.78 11.50
C HIS B 353 19.77 1.83 11.62
N LEU B 354 19.34 2.36 10.47
CA LEU B 354 18.18 3.23 10.43
C LEU B 354 16.94 2.41 10.76
N ASP B 355 15.99 3.00 11.44
CA ASP B 355 14.82 2.21 11.83
C ASP B 355 13.86 2.06 10.65
N THR B 356 13.32 3.17 10.18
CA THR B 356 12.30 3.19 9.14
C THR B 356 12.90 3.46 7.76
N ALA B 357 13.96 4.27 7.69
CA ALA B 357 14.60 4.63 6.44
C ALA B 357 15.71 3.65 6.03
N ALA B 358 15.73 2.45 6.63
CA ALA B 358 16.79 1.50 6.36
C ALA B 358 16.74 0.95 4.94
N GLY B 359 15.54 0.66 4.45
CA GLY B 359 15.43 0.07 3.13
C GLY B 359 15.68 1.04 2.00
N VAL B 360 15.50 2.33 2.24
CA VAL B 360 15.73 3.32 1.20
C VAL B 360 17.16 3.83 1.23
N ALA B 361 17.84 3.78 2.38
CA ALA B 361 19.28 4.06 2.40
C ALA B 361 20.05 3.04 1.58
N GLY B 362 19.70 1.76 1.73
CA GLY B 362 20.28 0.73 0.90
C GLY B 362 19.88 0.85 -0.55
N LEU B 363 18.68 1.37 -0.83
CA LEU B 363 18.27 1.50 -2.22
C LEU B 363 18.96 2.68 -2.90
N ILE B 364 19.17 3.78 -2.18
CA ILE B 364 19.98 4.89 -2.67
C ILE B 364 21.42 4.45 -2.91
N LYS B 365 22.02 3.73 -1.95
CA LYS B 365 23.39 3.25 -2.11
C LYS B 365 23.52 2.29 -3.29
N THR B 366 22.54 1.40 -3.45
CA THR B 366 22.61 0.43 -4.55
C THR B 366 22.32 1.08 -5.89
N ALA B 367 21.44 2.08 -5.95
CA ALA B 367 21.15 2.74 -7.21
C ALA B 367 22.33 3.61 -7.66
N LEU B 368 22.98 4.28 -6.71
CA LEU B 368 24.21 5.00 -7.02
C LEU B 368 25.30 4.06 -7.49
N ALA B 369 25.44 2.90 -6.84
CA ALA B 369 26.44 1.92 -7.25
C ALA B 369 26.15 1.34 -8.63
N VAL B 370 24.87 1.19 -8.99
CA VAL B 370 24.55 0.73 -10.34
C VAL B 370 24.87 1.81 -11.37
N GLN B 371 24.49 3.07 -11.08
CA GLN B 371 24.67 4.13 -12.08
C GLN B 371 26.13 4.49 -12.29
N GLN B 372 26.87 4.71 -11.19
CA GLN B 372 28.30 5.01 -11.31
C GLN B 372 29.07 3.82 -11.83
N GLY B 373 28.77 2.63 -11.31
CA GLY B 373 29.44 1.43 -11.75
C GLY B 373 30.61 1.02 -10.90
N ILE B 374 30.68 1.45 -9.64
CA ILE B 374 31.71 1.04 -8.71
C ILE B 374 31.06 0.65 -7.38
N ILE B 375 31.42 -0.52 -6.87
CA ILE B 375 30.84 -1.04 -5.63
C ILE B 375 31.56 -0.41 -4.45
N PRO B 376 30.85 0.11 -3.45
CA PRO B 376 31.52 0.64 -2.26
C PRO B 376 32.17 -0.42 -1.39
N ALA B 377 32.72 0.02 -0.26
CA ALA B 377 33.50 -0.84 0.62
C ALA B 377 32.73 -1.10 1.90
N THR B 378 32.53 -2.37 2.22
CA THR B 378 31.97 -2.73 3.52
C THR B 378 33.03 -2.50 4.59
N LEU B 379 32.63 -1.86 5.68
CA LEU B 379 33.55 -1.56 6.76
C LEU B 379 33.67 -2.73 7.71
N HIS B 380 34.74 -2.72 8.51
CA HIS B 380 35.01 -3.57 9.67
C HIS B 380 35.21 -5.05 9.34
N PHE B 381 35.15 -5.46 8.08
CA PHE B 381 35.20 -6.87 7.72
C PHE B 381 36.65 -7.24 7.37
N GLU B 382 37.21 -8.19 8.11
CA GLU B 382 38.51 -8.74 7.78
C GLU B 382 38.46 -10.27 7.82
N ARG B 383 37.59 -10.84 8.64
CA ARG B 383 37.44 -12.28 8.78
C ARG B 383 35.95 -12.63 8.77
N PRO B 384 35.58 -13.76 8.13
CA PRO B 384 34.16 -14.12 8.02
C PRO B 384 33.51 -14.54 9.34
N ASN B 385 32.24 -14.89 9.26
CA ASN B 385 31.50 -15.41 10.40
C ASN B 385 31.78 -16.91 10.56
N ALA B 386 31.48 -17.43 11.75
CA ALA B 386 31.67 -18.85 12.01
C ALA B 386 30.69 -19.70 11.21
N GLN B 387 29.44 -19.27 11.11
CA GLN B 387 28.40 -20.02 10.44
C GLN B 387 28.15 -19.54 9.01
N ILE B 388 29.04 -18.71 8.47
CA ILE B 388 28.97 -18.24 7.09
C ILE B 388 30.25 -18.63 6.38
N ASP B 389 30.12 -19.34 5.26
CA ASP B 389 31.25 -19.79 4.47
C ASP B 389 31.28 -18.99 3.16
N LEU B 390 32.14 -17.98 3.10
CA LEU B 390 32.26 -17.18 1.89
C LEU B 390 32.91 -17.95 0.75
N THR B 391 33.72 -18.96 1.05
CA THR B 391 34.48 -19.63 -0.01
C THR B 391 33.61 -20.65 -0.74
N ASN B 392 32.71 -21.32 -0.04
CA ASN B 392 31.77 -22.26 -0.64
C ASN B 392 30.38 -21.64 -0.81
N SER B 393 30.35 -20.37 -1.18
CA SER B 393 29.15 -19.63 -1.54
C SER B 393 29.49 -18.79 -2.76
N PRO B 394 28.49 -18.29 -3.50
CA PRO B 394 28.76 -17.35 -4.58
C PRO B 394 29.03 -15.92 -4.15
N PHE B 395 29.20 -15.65 -2.86
CA PHE B 395 29.34 -14.29 -2.35
C PHE B 395 30.76 -14.02 -1.90
N TYR B 396 31.22 -12.79 -2.12
CA TYR B 396 32.39 -12.26 -1.45
C TYR B 396 32.07 -10.90 -0.87
N ILE B 397 32.71 -10.59 0.24
CA ILE B 397 32.60 -9.29 0.88
C ILE B 397 33.92 -8.57 0.69
N ASN B 398 33.88 -7.40 0.07
CA ASN B 398 35.09 -6.61 -0.16
C ASN B 398 35.24 -5.52 0.91
N THR B 399 36.48 -5.09 1.10
CA THR B 399 36.79 -4.09 2.11
C THR B 399 37.35 -2.82 1.49
N THR B 400 37.66 -2.85 0.20
CA THR B 400 38.10 -1.68 -0.56
C THR B 400 37.03 -1.31 -1.58
N CYS B 401 36.99 -0.01 -1.93
CA CYS B 401 36.07 0.48 -2.94
C CYS B 401 36.44 -0.10 -4.30
N GLN B 402 35.66 -1.07 -4.73
CA GLN B 402 36.02 -1.93 -5.84
C GLN B 402 35.22 -1.58 -7.08
N PRO B 403 35.89 -1.31 -8.20
CA PRO B 403 35.17 -1.10 -9.47
C PRO B 403 34.34 -2.30 -9.88
N TRP B 404 33.17 -2.02 -10.45
CA TRP B 404 32.18 -3.03 -10.79
C TRP B 404 32.19 -3.20 -12.30
N GLN B 405 32.75 -4.32 -12.76
CA GLN B 405 32.58 -4.77 -14.12
C GLN B 405 31.80 -6.07 -14.12
N PRO B 406 30.79 -6.22 -14.96
CA PRO B 406 30.11 -7.50 -15.10
C PRO B 406 30.74 -8.36 -16.20
N GLU B 407 30.18 -9.55 -16.37
CA GLU B 407 30.68 -10.44 -17.41
C GLU B 407 29.95 -10.25 -18.73
N SER B 408 28.62 -10.16 -18.70
CA SER B 408 27.84 -9.95 -19.91
C SER B 408 27.81 -8.49 -20.34
N GLY B 409 28.23 -7.56 -19.48
CA GLY B 409 28.21 -6.15 -19.79
C GLY B 409 27.05 -5.38 -19.20
N ILE B 410 26.20 -6.02 -18.40
CA ILE B 410 25.05 -5.39 -17.78
C ILE B 410 25.14 -5.62 -16.28
N ARG B 411 25.03 -4.55 -15.50
CA ARG B 411 25.03 -4.66 -14.06
C ARG B 411 23.62 -4.91 -13.56
N ARG B 412 23.49 -5.77 -12.55
CA ARG B 412 22.23 -6.07 -11.89
C ARG B 412 22.49 -6.18 -10.40
N ALA B 413 21.47 -5.92 -9.60
CA ALA B 413 21.68 -5.81 -8.17
C ALA B 413 20.44 -6.28 -7.43
N GLY B 414 20.37 -5.97 -6.14
CA GLY B 414 19.21 -6.33 -5.35
C GLY B 414 19.35 -5.89 -3.92
N VAL B 415 18.27 -5.33 -3.36
CA VAL B 415 18.24 -4.84 -1.99
C VAL B 415 17.25 -5.67 -1.21
N THR B 416 17.66 -6.14 -0.04
CA THR B 416 16.83 -6.95 0.84
C THR B 416 16.57 -6.16 2.11
N SER B 417 15.31 -6.13 2.53
CA SER B 417 14.93 -5.47 3.78
C SER B 417 14.04 -6.40 4.59
N LEU B 418 14.15 -6.31 5.91
CA LEU B 418 13.49 -7.21 6.84
C LEU B 418 12.86 -6.41 7.97
N GLY B 419 11.57 -6.64 8.22
CA GLY B 419 10.91 -6.01 9.33
C GLY B 419 11.09 -6.77 10.62
N MET B 420 10.62 -6.17 11.70
CA MET B 420 10.66 -6.82 13.01
C MET B 420 9.42 -7.66 13.26
N GLY B 421 8.30 -7.29 12.65
CA GLY B 421 7.12 -8.13 12.73
C GLY B 421 7.22 -9.39 11.89
N GLY B 422 7.97 -9.33 10.79
CA GLY B 422 8.12 -10.50 9.97
C GLY B 422 8.16 -10.24 8.48
N THR B 423 7.97 -8.99 8.08
CA THR B 423 7.79 -8.66 6.66
C THR B 423 9.13 -8.60 5.94
N ASN B 424 9.22 -9.27 4.79
CA ASN B 424 10.45 -9.37 4.02
C ASN B 424 10.23 -8.79 2.64
N ALA B 425 11.11 -7.87 2.22
CA ALA B 425 11.01 -7.23 0.93
C ALA B 425 12.32 -7.38 0.18
N HIS B 426 12.24 -7.56 -1.13
CA HIS B 426 13.42 -7.66 -1.98
C HIS B 426 13.14 -6.93 -3.29
N VAL B 427 14.11 -6.16 -3.75
CA VAL B 427 13.97 -5.34 -4.95
C VAL B 427 15.17 -5.59 -5.86
N VAL B 428 14.92 -5.98 -7.10
CA VAL B 428 15.95 -6.30 -8.06
C VAL B 428 16.00 -5.20 -9.11
N LEU B 429 17.14 -4.49 -9.15
CA LEU B 429 17.40 -3.37 -10.05
C LEU B 429 18.02 -3.88 -11.35
N GLU B 430 18.46 -2.95 -12.20
CA GLU B 430 19.17 -3.26 -13.43
C GLU B 430 19.94 -2.01 -13.82
N GLN B 431 20.70 -2.10 -14.91
CA GLN B 431 21.37 -0.95 -15.48
C GLN B 431 20.38 -0.13 -16.30
N ALA B 432 20.58 1.19 -16.28
CA ALA B 432 19.87 2.07 -17.20
C ALA B 432 20.25 1.73 -18.64
N PRO B 433 19.33 1.88 -19.59
CA PRO B 433 19.61 1.42 -20.97
C PRO B 433 20.62 2.27 -21.71
N ALA B 434 20.86 1.93 -22.97
CA ALA B 434 21.97 2.49 -23.74
C ALA B 434 21.68 3.95 -24.09
N VAL B 435 22.35 4.86 -23.38
CA VAL B 435 22.28 6.28 -23.71
C VAL B 435 23.03 6.53 -25.01
N ASP B 436 22.55 7.50 -25.79
CA ASP B 436 23.17 7.86 -27.05
C ASP B 436 23.24 9.39 -27.13
N LEU B 437 24.37 9.94 -26.73
CA LEU B 437 24.60 11.37 -26.75
C LEU B 437 25.71 11.74 -27.74
N GLN B 438 25.73 11.04 -28.88
CA GLN B 438 26.70 11.28 -29.93
C GLN B 438 26.07 11.75 -31.23
N ALA B 439 24.81 11.40 -31.48
CA ALA B 439 24.12 11.81 -32.70
C ALA B 439 23.39 13.14 -32.55
N ARG B 440 23.46 13.77 -31.38
CA ARG B 440 22.82 15.07 -31.19
C ARG B 440 23.60 16.16 -31.90
N ALA B 441 22.89 17.20 -32.29
CA ALA B 441 23.54 18.43 -32.73
C ALA B 441 24.24 19.07 -31.53
N PRO B 442 25.37 19.80 -31.76
CA PRO B 442 26.16 20.28 -30.62
C PRO B 442 25.51 21.32 -29.74
N VAL B 443 26.25 21.71 -28.70
CA VAL B 443 25.81 22.60 -27.63
C VAL B 443 25.57 23.98 -28.21
N PRO B 444 24.59 24.75 -27.72
CA PRO B 444 24.51 26.18 -28.09
C PRO B 444 25.75 26.92 -27.60
N ALA B 445 26.08 27.99 -28.32
CA ALA B 445 27.34 28.71 -28.08
C ALA B 445 27.37 29.36 -26.71
N TYR B 446 26.26 29.92 -26.26
CA TYR B 446 26.15 30.49 -24.92
C TYR B 446 24.86 30.01 -24.31
N SER B 447 24.82 29.96 -22.98
CA SER B 447 23.61 29.52 -22.28
C SER B 447 23.36 30.39 -21.07
N ILE B 448 22.08 30.53 -20.74
CA ILE B 448 21.63 31.31 -19.59
C ILE B 448 21.51 30.35 -18.41
N LEU B 449 22.08 30.75 -17.28
CA LEU B 449 21.99 29.99 -16.03
C LEU B 449 21.08 30.74 -15.08
N PRO B 450 19.82 30.37 -14.94
CA PRO B 450 18.91 31.07 -14.04
C PRO B 450 18.84 30.45 -12.65
N PHE B 451 18.91 31.26 -11.61
CA PHE B 451 18.77 30.82 -10.23
C PHE B 451 17.71 31.69 -9.57
N SER B 452 16.96 31.12 -8.62
CA SER B 452 15.89 31.87 -7.98
C SER B 452 15.63 31.31 -6.59
N ALA B 453 15.08 32.17 -5.73
CA ALA B 453 14.82 31.80 -4.34
C ALA B 453 13.79 32.76 -3.76
N LYS B 454 13.23 32.36 -2.62
CA LYS B 454 12.25 33.19 -1.92
C LYS B 454 12.90 34.26 -1.05
N THR B 455 14.18 34.13 -0.74
CA THR B 455 14.88 35.05 0.13
C THR B 455 16.24 35.33 -0.48
N ASP B 456 16.81 36.48 -0.16
CA ASP B 456 18.18 36.76 -0.59
C ASP B 456 19.19 35.83 0.06
N SER B 457 18.91 35.38 1.29
CA SER B 457 19.79 34.40 1.94
C SER B 457 19.77 33.07 1.21
N ALA B 458 18.60 32.62 0.79
CA ALA B 458 18.51 31.36 0.07
C ALA B 458 19.09 31.46 -1.33
N LEU B 459 19.03 32.64 -1.94
CA LEU B 459 19.70 32.83 -3.23
C LEU B 459 21.21 32.84 -3.08
N SER B 460 21.72 33.47 -2.02
CA SER B 460 23.16 33.46 -1.76
C SER B 460 23.67 32.05 -1.48
N SER B 461 22.91 31.29 -0.68
CA SER B 461 23.32 29.92 -0.38
C SER B 461 23.18 29.01 -1.59
N GLY B 462 22.18 29.22 -2.44
CA GLY B 462 22.07 28.43 -3.66
C GLY B 462 23.17 28.73 -4.66
N LEU B 463 23.56 30.00 -4.78
CA LEU B 463 24.69 30.36 -5.61
C LEU B 463 25.99 29.78 -5.05
N ALA B 464 26.13 29.75 -3.72
CA ALA B 464 27.30 29.12 -3.12
C ALA B 464 27.35 27.62 -3.38
N ARG B 465 26.19 26.95 -3.30
CA ARG B 465 26.13 25.52 -3.59
C ARG B 465 26.46 25.21 -5.04
N PHE B 466 25.95 26.02 -5.98
CA PHE B 466 26.32 25.79 -7.37
C PHE B 466 27.77 26.16 -7.65
N ALA B 467 28.31 27.12 -6.90
CA ALA B 467 29.73 27.44 -7.00
C ALA B 467 30.60 26.25 -6.61
N ASP B 468 30.28 25.62 -5.47
CA ASP B 468 31.03 24.45 -5.05
C ASP B 468 30.77 23.23 -5.92
N PHE B 469 29.56 23.13 -6.50
CA PHE B 469 29.27 22.04 -7.43
C PHE B 469 30.07 22.18 -8.73
N LEU B 470 30.30 23.40 -9.18
CA LEU B 470 30.94 23.58 -10.48
C LEU B 470 32.46 23.48 -10.44
N GLN B 471 33.07 23.30 -9.27
CA GLN B 471 34.51 23.10 -9.20
C GLN B 471 34.93 21.66 -9.51
N HIS B 472 33.98 20.73 -9.62
CA HIS B 472 34.30 19.34 -9.82
C HIS B 472 34.86 19.10 -11.22
N GLU B 473 35.54 17.96 -11.38
CA GLU B 473 35.96 17.54 -12.71
C GLU B 473 34.77 17.02 -13.50
N SER B 474 33.89 16.25 -12.85
CA SER B 474 32.70 15.72 -13.48
C SER B 474 31.61 16.78 -13.44
N LEU B 475 31.27 17.32 -14.61
CA LEU B 475 30.24 18.34 -14.77
C LEU B 475 29.32 17.95 -15.91
N PRO B 476 28.03 18.30 -15.82
CA PRO B 476 27.08 17.95 -16.88
C PRO B 476 27.27 18.83 -18.12
N ASP B 477 26.42 18.60 -19.09
CA ASP B 477 26.43 19.41 -20.31
C ASP B 477 25.84 20.78 -20.05
N ARG B 478 26.08 21.71 -20.98
CA ARG B 478 25.47 23.03 -20.89
C ARG B 478 24.05 23.09 -21.40
N ARG B 479 23.60 22.03 -22.06
CA ARG B 479 22.18 21.96 -22.49
C ARG B 479 21.47 20.97 -21.57
N ASP B 480 22.23 20.27 -20.73
CA ASP B 480 21.61 19.39 -19.71
C ASP B 480 21.48 20.26 -18.47
N LEU B 481 22.53 21.05 -18.16
CA LEU B 481 22.43 22.06 -17.07
C LEU B 481 21.69 23.23 -17.74
N ALA B 482 21.17 24.20 -16.96
CA ALA B 482 20.38 25.33 -17.51
C ALA B 482 18.99 24.85 -17.95
N TRP B 483 18.89 23.70 -18.63
CA TRP B 483 17.57 23.13 -18.97
C TRP B 483 16.94 22.68 -17.65
N THR B 484 17.67 21.93 -16.83
CA THR B 484 17.14 21.58 -15.52
C THR B 484 16.88 22.83 -14.68
N LEU B 485 17.60 23.92 -14.94
CA LEU B 485 17.39 25.13 -14.17
C LEU B 485 16.23 25.97 -14.68
N SER B 486 15.74 25.71 -15.88
CA SER B 486 14.58 26.39 -16.43
C SER B 486 13.33 25.53 -16.40
N GLN B 487 13.42 24.30 -16.92
CA GLN B 487 12.29 23.36 -16.94
C GLN B 487 12.13 22.59 -15.65
N GLY B 488 13.08 22.66 -14.72
CA GLY B 488 13.00 21.81 -13.55
C GLY B 488 13.09 22.53 -12.24
N ARG B 489 13.03 23.86 -12.27
CA ARG B 489 12.97 24.65 -11.05
C ARG B 489 11.85 25.66 -11.16
N LYS B 490 11.23 25.97 -10.03
CA LYS B 490 10.22 27.00 -9.99
C LYS B 490 10.89 28.35 -9.83
N ALA B 491 10.42 29.32 -10.61
CA ALA B 491 11.00 30.66 -10.63
C ALA B 491 10.36 31.48 -9.52
N PHE B 492 11.15 31.81 -8.51
CA PHE B 492 10.67 32.58 -7.37
C PHE B 492 11.02 34.06 -7.56
N ALA B 493 10.81 34.84 -6.49
CA ALA B 493 11.03 36.28 -6.53
C ALA B 493 12.49 36.67 -6.71
N HIS B 494 13.34 36.38 -5.73
CA HIS B 494 14.72 36.87 -5.74
C HIS B 494 15.53 36.02 -6.71
N ARG B 495 15.87 36.55 -7.86
CA ARG B 495 16.46 35.72 -8.90
C ARG B 495 17.73 36.35 -9.47
N ALA B 496 18.42 35.56 -10.29
CA ALA B 496 19.74 35.89 -10.81
C ALA B 496 19.97 35.05 -12.05
N ALA B 497 20.93 35.45 -12.88
CA ALA B 497 21.12 34.80 -14.16
C ALA B 497 22.50 35.11 -14.73
N LEU B 498 23.11 34.09 -15.32
CA LEU B 498 24.40 34.21 -15.98
C LEU B 498 24.28 33.90 -17.47
N VAL B 499 25.20 34.43 -18.26
CA VAL B 499 25.40 34.02 -19.64
C VAL B 499 26.80 33.45 -19.73
N THR B 500 26.90 32.14 -19.94
CA THR B 500 28.21 31.48 -19.94
C THR B 500 28.44 30.67 -21.20
N ARG B 501 29.68 30.22 -21.35
CA ARG B 501 30.16 29.44 -22.48
C ARG B 501 30.88 28.20 -21.98
N ASP B 502 31.50 28.29 -20.81
CA ASP B 502 32.12 27.16 -20.13
C ASP B 502 31.70 27.19 -18.67
N LEU B 503 31.71 26.03 -18.03
CA LEU B 503 31.09 25.90 -16.72
C LEU B 503 32.04 26.19 -15.56
N HIS B 504 33.35 25.99 -15.74
CA HIS B 504 34.27 26.23 -14.63
C HIS B 504 34.48 27.72 -14.38
N ALA B 505 34.49 28.53 -15.43
CA ALA B 505 34.51 29.98 -15.25
C ALA B 505 33.23 30.49 -14.62
N ALA B 506 32.11 29.82 -14.91
CA ALA B 506 30.87 30.09 -14.19
C ALA B 506 31.00 29.76 -12.71
N GLY B 507 31.71 28.66 -12.40
CA GLY B 507 31.97 28.34 -11.01
C GLY B 507 32.80 29.40 -10.31
N THR B 508 33.78 29.97 -11.01
CA THR B 508 34.56 31.08 -10.44
C THR B 508 33.71 32.33 -10.23
N LEU B 509 32.82 32.64 -11.20
CA LEU B 509 31.95 33.80 -11.06
C LEU B 509 31.00 33.67 -9.88
N LEU B 510 30.41 32.49 -9.68
CA LEU B 510 29.58 32.29 -8.49
C LEU B 510 30.41 32.17 -7.22
N GLN B 511 31.71 31.93 -7.34
CA GLN B 511 32.56 31.93 -6.12
C GLN B 511 32.66 33.36 -5.60
N GLN B 512 32.48 34.35 -6.49
CA GLN B 512 32.45 35.76 -6.02
C GLN B 512 31.03 36.04 -5.51
N ALA B 513 30.02 35.99 -6.39
CA ALA B 513 28.61 36.26 -6.03
C ALA B 513 28.50 37.58 -5.25
N ALA B 514 29.34 38.56 -5.56
CA ALA B 514 29.34 39.87 -4.87
C ALA B 514 29.93 40.88 -5.85
N THR B 515 29.13 41.81 -6.37
CA THR B 515 29.59 42.77 -7.41
C THR B 515 30.22 41.99 -8.58
N ALA B 516 29.69 40.80 -8.87
CA ALA B 516 30.21 39.97 -9.98
C ALA B 516 29.36 40.27 -11.22
N PRO B 517 29.91 40.24 -12.46
CA PRO B 517 29.15 40.61 -13.65
C PRO B 517 28.04 39.64 -14.07
N PHE B 518 26.96 39.54 -13.29
CA PHE B 518 25.81 38.70 -13.69
C PHE B 518 24.51 39.39 -13.23
N ALA B 519 23.39 39.12 -13.91
CA ALA B 519 22.15 39.80 -13.56
C ALA B 519 21.62 39.28 -12.24
N ARG B 520 21.12 40.17 -11.40
CA ARG B 520 20.71 39.78 -10.06
C ARG B 520 19.71 40.79 -9.54
N GLY B 521 18.71 40.33 -8.80
CA GLY B 521 17.74 41.24 -8.23
C GLY B 521 16.40 40.59 -7.96
N VAL B 522 15.54 41.36 -7.32
CA VAL B 522 14.19 40.92 -6.99
C VAL B 522 13.30 41.05 -8.22
N ALA B 523 12.26 40.22 -8.30
CA ALA B 523 11.31 40.28 -9.40
C ALA B 523 9.98 40.85 -8.93
N GLN B 524 9.17 41.29 -9.90
CA GLN B 524 7.88 41.92 -9.65
C GLN B 524 6.81 41.34 -10.57
N THR B 525 5.65 42.00 -10.62
CA THR B 525 4.57 41.57 -11.51
C THR B 525 4.94 41.76 -12.97
N GLN B 526 5.27 43.01 -13.35
CA GLN B 526 5.80 43.39 -14.67
C GLN B 526 4.81 43.05 -15.79
N LEU B 527 3.69 43.77 -15.76
CA LEU B 527 2.62 43.60 -16.75
C LEU B 527 2.95 44.39 -18.00
N GLY B 528 3.91 43.88 -18.77
CA GLY B 528 4.14 44.37 -20.10
C GLY B 528 5.50 45.07 -20.25
N LEU B 529 5.93 45.17 -21.49
CA LEU B 529 7.19 45.79 -21.88
C LEU B 529 6.91 46.96 -22.81
N GLY B 530 7.88 47.84 -22.95
CA GLY B 530 7.81 48.93 -23.92
C GLY B 530 8.95 48.80 -24.93
N LEU B 531 8.67 49.13 -26.18
CA LEU B 531 9.63 48.97 -27.26
C LEU B 531 10.05 50.32 -27.79
N LEU B 532 11.34 50.45 -28.10
CA LEU B 532 11.92 51.62 -28.70
C LEU B 532 12.62 51.19 -29.99
N PHE B 533 12.47 51.98 -31.05
CA PHE B 533 12.99 51.58 -32.34
C PHE B 533 13.98 52.63 -32.84
N SER B 534 15.03 52.16 -33.50
CA SER B 534 16.18 53.00 -33.78
C SER B 534 16.06 53.70 -35.12
N GLY B 535 16.60 54.91 -35.18
CA GLY B 535 16.69 55.65 -36.42
C GLY B 535 17.92 55.29 -37.22
N GLN B 536 18.01 55.90 -38.40
CA GLN B 536 19.15 55.69 -39.27
C GLN B 536 20.38 56.41 -38.73
N GLY B 537 21.52 55.72 -38.71
CA GLY B 537 22.76 56.37 -38.34
C GLY B 537 23.56 55.67 -37.24
N SER B 538 23.22 54.40 -36.96
CA SER B 538 23.90 53.67 -35.85
C SER B 538 24.23 52.24 -36.29
N GLN B 539 24.23 51.97 -37.60
CA GLN B 539 24.46 50.58 -38.11
C GLN B 539 25.95 50.25 -38.18
N TYR B 540 26.28 48.98 -38.43
CA TYR B 540 27.70 48.54 -38.55
C TYR B 540 27.80 47.54 -39.70
N GLN B 541 28.63 46.51 -39.53
CA GLN B 541 28.82 45.47 -40.58
C GLN B 541 28.39 44.12 -40.00
N ARG B 542 27.94 43.20 -40.86
CA ARG B 542 27.45 41.87 -40.39
C ARG B 542 26.45 42.08 -39.25
N MET B 543 25.49 42.99 -39.44
CA MET B 543 24.51 43.30 -38.36
C MET B 543 23.43 42.22 -38.35
N GLY B 544 23.49 41.32 -37.36
CA GLY B 544 22.51 40.21 -37.27
C GLY B 544 23.06 38.95 -37.91
N HIS B 545 24.36 38.90 -38.18
CA HIS B 545 24.97 37.71 -38.85
C HIS B 545 24.84 36.50 -37.94
N GLN B 546 25.33 36.60 -36.70
CA GLN B 546 25.19 35.47 -35.74
C GLN B 546 23.71 35.14 -35.57
N LEU B 547 22.87 36.16 -35.34
CA LEU B 547 21.46 35.92 -35.13
C LEU B 547 20.81 35.28 -36.35
N TYR B 548 21.34 35.54 -37.56
CA TYR B 548 20.75 34.97 -38.76
C TYR B 548 21.01 33.46 -38.83
N GLN B 549 22.25 33.04 -38.56
CA GLN B 549 22.56 31.63 -38.68
C GLN B 549 22.18 30.83 -37.44
N VAL B 550 22.17 31.44 -36.26
CA VAL B 550 21.80 30.68 -35.07
C VAL B 550 20.29 30.52 -34.97
N TRP B 551 19.56 31.62 -35.09
CA TRP B 551 18.14 31.63 -34.75
C TRP B 551 17.27 31.42 -35.99
N PRO B 552 16.14 30.70 -35.86
CA PRO B 552 15.31 30.43 -37.05
C PRO B 552 14.25 31.49 -37.34
N ALA B 553 13.74 32.19 -36.33
CA ALA B 553 12.68 33.17 -36.56
C ALA B 553 13.23 34.42 -37.23
N TYR B 554 14.37 34.91 -36.74
CA TYR B 554 15.07 36.04 -37.36
C TYR B 554 15.47 35.69 -38.78
N ALA B 555 15.91 34.45 -39.00
CA ALA B 555 16.30 33.99 -40.33
C ALA B 555 15.11 33.96 -41.27
N ASP B 556 13.96 33.47 -40.80
CA ASP B 556 12.79 33.38 -41.66
C ASP B 556 12.26 34.76 -42.04
N ALA B 557 12.21 35.68 -41.07
CA ALA B 557 11.76 37.04 -41.35
C ALA B 557 12.72 37.76 -42.29
N PHE B 558 14.02 37.60 -42.08
CA PHE B 558 15.00 38.26 -42.93
C PHE B 558 15.00 37.65 -44.33
N ASP B 559 14.78 36.33 -44.44
CA ASP B 559 14.72 35.69 -45.74
C ASP B 559 13.51 36.15 -46.53
N ARG B 560 12.35 36.31 -45.86
CA ARG B 560 11.17 36.78 -46.57
C ARG B 560 11.33 38.24 -46.99
N CYS B 561 11.99 39.06 -46.14
CA CYS B 561 12.26 40.45 -46.53
C CYS B 561 13.24 40.53 -47.69
N ALA B 562 14.26 39.67 -47.69
CA ALA B 562 15.28 39.71 -48.73
C ALA B 562 14.74 39.23 -50.07
N THR B 563 13.96 38.14 -50.06
CA THR B 563 13.34 37.66 -51.28
C THR B 563 12.31 38.65 -51.80
N LEU B 564 11.59 39.30 -50.88
CA LEU B 564 10.59 40.29 -51.27
C LEU B 564 11.25 41.51 -51.90
N LEU B 565 12.39 41.94 -51.37
CA LEU B 565 13.11 43.08 -51.93
C LEU B 565 13.73 42.73 -53.27
N GLU B 566 14.28 41.51 -53.41
CA GLU B 566 14.88 41.12 -54.68
C GLU B 566 13.85 40.79 -55.74
N ARG B 567 12.60 40.53 -55.35
CA ARG B 567 11.57 40.24 -56.35
C ARG B 567 11.20 41.48 -57.14
N GLU B 568 11.21 42.66 -56.49
CA GLU B 568 10.78 43.89 -57.14
C GLU B 568 11.90 44.90 -57.36
N TYR B 569 13.08 44.70 -56.78
CA TYR B 569 14.17 45.65 -56.91
C TYR B 569 15.46 44.89 -57.15
N GLN B 570 16.54 45.65 -57.40
CA GLN B 570 17.83 45.09 -57.77
C GLN B 570 18.85 45.17 -56.63
N LEU B 571 18.39 45.30 -55.39
CA LEU B 571 19.30 45.42 -54.26
C LEU B 571 19.90 44.06 -53.92
N ASP B 572 21.20 44.03 -53.69
CA ASP B 572 21.91 42.78 -53.37
C ASP B 572 21.91 42.56 -51.86
N ILE B 573 20.69 42.36 -51.34
CA ILE B 573 20.49 42.02 -49.94
C ILE B 573 21.01 40.61 -49.70
N ARG B 574 21.53 40.39 -48.47
CA ARG B 574 22.25 39.23 -47.91
C ARG B 574 23.69 39.19 -48.42
N HIS B 575 24.09 40.06 -49.33
CA HIS B 575 25.49 40.20 -49.73
C HIS B 575 26.17 41.36 -49.02
N GLU B 576 25.44 42.44 -48.73
CA GLU B 576 26.00 43.59 -48.04
C GLU B 576 26.21 43.35 -46.56
N LEU B 577 25.55 42.35 -45.99
CA LEU B 577 25.67 42.03 -44.57
C LEU B 577 26.49 40.79 -44.30
N PHE B 578 26.22 39.69 -44.99
CA PHE B 578 26.85 38.43 -44.66
C PHE B 578 28.11 38.17 -45.48
N ARG B 579 28.01 38.26 -46.80
CA ARG B 579 29.14 38.01 -47.69
C ARG B 579 29.94 39.27 -48.01
N ALA B 580 29.95 40.25 -47.11
CA ALA B 580 30.69 41.48 -47.29
C ALA B 580 31.93 41.47 -46.40
N GLU B 581 33.07 41.80 -46.98
CA GLU B 581 34.32 41.87 -46.24
C GLU B 581 34.31 43.05 -45.26
N VAL B 582 35.01 42.87 -44.15
CA VAL B 582 35.09 43.91 -43.11
C VAL B 582 36.10 44.94 -43.58
N SER B 583 35.60 46.05 -44.14
CA SER B 583 36.47 47.10 -44.64
C SER B 583 35.72 48.43 -44.61
N LEU B 584 36.49 49.52 -44.68
CA LEU B 584 35.89 50.85 -44.75
C LEU B 584 35.21 51.10 -46.09
N ALA B 585 35.62 50.38 -47.13
CA ALA B 585 34.93 50.47 -48.42
C ALA B 585 33.49 49.96 -48.31
N GLN B 586 33.29 48.89 -47.54
CA GLN B 586 31.94 48.40 -47.28
C GLN B 586 31.14 49.40 -46.46
N GLY B 587 31.79 50.05 -45.49
CA GLY B 587 31.11 51.05 -44.67
C GLY B 587 30.67 52.26 -45.46
N GLU B 588 31.49 52.70 -46.41
CA GLU B 588 31.07 53.76 -47.31
C GLU B 588 30.10 53.25 -48.39
N ARG B 589 30.09 51.95 -48.65
CA ARG B 589 29.13 51.39 -49.59
C ARG B 589 27.72 51.36 -49.00
N LEU B 590 27.61 51.09 -47.70
CA LEU B 590 26.30 51.07 -47.05
C LEU B 590 25.98 52.37 -46.30
N ALA B 591 26.80 53.42 -46.47
CA ALA B 591 26.56 54.67 -45.77
C ALA B 591 25.41 55.47 -46.36
N GLN B 592 25.17 55.35 -47.67
CA GLN B 592 24.22 56.23 -48.33
C GLN B 592 22.78 55.81 -48.02
N THR B 593 21.87 56.75 -48.23
CA THR B 593 20.47 56.59 -47.84
C THR B 593 19.74 55.58 -48.73
N CYS B 594 20.24 55.35 -49.94
CA CYS B 594 19.59 54.42 -50.87
C CYS B 594 19.66 52.98 -50.37
N LEU B 595 20.66 52.64 -49.57
CA LEU B 595 20.80 51.31 -49.02
C LEU B 595 20.53 51.22 -47.52
N THR B 596 20.71 52.31 -46.77
CA THR B 596 20.74 52.19 -45.31
C THR B 596 19.35 51.96 -44.74
N GLN B 597 18.35 52.64 -45.29
CA GLN B 597 16.98 52.52 -44.77
C GLN B 597 16.36 51.13 -44.89
N PRO B 598 16.40 50.40 -46.02
CA PRO B 598 15.81 49.05 -45.99
C PRO B 598 16.62 48.04 -45.20
N LEU B 599 17.93 48.23 -45.05
CA LEU B 599 18.72 47.38 -44.16
C LEU B 599 18.35 47.57 -42.71
N LEU B 600 18.22 48.82 -42.24
CA LEU B 600 17.74 49.05 -40.88
C LEU B 600 16.31 48.57 -40.71
N PHE B 601 15.47 48.69 -41.75
CA PHE B 601 14.11 48.19 -41.66
C PHE B 601 14.08 46.67 -41.51
N SER B 602 14.88 45.96 -42.31
CA SER B 602 14.91 44.51 -42.26
C SER B 602 15.47 44.01 -40.94
N VAL B 603 16.55 44.64 -40.45
CA VAL B 603 17.16 44.24 -39.18
C VAL B 603 16.21 44.49 -38.02
N GLU B 604 15.61 45.68 -37.94
CA GLU B 604 14.74 46.00 -36.82
C GLU B 604 13.44 45.21 -36.88
N TYR B 605 12.90 44.96 -38.07
CA TYR B 605 11.69 44.15 -38.19
C TYR B 605 11.94 42.71 -37.79
N ALA B 606 13.01 42.10 -38.32
CA ALA B 606 13.27 40.69 -38.04
C ALA B 606 13.71 40.49 -36.59
N LEU B 607 14.42 41.47 -36.01
CA LEU B 607 14.78 41.40 -34.60
C LEU B 607 13.55 41.58 -33.72
N ALA B 608 12.60 42.41 -34.14
CA ALA B 608 11.34 42.54 -33.42
C ALA B 608 10.52 41.26 -33.50
N GLN B 609 10.54 40.59 -34.65
CA GLN B 609 9.88 39.30 -34.78
C GLN B 609 10.54 38.23 -33.93
N LEU B 610 11.86 38.31 -33.76
CA LEU B 610 12.56 37.42 -32.84
C LEU B 610 12.14 37.64 -31.39
N TRP B 611 12.07 38.91 -30.96
CA TRP B 611 11.67 39.18 -29.59
C TRP B 611 10.21 38.84 -29.34
N LEU B 612 9.35 38.95 -30.36
CA LEU B 612 7.98 38.47 -30.21
C LEU B 612 7.88 36.96 -30.29
N SER B 613 8.83 36.30 -30.96
CA SER B 613 8.88 34.84 -30.93
C SER B 613 9.30 34.34 -29.56
N TRP B 614 10.13 35.08 -28.84
CA TRP B 614 10.51 34.67 -27.49
C TRP B 614 9.46 34.99 -26.44
N GLY B 615 8.32 35.56 -26.82
CA GLY B 615 7.17 35.58 -25.94
C GLY B 615 7.04 36.75 -25.00
N ILE B 616 7.56 37.92 -25.36
CA ILE B 616 7.34 39.13 -24.59
C ILE B 616 6.29 39.97 -25.31
N THR B 617 5.41 40.61 -24.54
CA THR B 617 4.29 41.34 -25.08
C THR B 617 4.52 42.84 -24.93
N PRO B 618 4.69 43.59 -26.02
CA PRO B 618 4.91 45.04 -25.88
C PRO B 618 3.62 45.77 -25.60
N THR B 619 3.68 46.70 -24.64
CA THR B 619 2.58 47.63 -24.46
C THR B 619 2.68 48.79 -25.44
N VAL B 620 3.74 49.59 -25.34
CA VAL B 620 3.91 50.78 -26.15
C VAL B 620 5.13 50.59 -27.06
N MET B 621 5.00 51.02 -28.31
CA MET B 621 6.06 50.87 -29.30
C MET B 621 6.42 52.24 -29.87
N ILE B 622 7.30 52.96 -29.17
CA ILE B 622 7.77 54.29 -29.65
C ILE B 622 8.77 54.07 -30.78
N GLY B 623 8.64 54.81 -31.88
CA GLY B 623 9.59 54.68 -33.00
C GLY B 623 10.45 55.92 -33.15
N HIS B 624 11.38 55.91 -34.12
CA HIS B 624 12.24 57.09 -34.38
C HIS B 624 12.49 57.18 -35.89
N SER B 625 11.92 58.18 -36.56
CA SER B 625 12.03 58.31 -38.04
C SER B 625 11.60 57.02 -38.75
N LEU B 626 12.56 56.20 -39.21
CA LEU B 626 12.24 54.92 -39.87
C LEU B 626 11.70 53.92 -38.82
N GLY B 627 12.11 54.08 -37.56
CA GLY B 627 11.59 53.20 -36.49
C GLY B 627 10.08 53.30 -36.38
N GLU B 628 9.49 54.43 -36.78
CA GLU B 628 8.01 54.59 -36.75
C GLU B 628 7.38 53.76 -37.88
N TRP B 629 8.10 53.59 -38.99
CA TRP B 629 7.56 52.83 -40.15
C TRP B 629 7.42 51.34 -39.82
N VAL B 630 8.25 50.83 -38.90
CA VAL B 630 8.17 49.43 -38.51
C VAL B 630 7.41 49.23 -37.19
N ALA B 631 7.34 50.25 -36.32
CA ALA B 631 6.34 50.23 -35.26
C ALA B 631 4.93 50.31 -35.84
N ALA B 632 4.80 50.86 -37.03
CA ALA B 632 3.59 50.71 -37.81
C ALA B 632 3.35 49.25 -38.20
N THR B 633 4.41 48.56 -38.63
CA THR B 633 4.25 47.25 -39.25
C THR B 633 3.97 46.16 -38.20
N LEU B 634 4.54 46.28 -37.01
CA LEU B 634 4.15 45.37 -35.92
C LEU B 634 2.74 45.66 -35.41
N ALA B 635 2.28 46.90 -35.53
CA ALA B 635 0.87 47.19 -35.27
C ALA B 635 -0.02 46.77 -36.42
N GLY B 636 0.56 46.37 -37.56
CA GLY B 636 -0.20 45.86 -38.68
C GLY B 636 -1.07 46.88 -39.38
N VAL B 637 -0.62 48.13 -39.47
CA VAL B 637 -1.44 49.13 -40.16
C VAL B 637 -1.32 48.98 -41.67
N PHE B 638 -0.27 48.34 -42.16
CA PHE B 638 -0.15 47.86 -43.53
C PHE B 638 0.94 46.79 -43.57
N SER B 639 1.01 46.10 -44.70
CA SER B 639 1.69 44.81 -44.78
C SER B 639 3.19 44.99 -44.98
N LEU B 640 3.91 43.88 -44.83
CA LEU B 640 5.36 43.86 -44.99
C LEU B 640 5.79 44.13 -46.43
N GLU B 641 5.03 43.61 -47.40
CA GLU B 641 5.29 43.90 -48.81
C GLU B 641 5.17 45.40 -49.09
N ASP B 642 4.08 46.00 -48.59
CA ASP B 642 3.84 47.43 -48.80
C ASP B 642 4.90 48.27 -48.10
N ALA B 643 5.26 47.90 -46.86
CA ALA B 643 6.26 48.63 -46.09
C ALA B 643 7.62 48.58 -46.77
N LEU B 644 8.02 47.40 -47.23
CA LEU B 644 9.35 47.25 -47.79
C LEU B 644 9.47 47.93 -49.14
N ARG B 645 8.49 47.74 -50.04
CA ARG B 645 8.61 48.43 -51.32
C ARG B 645 8.38 49.93 -51.19
N LEU B 646 7.64 50.38 -50.18
CA LEU B 646 7.41 51.82 -50.10
C LEU B 646 8.60 52.51 -49.44
N VAL B 647 9.29 51.87 -48.49
CA VAL B 647 10.52 52.47 -47.99
C VAL B 647 11.64 52.37 -49.02
N ALA B 648 11.58 51.39 -49.94
CA ALA B 648 12.50 51.40 -51.06
C ALA B 648 12.24 52.58 -51.99
N ARG B 649 10.96 52.87 -52.24
CA ARG B 649 10.58 54.00 -53.09
C ARG B 649 11.00 55.30 -52.43
N ARG B 650 10.80 55.39 -51.11
CA ARG B 650 11.21 56.53 -50.30
C ARG B 650 12.71 56.74 -50.32
N ALA B 651 13.49 55.66 -50.17
CA ALA B 651 14.95 55.77 -50.15
C ALA B 651 15.48 56.17 -51.53
N GLU B 652 14.89 55.65 -52.59
CA GLU B 652 15.35 56.05 -53.93
C GLU B 652 14.85 57.43 -54.34
N LEU B 653 13.83 57.98 -53.66
CA LEU B 653 13.59 59.43 -53.79
C LEU B 653 14.58 60.26 -52.97
N MET B 654 14.82 59.90 -51.71
CA MET B 654 15.67 60.72 -50.85
C MET B 654 17.16 60.56 -51.17
N HIS B 655 17.52 59.61 -52.03
CA HIS B 655 18.87 59.58 -52.58
C HIS B 655 19.10 60.72 -53.58
N GLN B 656 18.06 61.21 -54.23
CA GLN B 656 18.20 62.29 -55.20
C GLN B 656 18.29 63.67 -54.55
N ALA B 657 18.06 63.76 -53.25
CA ALA B 657 18.16 65.04 -52.55
C ALA B 657 19.62 65.47 -52.45
N PRO B 658 19.88 66.79 -52.51
CA PRO B 658 21.27 67.29 -52.44
C PRO B 658 21.90 67.18 -51.06
N SER B 659 23.10 67.73 -50.92
CA SER B 659 23.90 67.59 -49.71
C SER B 659 23.30 68.39 -48.55
N GLY B 660 23.60 67.94 -47.34
CA GLY B 660 23.12 68.58 -46.13
C GLY B 660 23.68 67.94 -44.88
N ALA B 661 24.04 68.74 -43.89
CA ALA B 661 24.73 68.27 -42.71
C ALA B 661 23.84 68.37 -41.47
N MET B 662 24.30 67.75 -40.40
CA MET B 662 23.64 67.76 -39.10
C MET B 662 24.52 68.50 -38.10
N LEU B 663 23.94 68.78 -36.92
CA LEU B 663 24.72 69.35 -35.83
C LEU B 663 24.06 68.99 -34.52
N MET B 664 24.87 68.57 -33.55
CA MET B 664 24.40 68.28 -32.20
C MET B 664 24.63 69.51 -31.33
N VAL B 665 23.77 69.68 -30.33
CA VAL B 665 23.90 70.79 -29.38
C VAL B 665 23.37 70.33 -28.03
N ALA B 666 24.07 70.72 -26.97
CA ALA B 666 23.69 70.38 -25.60
C ALA B 666 22.88 71.50 -24.96
N LEU B 667 21.81 71.93 -25.62
CA LEU B 667 20.93 72.96 -25.10
C LEU B 667 19.50 72.59 -25.44
N PRO B 668 18.53 72.95 -24.59
CA PRO B 668 17.13 72.63 -24.87
C PRO B 668 16.60 73.39 -26.07
N GLU B 669 15.56 72.82 -26.68
CA GLU B 669 15.05 73.31 -27.96
C GLU B 669 14.40 74.68 -27.87
N ALA B 670 13.92 75.08 -26.69
CA ALA B 670 13.42 76.44 -26.52
C ALA B 670 14.56 77.46 -26.63
N GLN B 671 15.72 77.15 -26.04
CA GLN B 671 16.87 78.03 -26.14
C GLN B 671 17.45 78.03 -27.56
N ILE B 672 17.37 76.89 -28.25
CA ILE B 672 17.84 76.84 -29.63
C ILE B 672 16.92 77.65 -30.55
N ARG B 673 15.61 77.51 -30.36
CA ARG B 673 14.65 78.30 -31.13
C ARG B 673 14.70 79.78 -30.76
N ALA B 674 15.18 80.11 -29.57
CA ALA B 674 15.45 81.51 -29.24
C ALA B 674 16.80 81.98 -29.78
N LEU B 675 17.63 81.07 -30.29
CA LEU B 675 18.95 81.42 -30.80
C LEU B 675 19.12 81.22 -32.30
N ILE B 676 18.28 80.40 -32.93
CA ILE B 676 18.41 80.17 -34.37
C ILE B 676 17.85 81.36 -35.12
N THR B 677 18.56 81.79 -36.16
CA THR B 677 18.14 82.91 -37.00
C THR B 677 18.02 82.52 -38.47
N ALA B 678 18.95 81.72 -38.98
CA ALA B 678 18.85 81.22 -40.34
C ALA B 678 17.71 80.23 -40.46
N PRO B 679 17.11 80.09 -41.67
CA PRO B 679 16.04 79.09 -41.84
C PRO B 679 16.54 77.66 -41.78
N LEU B 680 16.87 77.19 -40.57
CA LEU B 680 17.33 75.84 -40.33
C LEU B 680 16.40 75.20 -39.31
N ALA B 681 15.64 74.20 -39.76
CA ALA B 681 14.66 73.56 -38.89
C ALA B 681 15.37 72.67 -37.86
N ILE B 682 14.67 72.45 -36.75
CA ILE B 682 15.14 71.50 -35.75
C ILE B 682 14.89 70.09 -36.27
N ALA B 683 15.93 69.27 -36.27
CA ALA B 683 15.78 67.92 -36.80
C ALA B 683 15.25 66.93 -35.77
N ALA B 684 15.73 67.00 -34.54
CA ALA B 684 15.33 66.04 -33.53
C ALA B 684 15.52 66.62 -32.13
N VAL B 685 14.49 66.52 -31.31
CA VAL B 685 14.59 66.83 -29.88
C VAL B 685 14.55 65.50 -29.14
N ASN B 686 15.63 65.19 -28.42
CA ASN B 686 15.79 63.89 -27.82
C ASN B 686 15.93 63.92 -26.29
N ALA B 687 16.46 65.01 -25.74
CA ALA B 687 16.67 65.11 -24.31
C ALA B 687 16.64 66.58 -23.94
N PRO B 688 16.54 66.90 -22.65
CA PRO B 688 16.77 68.30 -22.22
C PRO B 688 18.15 68.82 -22.58
N ASP B 689 19.18 67.97 -22.52
CA ASP B 689 20.55 68.39 -22.82
C ASP B 689 21.08 67.77 -24.11
N TYR B 690 20.20 67.53 -25.08
CA TYR B 690 20.65 66.97 -26.36
C TYR B 690 19.63 67.38 -27.42
N SER B 691 20.11 67.89 -28.54
CA SER B 691 19.25 68.27 -29.66
C SER B 691 20.04 68.22 -30.94
N VAL B 692 19.34 68.00 -32.05
CA VAL B 692 19.96 67.86 -33.36
C VAL B 692 19.27 68.82 -34.32
N ILE B 693 20.07 69.66 -35.00
CA ILE B 693 19.57 70.59 -36.00
C ILE B 693 20.14 70.18 -37.36
N ALA B 694 19.46 70.61 -38.42
CA ALA B 694 19.77 70.21 -39.78
C ALA B 694 19.92 71.42 -40.68
N GLY B 695 20.37 71.17 -41.90
CA GLY B 695 20.52 72.20 -42.90
C GLY B 695 21.63 71.91 -43.90
N PRO B 696 21.68 72.71 -44.98
CA PRO B 696 22.84 72.66 -45.89
C PRO B 696 24.14 73.05 -45.19
N THR B 697 25.22 72.38 -45.60
CA THR B 697 26.39 72.19 -44.74
C THR B 697 27.18 73.47 -44.49
N SER B 698 27.05 74.48 -45.36
CA SER B 698 27.88 75.69 -45.22
C SER B 698 27.48 76.51 -44.00
N GLU B 699 26.20 76.87 -43.91
CA GLU B 699 25.75 77.62 -42.74
C GLU B 699 25.66 76.74 -41.50
N ILE B 700 25.57 75.42 -41.66
CA ILE B 700 25.70 74.52 -40.52
C ILE B 700 27.12 74.59 -39.93
N LEU B 701 28.14 74.61 -40.78
CA LEU B 701 29.51 74.77 -40.28
C LEU B 701 29.73 76.16 -39.70
N ALA B 702 29.05 77.17 -40.27
CA ALA B 702 29.12 78.52 -39.71
C ALA B 702 28.50 78.57 -38.31
N VAL B 703 27.36 77.90 -38.12
CA VAL B 703 26.71 77.84 -36.81
C VAL B 703 27.55 77.05 -35.82
N SER B 704 28.21 75.97 -36.28
CA SER B 704 29.09 75.21 -35.40
C SER B 704 30.32 76.02 -34.98
N GLN B 705 30.89 76.80 -35.92
CA GLN B 705 32.04 77.63 -35.58
C GLN B 705 31.65 78.79 -34.66
N ARG B 706 30.46 79.35 -34.83
CA ARG B 706 30.02 80.39 -33.91
C ARG B 706 29.59 79.81 -32.56
N LEU B 707 29.19 78.53 -32.53
CA LEU B 707 28.89 77.85 -31.29
C LEU B 707 30.15 77.46 -30.54
N THR B 708 31.27 77.30 -31.26
CA THR B 708 32.57 77.12 -30.60
C THR B 708 32.95 78.34 -29.78
N GLU B 709 32.55 79.55 -30.23
CA GLU B 709 32.86 80.78 -29.53
C GLU B 709 32.15 80.88 -28.18
N GLN B 710 30.96 80.29 -28.05
CA GLN B 710 30.28 80.25 -26.77
C GLN B 710 30.67 79.05 -25.92
N ASN B 711 31.56 78.20 -26.43
CA ASN B 711 32.12 77.03 -25.73
C ASN B 711 31.03 76.05 -25.30
N ILE B 712 30.17 75.69 -26.24
CA ILE B 712 29.11 74.71 -26.03
C ILE B 712 29.41 73.51 -26.92
N ILE B 713 29.21 72.31 -26.36
CA ILE B 713 29.62 71.07 -27.02
C ILE B 713 28.76 70.82 -28.26
N ASN B 714 29.42 70.47 -29.36
CA ASN B 714 28.75 70.21 -30.63
C ASN B 714 29.44 69.06 -31.35
N LYS B 715 28.74 68.47 -32.32
CA LYS B 715 29.28 67.32 -33.03
C LYS B 715 28.69 67.23 -34.44
N ARG B 716 29.55 66.90 -35.39
CA ARG B 716 29.12 66.54 -36.73
C ARG B 716 28.64 65.08 -36.69
N LEU B 717 27.55 64.78 -37.40
CA LEU B 717 26.90 63.48 -37.27
C LEU B 717 27.13 62.55 -38.46
N HIS B 718 28.01 62.92 -39.40
CA HIS B 718 28.44 62.09 -40.52
C HIS B 718 27.26 61.65 -41.40
N THR B 719 26.58 62.63 -41.98
CA THR B 719 25.41 62.37 -42.81
C THR B 719 25.52 63.17 -44.10
N SER B 720 25.17 62.53 -45.22
CA SER B 720 25.29 63.20 -46.51
C SER B 720 24.08 64.07 -46.80
N HIS B 721 22.88 63.58 -46.53
CA HIS B 721 21.64 64.27 -46.88
C HIS B 721 20.98 64.83 -45.62
N ALA B 722 20.47 66.05 -45.72
CA ALA B 722 19.79 66.67 -44.58
C ALA B 722 18.44 66.01 -44.35
N PHE B 723 18.12 65.80 -43.07
CA PHE B 723 16.91 65.08 -42.67
C PHE B 723 16.13 65.93 -41.68
N HIS B 724 14.79 65.77 -41.75
CA HIS B 724 13.83 66.41 -40.85
C HIS B 724 13.94 67.93 -40.87
N SER B 725 14.14 68.47 -42.06
CA SER B 725 14.08 69.90 -42.33
C SER B 725 13.26 70.11 -43.60
N SER B 726 13.05 71.37 -43.97
CA SER B 726 12.16 71.72 -45.08
C SER B 726 12.80 71.51 -46.45
N MET B 727 13.97 70.88 -46.53
CA MET B 727 14.68 70.78 -47.79
C MET B 727 14.09 69.74 -48.74
N MET B 728 13.43 68.71 -48.21
CA MET B 728 13.00 67.55 -49.00
C MET B 728 11.53 67.64 -49.41
N GLN B 729 11.05 68.83 -49.77
CA GLN B 729 9.64 69.01 -50.08
C GLN B 729 9.25 68.28 -51.36
N ASP B 730 10.12 68.31 -52.38
CA ASP B 730 9.83 67.64 -53.65
C ASP B 730 9.81 66.13 -53.48
N ALA B 731 10.81 65.57 -52.79
CA ALA B 731 10.86 64.13 -52.55
C ALA B 731 9.75 63.69 -51.60
N ALA B 732 9.31 64.57 -50.71
CA ALA B 732 8.17 64.25 -49.86
C ALA B 732 6.88 64.19 -50.65
N GLN B 733 6.68 65.13 -51.57
CA GLN B 733 5.46 65.12 -52.38
C GLN B 733 5.47 64.02 -53.43
N ALA B 734 6.67 63.59 -53.87
CA ALA B 734 6.75 62.64 -55.01
C ALA B 734 6.46 61.19 -54.62
N LEU B 735 6.00 60.91 -53.40
CA LEU B 735 5.63 59.50 -53.09
C LEU B 735 4.13 59.39 -52.82
N ARG B 736 3.40 60.51 -52.91
CA ARG B 736 1.94 60.51 -52.64
C ARG B 736 1.23 59.62 -53.66
N GLN B 737 1.64 59.67 -54.93
CA GLN B 737 0.98 58.89 -55.96
C GLN B 737 1.36 57.41 -55.88
N ALA B 738 2.49 57.09 -55.25
CA ALA B 738 2.84 55.71 -54.95
C ALA B 738 2.33 55.26 -53.59
N PHE B 739 1.78 56.17 -52.80
CA PHE B 739 1.32 55.80 -51.45
C PHE B 739 -0.15 55.42 -51.47
N GLU B 740 -0.95 56.11 -52.29
CA GLU B 740 -2.41 56.02 -52.21
C GLU B 740 -2.96 54.68 -52.69
N ASN B 741 -2.19 53.93 -53.47
CA ASN B 741 -2.70 52.71 -54.09
C ASN B 741 -2.65 51.49 -53.17
N VAL B 742 -2.20 51.62 -51.94
CA VAL B 742 -2.12 50.48 -51.03
C VAL B 742 -3.11 50.69 -49.89
N ARG B 743 -3.41 49.60 -49.18
CA ARG B 743 -4.37 49.59 -48.08
C ARG B 743 -3.68 50.01 -46.79
N LEU B 744 -4.37 50.80 -45.97
CA LEU B 744 -3.93 51.14 -44.63
C LEU B 744 -5.01 50.75 -43.63
N ASN B 745 -4.62 50.02 -42.58
CA ASN B 745 -5.43 49.38 -41.56
C ASN B 745 -5.36 50.19 -40.27
N PRO B 746 -6.44 50.26 -39.49
CA PRO B 746 -6.33 50.83 -38.14
C PRO B 746 -5.40 50.02 -37.27
N PRO B 747 -4.67 50.66 -36.36
CA PRO B 747 -3.65 49.97 -35.57
C PRO B 747 -4.21 48.93 -34.62
N THR B 748 -3.31 48.11 -34.09
CA THR B 748 -3.60 47.16 -33.02
C THR B 748 -2.79 47.45 -31.77
N LEU B 749 -1.47 47.56 -31.88
CA LEU B 749 -0.61 47.85 -30.74
C LEU B 749 -0.51 49.35 -30.51
N THR B 750 -0.28 49.72 -29.25
CA THR B 750 -0.35 51.10 -28.79
C THR B 750 0.90 51.86 -29.24
N ILE B 751 0.85 52.40 -30.45
CA ILE B 751 1.89 53.33 -30.90
C ILE B 751 1.68 54.65 -30.18
N ILE B 752 2.78 55.34 -29.88
CA ILE B 752 2.74 56.77 -29.59
C ILE B 752 3.74 57.46 -30.51
N SER B 753 3.36 58.63 -31.00
CA SER B 753 4.02 59.25 -32.14
C SER B 753 5.07 60.25 -31.68
N THR B 754 6.26 60.14 -32.23
CA THR B 754 7.39 60.97 -31.82
C THR B 754 7.46 62.30 -32.57
N VAL B 755 6.65 62.50 -33.60
CA VAL B 755 6.63 63.79 -34.29
C VAL B 755 5.70 64.78 -33.59
N THR B 756 4.70 64.29 -32.87
CA THR B 756 3.82 65.16 -32.10
C THR B 756 4.05 65.07 -30.60
N GLY B 757 4.61 63.96 -30.12
CA GLY B 757 4.67 63.72 -28.70
C GLY B 757 3.30 63.50 -28.09
N ALA B 758 2.44 62.74 -28.76
CA ALA B 758 1.08 62.53 -28.30
C ALA B 758 0.71 61.07 -28.47
N HIS B 759 -0.14 60.58 -27.56
CA HIS B 759 -0.73 59.26 -27.67
C HIS B 759 -1.58 59.22 -28.94
N VAL B 760 -1.14 58.45 -29.93
CA VAL B 760 -1.62 58.59 -31.29
C VAL B 760 -2.70 57.55 -31.55
N SER B 761 -3.77 57.98 -32.24
CA SER B 761 -5.04 57.26 -32.23
C SER B 761 -5.13 56.27 -33.38
N ALA B 762 -6.28 55.60 -33.48
CA ALA B 762 -6.46 54.48 -34.41
C ALA B 762 -6.84 54.93 -35.81
N ASP B 763 -7.02 56.22 -36.06
CA ASP B 763 -7.38 56.71 -37.38
C ASP B 763 -6.34 57.62 -38.01
N THR B 764 -5.57 58.34 -37.22
CA THR B 764 -4.59 59.29 -37.73
C THR B 764 -3.25 58.65 -38.11
N LEU B 765 -3.08 57.36 -37.88
CA LEU B 765 -2.04 56.63 -38.62
C LEU B 765 -2.48 56.32 -40.03
N THR B 766 -3.78 56.08 -40.21
CA THR B 766 -4.32 55.60 -41.49
C THR B 766 -4.35 56.70 -42.54
N THR B 767 -4.26 57.97 -42.12
CA THR B 767 -4.25 59.08 -43.06
C THR B 767 -2.95 59.08 -43.87
N PRO B 768 -3.02 59.09 -45.21
CA PRO B 768 -1.81 59.00 -46.02
C PRO B 768 -0.95 60.26 -46.06
N ASP B 769 -1.34 61.32 -45.35
CA ASP B 769 -0.53 62.53 -45.27
C ASP B 769 0.32 62.57 -44.01
N TYR B 770 0.04 61.71 -43.04
CA TYR B 770 0.83 61.63 -41.82
C TYR B 770 2.25 61.16 -42.10
N TRP B 771 2.40 60.20 -43.01
CA TRP B 771 3.72 59.74 -43.41
C TRP B 771 4.41 60.71 -44.34
N ILE B 772 3.70 61.71 -44.87
CA ILE B 772 4.34 62.78 -45.60
C ILE B 772 4.90 63.82 -44.63
N GLU B 773 4.08 64.24 -43.66
CA GLU B 773 4.54 65.23 -42.68
C GLU B 773 5.47 64.64 -41.63
N GLN B 774 5.55 63.31 -41.53
CA GLN B 774 6.52 62.68 -40.64
C GLN B 774 7.94 62.89 -41.15
N MET B 775 8.10 63.06 -42.46
CA MET B 775 9.41 63.26 -43.05
C MET B 775 9.96 64.65 -42.74
N LEU B 776 9.07 65.62 -42.48
CA LEU B 776 9.45 67.02 -42.39
C LEU B 776 9.61 67.50 -40.94
N MET B 777 8.64 67.20 -40.07
CA MET B 777 8.63 67.74 -38.73
C MET B 777 9.75 67.11 -37.88
N PRO B 778 10.18 67.81 -36.82
CA PRO B 778 11.13 67.20 -35.89
C PRO B 778 10.56 65.98 -35.18
N VAL B 779 11.42 64.99 -34.98
CA VAL B 779 11.06 63.78 -34.22
C VAL B 779 11.32 64.08 -32.75
N GLN B 780 10.33 64.70 -32.12
CA GLN B 780 10.49 65.27 -30.79
C GLN B 780 10.33 64.13 -29.78
N PHE B 781 11.45 63.47 -29.50
CA PHE B 781 11.46 62.19 -28.80
C PHE B 781 11.16 62.32 -27.31
N SER B 782 11.62 63.40 -26.68
CA SER B 782 11.68 63.46 -25.21
C SER B 782 10.29 63.53 -24.59
N ALA B 783 9.36 64.26 -25.21
CA ALA B 783 8.01 64.32 -24.65
C ALA B 783 7.24 63.04 -24.90
N ALA B 784 7.54 62.33 -26.01
CA ALA B 784 6.95 61.02 -26.23
C ALA B 784 7.43 60.03 -25.17
N LEU B 785 8.72 60.07 -24.85
CA LEU B 785 9.27 59.20 -23.83
C LEU B 785 8.70 59.53 -22.45
N GLN B 786 8.56 60.82 -22.14
CA GLN B 786 7.98 61.22 -20.87
C GLN B 786 6.49 60.91 -20.81
N GLU B 787 5.82 60.89 -21.95
CA GLU B 787 4.40 60.52 -21.98
C GLU B 787 4.22 59.04 -21.73
N ALA B 788 5.08 58.20 -22.32
CA ALA B 788 5.04 56.77 -22.03
C ALA B 788 5.38 56.49 -20.58
N GLN B 789 6.38 57.20 -20.03
CA GLN B 789 6.72 57.10 -18.62
C GLN B 789 5.60 57.60 -17.72
N ALA B 790 4.80 58.56 -18.19
CA ALA B 790 3.71 59.09 -17.37
C ALA B 790 2.51 58.15 -17.36
N THR B 791 2.00 57.78 -18.53
CA THR B 791 0.80 56.94 -18.59
C THR B 791 1.10 55.52 -18.14
N PHE B 792 2.16 54.91 -18.65
CA PHE B 792 2.54 53.58 -18.21
C PHE B 792 3.55 53.69 -17.07
N ASP B 793 4.14 52.56 -16.68
CA ASP B 793 5.33 52.54 -15.84
C ASP B 793 6.05 51.24 -16.23
N VAL B 794 7.03 51.35 -17.12
CA VAL B 794 7.44 50.19 -17.90
C VAL B 794 8.93 50.25 -18.18
N ASP B 795 9.54 49.08 -18.29
CA ASP B 795 10.88 48.95 -18.85
C ASP B 795 10.83 49.20 -20.36
N PHE B 796 11.98 49.52 -20.92
CA PHE B 796 12.07 49.80 -22.34
C PHE B 796 13.13 48.92 -22.96
N LEU B 797 12.86 48.43 -24.16
CA LEU B 797 13.80 47.59 -24.89
C LEU B 797 14.02 48.23 -26.25
N GLU B 798 15.21 48.76 -26.46
CA GLU B 798 15.58 49.28 -27.77
C GLU B 798 15.70 48.15 -28.77
N ILE B 799 15.23 48.40 -29.99
CA ILE B 799 15.38 47.46 -31.10
C ILE B 799 16.14 48.18 -32.19
N GLY B 800 17.34 47.69 -32.48
CA GLY B 800 18.21 48.33 -33.43
C GLY B 800 19.67 48.09 -33.07
N PRO B 801 20.58 48.47 -33.95
CA PRO B 801 22.00 48.18 -33.74
C PRO B 801 22.64 48.89 -32.56
N GLY B 802 22.53 50.20 -32.52
CA GLY B 802 23.27 50.97 -31.54
C GLY B 802 22.65 50.96 -30.17
N ALA B 803 23.43 51.45 -29.21
CA ALA B 803 22.96 51.73 -27.87
C ALA B 803 22.61 53.20 -27.69
N THR B 804 22.18 53.85 -28.78
CA THR B 804 21.91 55.29 -28.75
C THR B 804 20.66 55.59 -27.92
N LEU B 805 19.55 54.93 -28.23
CA LEU B 805 18.30 55.22 -27.56
C LEU B 805 18.33 54.75 -26.11
N THR B 806 19.09 53.71 -25.80
CA THR B 806 19.30 53.32 -24.41
C THR B 806 20.08 54.39 -23.65
N GLN B 807 21.09 54.97 -24.29
CA GLN B 807 21.85 56.05 -23.68
C GLN B 807 21.01 57.29 -23.46
N LEU B 808 20.06 57.57 -24.37
CA LEU B 808 19.14 58.67 -24.14
C LEU B 808 18.14 58.34 -23.02
N THR B 809 17.61 57.11 -23.01
CA THR B 809 16.52 56.77 -22.11
C THR B 809 16.99 56.63 -20.67
N ASN B 810 18.18 56.05 -20.49
CA ASN B 810 18.72 55.84 -19.12
C ASN B 810 19.06 57.22 -18.53
N GLY B 811 18.88 58.29 -19.33
CA GLY B 811 19.11 59.65 -18.83
C GLY B 811 17.78 60.37 -18.61
N HIS B 812 16.70 59.62 -18.42
CA HIS B 812 15.37 60.23 -18.15
C HIS B 812 14.84 59.64 -16.85
N ALA B 813 14.05 60.41 -16.10
CA ALA B 813 13.41 59.84 -14.88
C ALA B 813 12.47 58.71 -15.33
N LEU B 814 12.83 57.46 -15.07
CA LEU B 814 12.01 56.31 -15.56
C LEU B 814 11.17 55.78 -14.41
N GLY B 815 11.51 56.14 -13.16
CA GLY B 815 10.77 55.67 -11.98
C GLY B 815 11.08 54.21 -11.68
N ASP B 816 12.30 53.91 -11.22
CA ASP B 816 12.73 52.52 -10.86
C ASP B 816 12.93 51.68 -12.12
N ARG B 817 12.65 52.23 -13.31
CA ARG B 817 12.72 51.41 -14.55
C ARG B 817 14.08 51.54 -15.23
N LEU B 818 14.35 50.69 -16.22
CA LEU B 818 15.64 50.68 -16.95
C LEU B 818 15.43 50.38 -18.43
N ALA B 819 16.31 50.89 -19.29
CA ALA B 819 16.24 50.57 -20.70
C ALA B 819 17.33 49.56 -21.04
N PHE B 820 17.06 48.73 -22.05
CA PHE B 820 17.94 47.63 -22.38
C PHE B 820 18.16 47.58 -23.89
N SER B 821 19.41 47.45 -24.31
CA SER B 821 19.71 47.27 -25.72
C SER B 821 19.60 45.81 -26.10
N SER B 822 19.46 45.57 -27.41
CA SER B 822 19.36 44.22 -27.91
C SER B 822 20.45 43.90 -28.93
N LEU B 823 21.30 44.86 -29.25
CA LEU B 823 22.43 44.61 -30.19
C LEU B 823 23.65 45.41 -29.72
N PRO B 824 24.90 44.90 -29.86
CA PRO B 824 26.11 45.64 -29.50
C PRO B 824 26.31 46.90 -30.35
N ALA B 825 27.07 47.87 -29.84
CA ALA B 825 27.24 49.16 -30.56
C ALA B 825 28.38 49.09 -31.59
N GLY B 826 28.37 48.09 -32.48
CA GLY B 826 29.38 48.03 -33.56
C GLY B 826 30.65 47.30 -33.18
N ALA B 827 31.48 47.89 -32.30
CA ALA B 827 32.79 47.31 -31.93
C ALA B 827 32.70 45.79 -31.72
N ARG B 828 31.82 45.34 -30.81
CA ARG B 828 31.75 43.89 -30.49
C ARG B 828 30.64 43.22 -31.30
N SER B 829 30.74 43.22 -32.63
CA SER B 829 29.74 42.50 -33.47
C SER B 829 29.87 41.01 -33.20
N SER B 830 31.05 40.54 -32.80
CA SER B 830 31.22 39.12 -32.42
C SER B 830 30.39 38.84 -31.16
N ASP B 831 29.99 39.90 -30.43
CA ASP B 831 29.21 39.71 -29.23
C ASP B 831 27.73 39.95 -29.45
N GLU B 832 27.23 39.70 -30.66
CA GLU B 832 25.78 39.76 -30.89
C GLU B 832 25.08 38.64 -30.15
N HIS B 833 25.67 37.46 -30.13
CA HIS B 833 25.07 36.31 -29.47
C HIS B 833 25.19 36.38 -27.95
N LYS B 834 26.14 37.15 -27.44
CA LYS B 834 26.25 37.28 -25.99
C LYS B 834 25.44 38.46 -25.45
N HIS B 835 25.28 39.53 -26.24
CA HIS B 835 24.51 40.67 -25.76
C HIS B 835 23.03 40.36 -25.73
N ILE B 836 22.50 39.74 -26.78
CA ILE B 836 21.08 39.45 -26.84
C ILE B 836 20.70 38.37 -25.84
N LEU B 837 21.64 37.54 -25.39
CA LEU B 837 21.37 36.62 -24.31
C LEU B 837 21.62 37.24 -22.95
N ASP B 838 22.27 38.39 -22.91
CA ASP B 838 22.43 39.11 -21.66
C ASP B 838 21.37 40.18 -21.47
N THR B 839 20.65 40.55 -22.53
CA THR B 839 19.43 41.31 -22.35
C THR B 839 18.33 40.42 -21.79
N VAL B 840 18.20 39.20 -22.34
CA VAL B 840 17.20 38.23 -21.89
C VAL B 840 17.47 37.83 -20.44
N ALA B 841 18.74 37.63 -20.10
CA ALA B 841 19.09 37.37 -18.71
C ALA B 841 18.87 38.58 -17.81
N ALA B 842 18.82 39.79 -18.38
CA ALA B 842 18.57 40.98 -17.58
C ALA B 842 17.10 41.35 -17.50
N LEU B 843 16.30 40.99 -18.51
CA LEU B 843 14.85 41.18 -18.41
C LEU B 843 14.23 40.15 -17.47
N TRP B 844 14.73 38.91 -17.51
CA TRP B 844 14.12 37.82 -16.76
C TRP B 844 14.24 38.03 -15.25
N VAL B 845 15.28 38.73 -14.81
CA VAL B 845 15.46 38.98 -13.39
C VAL B 845 14.42 39.96 -12.86
N ARG B 846 14.11 41.00 -13.64
CA ARG B 846 13.12 41.98 -13.20
C ARG B 846 11.72 41.39 -13.13
N GLY B 847 11.41 40.40 -13.97
CA GLY B 847 10.14 39.72 -13.86
C GLY B 847 9.42 39.52 -15.18
N HIS B 848 10.04 39.88 -16.29
CA HIS B 848 9.38 39.75 -17.58
C HIS B 848 9.30 38.28 -17.98
N ASN B 849 8.30 37.97 -18.80
CA ASN B 849 7.94 36.59 -19.11
C ASN B 849 8.58 36.19 -20.44
N ILE B 850 9.70 35.48 -20.36
CA ILE B 850 10.38 34.95 -21.54
C ILE B 850 10.41 33.43 -21.42
N ASP B 851 10.20 32.75 -22.55
CA ASP B 851 10.39 31.31 -22.60
C ASP B 851 11.87 31.01 -22.51
N LEU B 852 12.38 30.76 -21.30
CA LEU B 852 13.79 30.47 -21.13
C LEU B 852 14.17 29.12 -21.70
N SER B 853 13.21 28.22 -21.87
CA SER B 853 13.46 26.92 -22.47
C SER B 853 13.59 26.98 -23.98
N ALA B 854 13.33 28.13 -24.60
CA ALA B 854 13.61 28.28 -26.02
C ALA B 854 15.10 28.36 -26.31
N PHE B 855 15.92 28.69 -25.29
CA PHE B 855 17.36 28.81 -25.42
C PHE B 855 18.07 27.51 -25.03
N ALA B 856 17.41 26.37 -25.22
CA ALA B 856 17.87 25.11 -24.64
C ALA B 856 18.95 24.46 -25.48
N GLY B 857 18.61 24.06 -26.69
CA GLY B 857 19.51 23.30 -27.52
C GLY B 857 18.72 22.36 -28.41
N GLU B 858 19.37 21.27 -28.82
CA GLU B 858 18.78 20.34 -29.79
C GLU B 858 17.82 19.36 -29.12
N GLN B 859 18.34 18.50 -28.25
CA GLN B 859 17.56 17.44 -27.61
C GLN B 859 18.02 17.34 -26.17
N PRO B 860 17.50 18.18 -25.29
CA PRO B 860 18.01 18.25 -23.92
C PRO B 860 17.53 17.07 -23.07
N ARG B 861 18.19 16.92 -21.92
CA ARG B 861 17.85 15.92 -20.94
C ARG B 861 17.98 16.54 -19.56
N ARG B 862 17.47 15.85 -18.54
CA ARG B 862 17.60 16.33 -17.18
C ARG B 862 18.79 15.66 -16.51
N VAL B 863 19.39 16.36 -15.55
CA VAL B 863 20.53 15.87 -14.78
C VAL B 863 20.31 16.23 -13.32
N SER B 864 21.28 15.87 -12.48
CA SER B 864 21.19 16.02 -11.03
C SER B 864 22.04 17.19 -10.58
N LEU B 865 21.41 18.30 -10.23
CA LEU B 865 22.04 19.51 -9.73
C LEU B 865 21.77 19.66 -8.24
N PRO B 866 22.46 20.58 -7.57
CA PRO B 866 22.05 20.92 -6.20
C PRO B 866 20.65 21.52 -6.15
N THR B 867 19.99 21.31 -5.03
CA THR B 867 18.61 21.66 -4.83
C THR B 867 18.51 22.98 -4.08
N TYR B 868 17.31 23.34 -3.64
CA TYR B 868 17.07 24.56 -2.90
C TYR B 868 17.79 24.52 -1.56
N ALA B 869 18.15 25.69 -1.07
CA ALA B 869 18.94 25.84 0.15
C ALA B 869 18.07 26.50 1.21
N PHE B 870 17.35 25.68 1.97
CA PHE B 870 16.40 26.19 2.96
C PHE B 870 17.13 26.88 4.10
N ASP B 871 16.70 28.08 4.44
CA ASP B 871 17.32 28.74 5.58
C ASP B 871 16.84 28.12 6.89
N LYS B 872 17.75 27.99 7.82
CA LYS B 872 17.57 27.15 8.99
C LYS B 872 17.07 28.00 10.15
N ILE B 873 15.80 27.83 10.51
CA ILE B 873 15.16 28.58 11.58
C ILE B 873 14.67 27.58 12.62
N ARG B 874 14.99 27.84 13.89
CA ARG B 874 14.76 26.87 14.94
C ARG B 874 13.32 26.94 15.44
N TYR B 875 12.61 25.80 15.34
CA TYR B 875 11.29 25.64 15.92
C TYR B 875 11.31 24.41 16.82
N TRP B 876 11.04 24.61 18.11
CA TRP B 876 11.12 23.57 19.12
C TRP B 876 10.34 24.02 20.35
N VAL B 877 9.48 23.14 20.85
CA VAL B 877 8.71 23.45 22.07
C VAL B 877 9.64 23.48 23.27
N ASP B 878 10.50 22.46 23.40
CA ASP B 878 11.62 22.41 24.35
C ASP B 878 11.18 22.54 25.80
N SER B 879 10.43 21.54 26.26
CA SER B 879 9.93 21.51 27.62
C SER B 879 10.51 20.30 28.35
N PRO B 880 11.18 20.48 29.49
CA PRO B 880 11.74 19.37 30.26
C PRO B 880 10.66 18.55 30.96
N ALA C 21 -17.73 43.45 14.19
CA ALA C 21 -18.17 44.59 14.98
C ALA C 21 -16.99 45.43 15.44
N ALA C 22 -17.28 46.50 16.17
CA ALA C 22 -16.23 47.38 16.67
C ALA C 22 -15.89 47.02 18.11
N PRO C 23 -14.68 46.55 18.40
CA PRO C 23 -14.31 46.23 19.79
C PRO C 23 -13.72 47.42 20.53
N GLU C 24 -13.80 47.35 21.85
CA GLU C 24 -13.72 48.52 22.73
C GLU C 24 -12.31 48.80 23.26
N SER C 25 -11.33 48.87 22.35
CA SER C 25 -10.04 49.57 22.52
C SER C 25 -9.05 48.95 23.50
N LYS C 26 -9.48 47.98 24.31
CA LYS C 26 -8.58 47.15 25.10
C LYS C 26 -8.76 45.68 24.78
N THR C 27 -10.01 45.21 24.83
CA THR C 27 -10.35 43.93 24.23
C THR C 27 -10.18 43.94 22.72
N GLN C 28 -10.18 45.13 22.09
CA GLN C 28 -9.76 45.23 20.69
C GLN C 28 -8.33 44.76 20.52
N ARG C 29 -7.41 45.29 21.34
CA ARG C 29 -6.00 44.90 21.26
C ARG C 29 -5.82 43.42 21.58
N GLY C 30 -6.51 42.94 22.63
CA GLY C 30 -6.41 41.53 23.00
C GLY C 30 -6.92 40.58 21.94
N LEU C 31 -8.11 40.88 21.39
CA LEU C 31 -8.70 39.97 20.42
C LEU C 31 -8.06 40.07 19.04
N VAL C 32 -7.52 41.23 18.63
CA VAL C 32 -6.77 41.21 17.38
C VAL C 32 -5.38 40.60 17.56
N ALA C 33 -4.81 40.63 18.77
CA ALA C 33 -3.61 39.84 19.02
C ALA C 33 -3.92 38.35 18.93
N ILE C 34 -5.08 37.94 19.46
CA ILE C 34 -5.52 36.55 19.37
C ILE C 34 -5.76 36.15 17.91
N CYS C 35 -6.41 37.05 17.14
CA CYS C 35 -6.71 36.76 15.74
C CYS C 35 -5.44 36.70 14.88
N GLU C 36 -4.50 37.61 15.09
CA GLU C 36 -3.26 37.58 14.33
C GLU C 36 -2.31 36.48 14.80
N ALA C 37 -2.51 35.95 16.01
CA ALA C 37 -1.69 34.83 16.46
C ALA C 37 -2.27 33.48 16.01
N LEU C 38 -3.60 33.38 15.89
CA LEU C 38 -4.23 32.10 15.62
C LEU C 38 -4.87 32.05 14.24
N LEU C 39 -5.80 32.97 13.94
CA LEU C 39 -6.58 32.90 12.71
C LEU C 39 -5.75 33.29 11.49
N ASN C 49 -19.57 34.08 18.72
CA ASN C 49 -18.36 33.28 18.59
C ASN C 49 -17.73 33.44 17.21
N PHE C 50 -16.40 33.53 17.18
CA PHE C 50 -15.70 33.73 15.91
C PHE C 50 -15.53 32.41 15.17
N PHE C 51 -15.75 31.28 15.85
CA PHE C 51 -15.38 29.97 15.30
C PHE C 51 -16.55 29.37 14.53
N GLU C 52 -16.95 30.08 13.47
CA GLU C 52 -18.03 29.60 12.62
C GLU C 52 -17.54 28.50 11.68
N ALA C 53 -16.25 28.51 11.34
CA ALA C 53 -15.71 27.53 10.40
C ALA C 53 -15.52 26.18 11.07
N GLY C 54 -15.63 25.12 10.27
CA GLY C 54 -15.43 23.77 10.74
C GLY C 54 -13.99 23.32 10.82
N GLY C 55 -13.06 24.12 10.31
CA GLY C 55 -11.65 23.77 10.42
C GLY C 55 -11.06 24.07 11.78
N HIS C 56 -11.72 24.92 12.56
CA HIS C 56 -11.25 25.24 13.90
C HIS C 56 -11.49 24.07 14.84
N SER C 57 -10.52 23.81 15.73
CA SER C 57 -10.55 22.58 16.51
C SER C 57 -9.73 22.73 17.79
N LEU C 58 -9.48 21.57 18.40
CA LEU C 58 -9.00 21.51 19.77
C LEU C 58 -7.53 21.90 19.87
N MET C 59 -6.77 21.74 18.78
CA MET C 59 -5.35 22.11 18.86
C MET C 59 -5.15 23.62 18.86
N LEU C 60 -5.97 24.36 18.09
CA LEU C 60 -5.90 25.81 18.15
C LEU C 60 -6.58 26.34 19.41
N GLY C 61 -7.59 25.64 19.91
CA GLY C 61 -8.10 25.93 21.25
C GLY C 61 -7.04 25.74 22.32
N MET C 62 -6.20 24.71 22.15
CA MET C 62 -5.13 24.42 23.10
C MET C 62 -4.05 25.48 23.07
N LEU C 63 -3.69 25.97 21.88
CA LEU C 63 -2.67 27.02 21.82
C LEU C 63 -3.24 28.36 22.30
N LEU C 64 -4.54 28.59 22.10
CA LEU C 64 -5.18 29.78 22.67
C LEU C 64 -5.22 29.71 24.18
N ALA C 65 -5.41 28.51 24.73
CA ALA C 65 -5.31 28.33 26.18
C ALA C 65 -3.86 28.47 26.64
N GLN C 66 -2.90 28.19 25.77
CA GLN C 66 -1.49 28.40 26.11
C GLN C 66 -1.16 29.88 26.21
N VAL C 67 -1.64 30.71 25.29
CA VAL C 67 -1.39 32.14 25.39
C VAL C 67 -2.45 32.84 26.26
N GLN C 68 -2.30 32.69 27.58
CA GLN C 68 -3.23 33.31 28.52
C GLN C 68 -2.47 34.22 29.46
N GLU C 69 -1.34 33.79 30.03
CA GLU C 69 -0.83 34.40 31.25
C GLU C 69 0.00 35.65 31.01
N ARG C 70 0.01 36.19 29.78
CA ARG C 70 0.74 37.43 29.53
C ARG C 70 0.06 38.64 30.14
N PHE C 71 -1.26 38.56 30.34
CA PHE C 71 -2.00 39.61 31.06
C PHE C 71 -3.27 39.02 31.68
N SER C 76 -9.68 27.66 34.25
CA SER C 76 -10.16 26.31 33.99
C SER C 76 -10.56 26.15 32.52
N PHE C 77 -10.07 25.08 31.89
CA PHE C 77 -10.34 24.86 30.47
C PHE C 77 -11.77 24.38 30.25
N PHE C 78 -12.35 23.72 31.26
CA PHE C 78 -13.79 23.43 31.24
C PHE C 78 -14.60 24.72 31.28
N ASP C 79 -14.18 25.67 32.11
CA ASP C 79 -14.82 26.97 32.17
C ASP C 79 -14.61 27.75 30.88
N VAL C 80 -13.47 27.54 30.20
CA VAL C 80 -13.24 28.15 28.90
C VAL C 80 -14.18 27.57 27.86
N MET C 81 -14.35 26.25 27.85
CA MET C 81 -15.25 25.61 26.89
C MET C 81 -16.72 25.75 27.27
N GLU C 82 -17.02 26.28 28.46
CA GLU C 82 -18.40 26.60 28.81
C GLU C 82 -18.99 27.64 27.86
N ASP C 83 -18.20 28.65 27.52
CA ASP C 83 -18.58 29.61 26.48
C ASP C 83 -17.30 29.98 25.74
N ALA C 84 -17.18 29.52 24.49
CA ALA C 84 -15.98 29.71 23.68
C ALA C 84 -15.98 31.03 22.93
N SER C 85 -16.91 31.93 23.25
CA SER C 85 -16.94 33.24 22.61
C SER C 85 -15.76 34.10 23.06
N VAL C 86 -15.35 35.01 22.17
CA VAL C 86 -14.20 35.85 22.46
C VAL C 86 -14.50 36.86 23.55
N ARG C 87 -15.71 37.43 23.56
CA ARG C 87 -16.13 38.31 24.65
C ARG C 87 -16.27 37.54 25.95
N ALA C 88 -16.75 36.30 25.88
CA ALA C 88 -16.87 35.45 27.06
C ALA C 88 -15.51 35.11 27.64
N LEU C 89 -14.52 34.81 26.79
CA LEU C 89 -13.19 34.51 27.31
C LEU C 89 -12.50 35.77 27.82
N ALA C 90 -12.82 36.94 27.23
CA ALA C 90 -12.34 38.20 27.81
C ALA C 90 -12.93 38.43 29.20
N GLN C 91 -14.22 38.12 29.37
CA GLN C 91 -14.86 38.19 30.69
C GLN C 91 -14.17 37.28 31.69
N LEU C 92 -13.90 36.03 31.28
CA LEU C 92 -13.18 35.10 32.12
C LEU C 92 -11.75 35.54 32.40
N VAL C 93 -11.16 36.36 31.52
CA VAL C 93 -9.87 36.98 31.82
C VAL C 93 -10.01 37.95 33.00
N GLU C 94 -11.06 38.80 33.05
CA GLU C 94 -11.10 39.60 34.29
C GLU C 94 -11.57 38.83 35.51
N GLN C 95 -12.35 37.73 35.39
CA GLN C 95 -12.56 36.97 36.63
C GLN C 95 -11.30 36.20 37.05
N GLU C 96 -10.43 35.82 36.11
CA GLU C 96 -9.14 35.27 36.49
C GLU C 96 -8.25 36.32 37.12
N GLN C 97 -8.36 37.57 36.69
CA GLN C 97 -7.63 38.66 37.34
C GLN C 97 -8.18 38.92 38.74
N GLN C 98 -9.50 38.78 38.92
CA GLN C 98 -10.10 38.90 40.25
C GLN C 98 -9.68 37.74 41.15
N ASP C 99 -9.48 36.55 40.59
CA ASP C 99 -9.03 35.39 41.36
C ASP C 99 -7.60 35.55 41.84
N ALA D 21 19.58 -24.94 37.49
CA ALA D 21 20.39 -25.41 38.61
C ALA D 21 19.51 -25.85 39.77
N ALA D 22 20.15 -26.23 40.88
CA ALA D 22 19.43 -26.70 42.06
C ALA D 22 18.91 -25.51 42.86
N PRO D 23 17.60 -25.42 43.10
CA PRO D 23 17.05 -24.30 43.88
C PRO D 23 16.98 -24.60 45.37
N GLU D 24 16.75 -23.55 46.15
CA GLU D 24 16.91 -23.59 47.60
C GLU D 24 15.68 -23.09 48.36
N SER D 25 14.48 -23.46 47.89
CA SER D 25 13.18 -23.42 48.59
C SER D 25 12.61 -22.01 48.83
N LYS D 26 13.36 -20.94 48.61
CA LYS D 26 12.81 -19.60 48.63
C LYS D 26 13.07 -18.95 47.28
N THR D 27 14.32 -19.07 46.82
CA THR D 27 14.63 -18.76 45.43
C THR D 27 14.00 -19.76 44.47
N GLN D 28 13.64 -20.96 44.96
CA GLN D 28 12.78 -21.87 44.20
C GLN D 28 11.43 -21.23 43.93
N ARG D 29 10.82 -20.64 44.96
CA ARG D 29 9.54 -19.95 44.79
C ARG D 29 9.69 -18.74 43.89
N GLY D 30 10.84 -18.05 43.99
CA GLY D 30 11.11 -16.93 43.10
C GLY D 30 11.21 -17.35 41.63
N LEU D 31 11.95 -18.43 41.36
CA LEU D 31 12.11 -18.85 39.97
C LEU D 31 10.86 -19.51 39.41
N VAL D 32 10.06 -20.19 40.25
CA VAL D 32 8.77 -20.70 39.79
C VAL D 32 7.82 -19.53 39.49
N ALA D 33 7.89 -18.45 40.29
CA ALA D 33 7.14 -17.24 39.97
C ALA D 33 7.59 -16.63 38.65
N ILE D 34 8.91 -16.64 38.40
CA ILE D 34 9.46 -16.14 37.14
C ILE D 34 8.96 -16.97 35.96
N CYS D 35 9.00 -18.30 36.08
CA CYS D 35 8.63 -19.18 34.99
C CYS D 35 7.13 -19.14 34.72
N GLU D 36 6.31 -19.11 35.77
CA GLU D 36 4.87 -19.02 35.58
C GLU D 36 4.44 -17.62 35.15
N ALA D 37 5.24 -16.60 35.44
CA ALA D 37 5.03 -15.29 34.85
C ALA D 37 5.25 -15.34 33.34
N LEU D 38 6.51 -15.57 32.94
CA LEU D 38 6.90 -15.59 31.54
C LEU D 38 8.30 -16.15 31.40
N LEU D 39 8.49 -17.05 30.44
CA LEU D 39 9.82 -17.55 30.12
C LEU D 39 9.90 -17.98 28.65
N ASN D 49 19.99 -16.48 34.16
CA ASN D 49 19.72 -15.12 33.73
C ASN D 49 18.86 -15.12 32.46
N PHE D 50 17.86 -14.24 32.44
CA PHE D 50 17.01 -14.09 31.28
C PHE D 50 17.54 -13.09 30.26
N PHE D 51 18.61 -12.36 30.59
CA PHE D 51 19.25 -11.48 29.61
C PHE D 51 19.90 -12.29 28.49
N GLU D 52 20.57 -13.39 28.83
CA GLU D 52 21.24 -14.20 27.82
C GLU D 52 20.25 -15.02 26.99
N ALA D 53 19.01 -15.16 27.44
CA ALA D 53 17.97 -15.76 26.62
C ALA D 53 17.54 -14.75 25.56
N GLY D 54 17.60 -15.14 24.30
CA GLY D 54 17.38 -14.23 23.19
C GLY D 54 15.94 -13.86 22.91
N GLY D 55 14.98 -14.48 23.58
CA GLY D 55 13.57 -14.19 23.36
C GLY D 55 12.96 -13.17 24.28
N HIS D 56 13.74 -12.46 25.08
CA HIS D 56 13.20 -11.55 26.08
C HIS D 56 13.71 -10.13 25.84
N SER D 57 12.88 -9.14 26.22
CA SER D 57 13.20 -7.74 25.99
C SER D 57 12.78 -6.95 27.23
N LEU D 58 12.77 -5.62 27.11
CA LEU D 58 12.51 -4.74 28.25
C LEU D 58 11.04 -4.73 28.64
N MET D 59 10.14 -4.83 27.65
CA MET D 59 8.71 -4.96 27.94
C MET D 59 8.43 -6.22 28.75
N LEU D 60 8.95 -7.37 28.31
CA LEU D 60 8.78 -8.61 29.06
C LEU D 60 9.53 -8.54 30.39
N GLY D 61 10.57 -7.69 30.46
CA GLY D 61 11.24 -7.42 31.71
C GLY D 61 10.33 -6.82 32.77
N MET D 62 9.56 -5.77 32.45
CA MET D 62 8.69 -5.29 33.51
C MET D 62 7.37 -6.07 33.56
N LEU D 63 7.08 -6.92 32.57
CA LEU D 63 6.06 -7.96 32.81
C LEU D 63 6.46 -8.87 33.97
N LEU D 64 7.67 -9.44 33.93
CA LEU D 64 8.17 -10.22 35.05
C LEU D 64 8.22 -9.38 36.33
N ALA D 65 8.71 -8.14 36.24
CA ALA D 65 8.86 -7.29 37.43
C ALA D 65 7.52 -6.99 38.08
N GLN D 66 6.49 -6.67 37.27
CA GLN D 66 5.13 -6.44 37.75
C GLN D 66 4.54 -7.72 38.35
N VAL D 67 4.98 -8.89 37.90
CA VAL D 67 4.63 -10.10 38.65
C VAL D 67 5.35 -10.13 40.00
N GLN D 68 6.64 -9.74 40.05
CA GLN D 68 7.30 -9.86 41.36
C GLN D 68 7.00 -8.73 42.34
N GLU D 69 6.17 -7.71 42.01
CA GLU D 69 5.64 -7.01 43.20
C GLU D 69 4.38 -7.67 43.79
N ARG D 70 4.13 -8.96 43.56
CA ARG D 70 3.06 -9.63 44.28
C ARG D 70 3.51 -10.16 45.65
N PHE D 71 4.80 -10.13 45.93
CA PHE D 71 5.32 -10.57 47.23
C PHE D 71 5.04 -9.53 48.30
N SER D 76 14.35 -0.28 42.42
CA SER D 76 14.94 0.51 41.35
C SER D 76 15.13 -0.33 40.09
N PHE D 77 14.51 0.11 39.00
CA PHE D 77 14.57 -0.64 37.75
C PHE D 77 15.91 -0.44 37.04
N PHE D 78 16.62 0.65 37.37
CA PHE D 78 17.97 0.82 36.85
C PHE D 78 18.93 -0.20 37.45
N ASP D 79 18.65 -0.67 38.67
CA ASP D 79 19.39 -1.81 39.21
C ASP D 79 19.02 -3.10 38.51
N VAL D 80 17.82 -3.18 37.93
CA VAL D 80 17.47 -4.34 37.10
C VAL D 80 18.27 -4.31 35.80
N MET D 81 18.42 -3.13 35.18
CA MET D 81 19.36 -3.06 34.05
C MET D 81 20.82 -3.21 34.47
N GLU D 82 21.15 -2.97 35.75
CA GLU D 82 22.50 -3.25 36.22
C GLU D 82 22.80 -4.74 36.20
N ASP D 83 21.92 -5.54 36.79
CA ASP D 83 22.03 -7.00 36.78
C ASP D 83 20.66 -7.56 37.12
N ALA D 84 20.17 -8.50 36.30
CA ALA D 84 18.85 -9.09 36.51
C ALA D 84 18.90 -10.60 36.34
N SER D 85 19.91 -11.23 36.93
CA SER D 85 19.94 -12.68 37.00
C SER D 85 18.99 -13.17 38.09
N VAL D 86 18.80 -14.50 38.13
CA VAL D 86 17.95 -15.12 39.14
C VAL D 86 18.54 -14.90 40.53
N ARG D 87 19.87 -15.04 40.66
CA ARG D 87 20.57 -14.70 41.89
C ARG D 87 20.44 -13.21 42.20
N ALA D 88 20.46 -12.36 41.17
CA ALA D 88 20.36 -10.92 41.37
C ALA D 88 18.97 -10.52 41.85
N LEU D 89 17.91 -11.05 41.22
CA LEU D 89 16.56 -10.79 41.71
C LEU D 89 16.34 -11.35 43.10
N ALA D 90 16.86 -12.55 43.39
CA ALA D 90 16.72 -13.12 44.73
C ALA D 90 17.41 -12.27 45.78
N GLN D 91 18.62 -11.79 45.48
CA GLN D 91 19.35 -10.92 46.41
C GLN D 91 18.64 -9.59 46.61
N LEU D 92 18.10 -9.00 45.53
CA LEU D 92 17.42 -7.72 45.67
C LEU D 92 16.10 -7.84 46.43
N VAL D 93 15.34 -8.92 46.21
CA VAL D 93 14.09 -9.11 46.95
C VAL D 93 14.38 -9.40 48.42
N GLU D 94 15.40 -10.22 48.72
CA GLU D 94 15.76 -10.46 50.12
C GLU D 94 16.27 -9.21 50.81
N GLN D 95 17.06 -8.38 50.11
CA GLN D 95 17.56 -7.14 50.69
C GLN D 95 16.44 -6.13 50.91
N GLU D 96 15.47 -6.06 49.98
CA GLU D 96 14.35 -5.14 50.15
C GLU D 96 13.41 -5.61 51.24
N GLN D 97 13.27 -6.93 51.42
CA GLN D 97 12.46 -7.44 52.52
C GLN D 97 13.15 -7.23 53.86
N GLN D 98 14.48 -7.31 53.89
CA GLN D 98 15.22 -7.01 55.11
C GLN D 98 15.24 -5.52 55.40
N ASP D 99 15.09 -4.68 54.38
CA ASP D 99 15.03 -3.24 54.56
C ASP D 99 13.72 -2.81 55.23
#